data_2ET0
# 
_entry.id   2ET0 
# 
_audit_conform.dict_name       mmcif_pdbx.dic 
_audit_conform.dict_version    5.387 
_audit_conform.dict_location   http://mmcif.pdb.org/dictionaries/ascii/mmcif_pdbx.dic 
# 
loop_
_database_2.database_id 
_database_2.database_code 
_database_2.pdbx_database_accession 
_database_2.pdbx_DOI 
PDB   2ET0         pdb_00002et0 10.2210/pdb2et0/pdb 
NDB   DD0077       ?            ?                   
RCSB  RCSB035055   ?            ?                   
WWPDB D_1000035055 ?            ?                   
# 
loop_
_pdbx_audit_revision_history.ordinal 
_pdbx_audit_revision_history.data_content_type 
_pdbx_audit_revision_history.major_revision 
_pdbx_audit_revision_history.minor_revision 
_pdbx_audit_revision_history.revision_date 
1 'Structure model' 1 0 2006-03-14 
2 'Structure model' 1 1 2008-05-01 
3 'Structure model' 1 2 2011-07-13 
4 'Structure model' 1 3 2017-10-18 
5 'Structure model' 1 4 2024-02-14 
# 
_pdbx_audit_revision_details.ordinal             1 
_pdbx_audit_revision_details.revision_ordinal    1 
_pdbx_audit_revision_details.data_content_type   'Structure model' 
_pdbx_audit_revision_details.provider            repository 
_pdbx_audit_revision_details.type                'Initial release' 
_pdbx_audit_revision_details.description         ? 
_pdbx_audit_revision_details.details             ? 
# 
loop_
_pdbx_audit_revision_group.ordinal 
_pdbx_audit_revision_group.revision_ordinal 
_pdbx_audit_revision_group.data_content_type 
_pdbx_audit_revision_group.group 
1 2 'Structure model' 'Version format compliance' 
2 3 'Structure model' 'Non-polymer description'   
3 3 'Structure model' 'Version format compliance' 
4 4 'Structure model' 'Refinement description'    
5 5 'Structure model' 'Data collection'           
6 5 'Structure model' 'Database references'       
7 5 'Structure model' 'Derived calculations'      
# 
loop_
_pdbx_audit_revision_category.ordinal 
_pdbx_audit_revision_category.revision_ordinal 
_pdbx_audit_revision_category.data_content_type 
_pdbx_audit_revision_category.category 
1 4 'Structure model' software                     
2 5 'Structure model' chem_comp_atom               
3 5 'Structure model' chem_comp_bond               
4 5 'Structure model' database_2                   
5 5 'Structure model' pdbx_struct_conn_angle       
6 5 'Structure model' pdbx_struct_special_symmetry 
7 5 'Structure model' struct_conn                  
8 5 'Structure model' struct_conn_type             
9 5 'Structure model' struct_site                  
# 
loop_
_pdbx_audit_revision_item.ordinal 
_pdbx_audit_revision_item.revision_ordinal 
_pdbx_audit_revision_item.data_content_type 
_pdbx_audit_revision_item.item 
1  5 'Structure model' '_database_2.pdbx_DOI'                        
2  5 'Structure model' '_database_2.pdbx_database_accession'         
3  5 'Structure model' '_pdbx_struct_conn_angle.ptnr1_auth_seq_id'   
4  5 'Structure model' '_pdbx_struct_conn_angle.ptnr1_label_asym_id' 
5  5 'Structure model' '_pdbx_struct_conn_angle.ptnr1_label_atom_id' 
6  5 'Structure model' '_pdbx_struct_conn_angle.ptnr1_symmetry'      
7  5 'Structure model' '_pdbx_struct_conn_angle.ptnr3_auth_seq_id'   
8  5 'Structure model' '_pdbx_struct_conn_angle.ptnr3_label_asym_id' 
9  5 'Structure model' '_pdbx_struct_conn_angle.ptnr3_label_atom_id' 
10 5 'Structure model' '_pdbx_struct_conn_angle.ptnr3_symmetry'      
11 5 'Structure model' '_pdbx_struct_conn_angle.value'               
12 5 'Structure model' '_struct_conn.conn_type_id'                   
13 5 'Structure model' '_struct_conn.id'                             
14 5 'Structure model' '_struct_conn.pdbx_dist_value'                
15 5 'Structure model' '_struct_conn.pdbx_leaving_atom_flag'         
16 5 'Structure model' '_struct_conn.pdbx_ptnr1_label_alt_id'        
17 5 'Structure model' '_struct_conn.pdbx_ptnr2_label_alt_id'        
18 5 'Structure model' '_struct_conn.ptnr1_auth_asym_id'             
19 5 'Structure model' '_struct_conn.ptnr1_auth_comp_id'             
20 5 'Structure model' '_struct_conn.ptnr1_auth_seq_id'              
21 5 'Structure model' '_struct_conn.ptnr1_label_asym_id'            
22 5 'Structure model' '_struct_conn.ptnr1_label_atom_id'            
23 5 'Structure model' '_struct_conn.ptnr1_label_comp_id'            
24 5 'Structure model' '_struct_conn.ptnr1_label_seq_id'             
25 5 'Structure model' '_struct_conn.ptnr1_symmetry'                 
26 5 'Structure model' '_struct_conn.ptnr2_auth_asym_id'             
27 5 'Structure model' '_struct_conn.ptnr2_auth_comp_id'             
28 5 'Structure model' '_struct_conn.ptnr2_auth_seq_id'              
29 5 'Structure model' '_struct_conn.ptnr2_label_asym_id'            
30 5 'Structure model' '_struct_conn.ptnr2_label_atom_id'            
31 5 'Structure model' '_struct_conn.ptnr2_label_comp_id'            
32 5 'Structure model' '_struct_conn.ptnr2_label_seq_id'             
33 5 'Structure model' '_struct_conn.ptnr2_symmetry'                 
34 5 'Structure model' '_struct_conn_type.id'                        
35 5 'Structure model' '_struct_site.pdbx_auth_asym_id'              
36 5 'Structure model' '_struct_site.pdbx_auth_comp_id'              
37 5 'Structure model' '_struct_site.pdbx_auth_seq_id'               
# 
_pdbx_database_status.status_code                     REL 
_pdbx_database_status.entry_id                        2ET0 
_pdbx_database_status.recvd_initial_deposition_date   2005-10-27 
_pdbx_database_status.deposit_site                    RCSB 
_pdbx_database_status.process_site                    RCSB 
_pdbx_database_status.status_code_sf                  REL 
_pdbx_database_status.status_code_mr                  ? 
_pdbx_database_status.SG_entry                        ? 
_pdbx_database_status.pdb_format_compatible           Y 
_pdbx_database_status.status_code_cs                  ? 
_pdbx_database_status.methods_development_category    ? 
_pdbx_database_status.status_code_nmr_data            ? 
# 
loop_
_audit_author.name 
_audit_author.pdbx_ordinal 
'Oleksi, A.'   1 
'Blanco, A.G.' 2 
'Boer, R.'     3 
'Uson, I.'     4 
'Aymami, J.'   5 
'Coll, M.'     6 
# 
_citation.id                        primary 
_citation.title                     'Molecular Recognition of a Three-Way DNA Junction by a Metallosupramolecular Helicate' 
_citation.journal_abbrev            ANGEW.CHEM.INT.ED.ENGL. 
_citation.journal_volume            45 
_citation.page_first                1227 
_citation.page_last                 1231 
_citation.year                      2006 
_citation.journal_id_ASTM           ? 
_citation.country                   GE 
_citation.journal_id_ISSN           1433-7851 
_citation.journal_id_CSD            9999 
_citation.book_publisher            ? 
_citation.pdbx_database_id_PubMed   16463312 
_citation.pdbx_database_id_DOI      10.1002/anie.200503822 
# 
loop_
_citation_author.citation_id 
_citation_author.name 
_citation_author.ordinal 
_citation_author.identifier_ORCID 
primary 'Oleksi, A.'   1 ? 
primary 'Blanco, A.G.' 2 ? 
primary 'Boer, R.'     3 ? 
primary 'Uson, I.'     4 ? 
primary 'Aymami, J.'   5 ? 
primary 'Rodger, A.'   6 ? 
primary 'Hannon, M.J.' 7 ? 
primary 'Coll, M.'     8 ? 
# 
loop_
_entity.id 
_entity.type 
_entity.src_method 
_entity.pdbx_description 
_entity.formula_weight 
_entity.pdbx_number_of_molecules 
_entity.pdbx_ec 
_entity.pdbx_mutation 
_entity.pdbx_fragment 
_entity.details 
1 polymer     syn "5'-D(*CP*GP*TP*AP*CP*G)-3'"                                                                    1809.217 2  ? ? 
? ? 
2 non-polymer syn 'FE (II) ION'                                                                                   55.845   6  ? ? 
? ? 
3 non-polymer syn 'N-[(1E)-PYRIDIN-2-YLMETHYLENE]-N-[4-(4-{[(1E)-PYRIDIN-2-YLMETHYLENE]AMINO}BENZYL)PHENYL]AMINE' 376.453  5  ? ? 
? ? 
4 water       nat water                                                                                           18.015   45 ? ? 
? ? 
# 
_entity_poly.entity_id                      1 
_entity_poly.type                           polydeoxyribonucleotide 
_entity_poly.nstd_linkage                   no 
_entity_poly.nstd_monomer                   no 
_entity_poly.pdbx_seq_one_letter_code       '(DC)(DG)(DT)(DA)(DC)(DG)' 
_entity_poly.pdbx_seq_one_letter_code_can   CGTACG 
_entity_poly.pdbx_strand_id                 A,B 
_entity_poly.pdbx_target_identifier         ? 
# 
loop_
_pdbx_entity_nonpoly.entity_id 
_pdbx_entity_nonpoly.name 
_pdbx_entity_nonpoly.comp_id 
2 'FE (II) ION'                                                                                   FE2 
3 'N-[(1E)-PYRIDIN-2-YLMETHYLENE]-N-[4-(4-{[(1E)-PYRIDIN-2-YLMETHYLENE]AMINO}BENZYL)PHENYL]AMINE' NPM 
4 water                                                                                           HOH 
# 
loop_
_entity_poly_seq.entity_id 
_entity_poly_seq.num 
_entity_poly_seq.mon_id 
_entity_poly_seq.hetero 
1 1 DC n 
1 2 DG n 
1 3 DT n 
1 4 DA n 
1 5 DC n 
1 6 DG n 
# 
loop_
_chem_comp.id 
_chem_comp.type 
_chem_comp.mon_nstd_flag 
_chem_comp.name 
_chem_comp.pdbx_synonyms 
_chem_comp.formula 
_chem_comp.formula_weight 
DA  'DNA linking' y "2'-DEOXYADENOSINE-5'-MONOPHOSPHATE"                                                            ? 
'C10 H14 N5 O6 P' 331.222 
DC  'DNA linking' y "2'-DEOXYCYTIDINE-5'-MONOPHOSPHATE"                                                             ? 
'C9 H14 N3 O7 P'  307.197 
DG  'DNA linking' y "2'-DEOXYGUANOSINE-5'-MONOPHOSPHATE"                                                            ? 
'C10 H14 N5 O7 P' 347.221 
DT  'DNA linking' y "THYMIDINE-5'-MONOPHOSPHATE"                                                                    ? 
'C10 H15 N2 O8 P' 322.208 
FE2 non-polymer   . 'FE (II) ION'                                                                                   ? 'Fe 2' 
55.845  
HOH non-polymer   . WATER                                                                                           ? 'H2 O' 
18.015  
NPM non-polymer   . 'N-[(1E)-PYRIDIN-2-YLMETHYLENE]-N-[4-(4-{[(1E)-PYRIDIN-2-YLMETHYLENE]AMINO}BENZYL)PHENYL]AMINE' 
'1,1-BIS(N-(4-PHENYL)-2-PYRIDYLCARBOXALDIMINE)METHANE' 'C25 H20 N4'      376.453 
# 
loop_
_pdbx_poly_seq_scheme.asym_id 
_pdbx_poly_seq_scheme.entity_id 
_pdbx_poly_seq_scheme.seq_id 
_pdbx_poly_seq_scheme.mon_id 
_pdbx_poly_seq_scheme.ndb_seq_num 
_pdbx_poly_seq_scheme.pdb_seq_num 
_pdbx_poly_seq_scheme.auth_seq_num 
_pdbx_poly_seq_scheme.pdb_mon_id 
_pdbx_poly_seq_scheme.auth_mon_id 
_pdbx_poly_seq_scheme.pdb_strand_id 
_pdbx_poly_seq_scheme.pdb_ins_code 
_pdbx_poly_seq_scheme.hetero 
A 1 1 DC 1 11 11 DC C A . n 
A 1 2 DG 2 12 12 DG G A . n 
A 1 3 DT 3 13 13 DT T A . n 
A 1 4 DA 4 14 14 DA A A . n 
A 1 5 DC 5 15 15 DC C A . n 
A 1 6 DG 6 16 16 DG G A . n 
B 1 1 DC 1 31 31 DC C B . n 
B 1 2 DG 2 32 32 DG G B . n 
B 1 3 DT 3 33 33 DT T B . n 
B 1 4 DA 4 34 34 DA A B . n 
B 1 5 DC 5 35 35 DC C B . n 
B 1 6 DG 6 36 36 DG G B . n 
# 
loop_
_pdbx_nonpoly_scheme.asym_id 
_pdbx_nonpoly_scheme.entity_id 
_pdbx_nonpoly_scheme.mon_id 
_pdbx_nonpoly_scheme.ndb_seq_num 
_pdbx_nonpoly_scheme.pdb_seq_num 
_pdbx_nonpoly_scheme.auth_seq_num 
_pdbx_nonpoly_scheme.pdb_mon_id 
_pdbx_nonpoly_scheme.auth_mon_id 
_pdbx_nonpoly_scheme.pdb_strand_id 
_pdbx_nonpoly_scheme.pdb_ins_code 
C 2 FE2 1  4   4   FE2 FE2 A . 
D 2 FE2 1  5   5   FE2 FE2 A . 
E 2 FE2 1  6   6   FE2 FE2 A . 
F 2 FE2 1  7   7   FE2 FE2 A . 
G 3 NPM 1  1   1   NPM NPM A . 
H 3 NPM 1  2   2   NPM NPM A . 
I 3 NPM 1  3   3   NPM NPM A . 
J 3 NPM 1  10  10  NPM NPM A . 
K 2 FE2 1  8   8   FE2 FE2 B . 
L 2 FE2 1  9   9   FE2 FE2 B . 
M 3 NPM 1  30  30  NPM NPM B . 
N 4 HOH 1  101 101 HOH HOH A . 
N 4 HOH 2  102 102 HOH HOH A . 
N 4 HOH 3  103 103 HOH HOH A . 
N 4 HOH 4  104 104 HOH HOH A . 
N 4 HOH 5  105 105 HOH HOH A . 
N 4 HOH 6  106 106 HOH HOH A . 
N 4 HOH 7  107 107 HOH HOH A . 
N 4 HOH 8  108 108 HOH HOH A . 
N 4 HOH 9  109 109 HOH HOH A . 
N 4 HOH 10 112 112 HOH HOH A . 
N 4 HOH 11 113 113 HOH HOH A . 
N 4 HOH 12 114 114 HOH HOH A . 
N 4 HOH 13 116 116 HOH HOH A . 
N 4 HOH 14 117 117 HOH HOH A . 
N 4 HOH 15 118 118 HOH HOH A . 
N 4 HOH 16 119 119 HOH HOH A . 
N 4 HOH 17 121 121 HOH HOH A . 
N 4 HOH 18 122 122 HOH HOH A . 
N 4 HOH 19 123 123 HOH HOH A . 
N 4 HOH 20 124 124 HOH HOH A . 
N 4 HOH 21 126 126 HOH HOH A . 
N 4 HOH 22 128 128 HOH HOH A . 
N 4 HOH 23 129 129 HOH HOH A . 
N 4 HOH 24 130 130 HOH HOH A . 
N 4 HOH 25 131 131 HOH HOH A . 
N 4 HOH 26 135 135 HOH HOH A . 
N 4 HOH 27 136 136 HOH HOH A . 
N 4 HOH 28 139 139 HOH HOH A . 
N 4 HOH 29 140 140 HOH HOH A . 
N 4 HOH 30 141 141 HOH HOH A . 
N 4 HOH 31 142 142 HOH HOH A . 
N 4 HOH 32 143 143 HOH HOH A . 
N 4 HOH 33 145 145 HOH HOH A . 
N 4 HOH 34 146 146 HOH HOH A . 
O 4 HOH 1  110 110 HOH HOH B . 
O 4 HOH 2  111 111 HOH HOH B . 
O 4 HOH 3  115 115 HOH HOH B . 
O 4 HOH 4  120 120 HOH HOH B . 
O 4 HOH 5  125 125 HOH HOH B . 
O 4 HOH 6  127 127 HOH HOH B . 
O 4 HOH 7  132 132 HOH HOH B . 
O 4 HOH 8  133 133 HOH HOH B . 
O 4 HOH 9  134 134 HOH HOH B . 
O 4 HOH 10 137 137 HOH HOH B . 
O 4 HOH 11 138 138 HOH HOH B . 
# 
_pdbx_unobs_or_zero_occ_atoms.id               1 
_pdbx_unobs_or_zero_occ_atoms.PDB_model_num    1 
_pdbx_unobs_or_zero_occ_atoms.polymer_flag     Y 
_pdbx_unobs_or_zero_occ_atoms.occupancy_flag   1 
_pdbx_unobs_or_zero_occ_atoms.auth_asym_id     B 
_pdbx_unobs_or_zero_occ_atoms.auth_comp_id     DC 
_pdbx_unobs_or_zero_occ_atoms.auth_seq_id      31 
_pdbx_unobs_or_zero_occ_atoms.PDB_ins_code     ? 
_pdbx_unobs_or_zero_occ_atoms.auth_atom_id     "O5'" 
_pdbx_unobs_or_zero_occ_atoms.label_alt_id     ? 
_pdbx_unobs_or_zero_occ_atoms.label_asym_id    B 
_pdbx_unobs_or_zero_occ_atoms.label_comp_id    DC 
_pdbx_unobs_or_zero_occ_atoms.label_seq_id     1 
_pdbx_unobs_or_zero_occ_atoms.label_atom_id    "O5'" 
# 
loop_
_software.name 
_software.classification 
_software.version 
_software.citation_id 
_software.pdbx_ordinal 
ProDC     'data collection' . ? 1 
XDS       'data reduction'  . ? 2 
SHELXDE   phasing           . ? 3 
SHELXL-97 refinement        . ? 4 
XDS       'data scaling'    . ? 5 
SHELXD    phasing           . ? 6 
SHELXE    'model building'  . ? 7 
# 
_cell.entry_id           2ET0 
_cell.length_a           71.200 
_cell.length_b           71.200 
_cell.length_c           71.200 
_cell.angle_alpha        90.00 
_cell.angle_beta         90.00 
_cell.angle_gamma        90.00 
_cell.Z_PDB              48 
_cell.pdbx_unique_axis   ? 
_cell.length_a_esd       ? 
_cell.length_b_esd       ? 
_cell.length_c_esd       ? 
_cell.angle_alpha_esd    ? 
_cell.angle_beta_esd     ? 
_cell.angle_gamma_esd    ? 
# 
_symmetry.entry_id                         2ET0 
_symmetry.space_group_name_H-M             'P 41 3 2' 
_symmetry.pdbx_full_space_group_name_H-M   ? 
_symmetry.cell_setting                     ? 
_symmetry.Int_Tables_number                213 
_symmetry.space_group_name_Hall            ? 
# 
_exptl.entry_id          2ET0 
_exptl.method            'X-RAY DIFFRACTION' 
_exptl.crystals_number   2 
# 
_exptl_crystal.id                    1 
_exptl_crystal.density_meas          ? 
_exptl_crystal.density_Matthews      3.98 
_exptl_crystal.density_percent_sol   69.10 
_exptl_crystal.description           ? 
_exptl_crystal.F_000                 ? 
_exptl_crystal.preparation           ? 
# 
_exptl_crystal_grow.crystal_id      1 
_exptl_crystal_grow.method          'VAPOR DIFFUSION, SITTING DROP' 
_exptl_crystal_grow.temp            298.0 
_exptl_crystal_grow.temp_details    ? 
_exptl_crystal_grow.pH              8.5 
_exptl_crystal_grow.pdbx_details    
'0.08M Mg acetate, 0.05M TrisCl, pH 8.5, 5% PEG400, VAPOR DIFFUSION, SITTING DROP, temperature 298.0K' 
_exptl_crystal_grow.pdbx_pH_range   . 
# 
loop_
_exptl_crystal_grow_comp.crystal_id 
_exptl_crystal_grow_comp.id 
_exptl_crystal_grow_comp.sol_id 
_exptl_crystal_grow_comp.name 
_exptl_crystal_grow_comp.volume 
_exptl_crystal_grow_comp.conc 
_exptl_crystal_grow_comp.details 
1 1 1 '0.08M Mg acetate' ? ? ? 
1 2 1 '0.05M TrisCl'     ? ? ? 
1 3 1 '5% PEG400'        ? ? ? 
1 4 2 '0.08M Mg acetate' ? ? ? 
1 5 2 '0.05M TrisCl'     ? ? ? 
1 6 2 '5% PEG400'        ? ? ? 
# 
loop_
_diffrn.id 
_diffrn.ambient_temp 
_diffrn.ambient_temp_details 
_diffrn.crystal_id 
1 100 ? 1 
2 100 ? 1 
# 
loop_
_diffrn_detector.diffrn_id 
_diffrn_detector.detector 
_diffrn_detector.type 
_diffrn_detector.pdbx_collection_date 
_diffrn_detector.details 
1 CCD MARRESEARCH      2003-09-18 mirrors 
2 CCD 'ADSC QUANTUM 4' 2003-12-05 mirrors 
# 
loop_
_diffrn_radiation.diffrn_id 
_diffrn_radiation.wavelength_id 
_diffrn_radiation.pdbx_monochromatic_or_laue_m_l 
_diffrn_radiation.monochromator 
_diffrn_radiation.pdbx_diffrn_protocol 
_diffrn_radiation.pdbx_scattering_type 
1 1 M 'two Si(111) crystals'   MAD                 x-ray 
2 1 M 'Diamond (111), Ge(220)' 'SINGLE WAVELENGTH' x-ray 
# 
loop_
_diffrn_radiation_wavelength.id 
_diffrn_radiation_wavelength.wavelength 
_diffrn_radiation_wavelength.wt 
1 1.739 1.0 
2 1.749 1.0 
3 1.627 1.0 
4 0.933 1.0 
# 
loop_
_diffrn_source.diffrn_id 
_diffrn_source.source 
_diffrn_source.type 
_diffrn_source.pdbx_synchrotron_site 
_diffrn_source.pdbx_synchrotron_beamline 
_diffrn_source.pdbx_wavelength 
_diffrn_source.pdbx_wavelength_list 
1 SYNCHROTRON 'ESRF BEAMLINE BM16'   ESRF BM16   ? '1.739, 1.749, 1.627' 
2 SYNCHROTRON 'ESRF BEAMLINE ID14-2' ESRF ID14-2 ? 0.933                 
# 
_reflns.entry_id                     2ET0 
_reflns.observed_criterion_sigma_I   -3.0 
_reflns.observed_criterion_sigma_F   ? 
_reflns.d_resolution_low             22.8 
_reflns.d_resolution_high            1.7 
_reflns.number_obs                   7149 
_reflns.number_all                   7149 
_reflns.percent_possible_obs         99.2 
_reflns.pdbx_Rmerge_I_obs            0.0537 
_reflns.pdbx_Rsym_value              ? 
_reflns.pdbx_netI_over_sigmaI        29.1 
_reflns.B_iso_Wilson_estimate        ? 
_reflns.pdbx_redundancy              50 
_reflns.R_free_details               ? 
_reflns.pdbx_chi_squared             ? 
_reflns.pdbx_scaling_rejects         ? 
_reflns.pdbx_ordinal                 1 
_reflns.pdbx_diffrn_id               1,2 
# 
_reflns_shell.d_res_high             1.7 
_reflns_shell.d_res_low              ? 
_reflns_shell.percent_possible_all   97.8 
_reflns_shell.Rmerge_I_obs           ? 
_reflns_shell.pdbx_Rsym_value        ? 
_reflns_shell.meanI_over_sigI_obs    ? 
_reflns_shell.pdbx_redundancy        ? 
_reflns_shell.percent_possible_obs   ? 
_reflns_shell.number_unique_all      ? 
_reflns_shell.number_measured_all    ? 
_reflns_shell.number_measured_obs    ? 
_reflns_shell.number_unique_obs      ? 
_reflns_shell.pdbx_chi_squared       ? 
_reflns_shell.pdbx_ordinal           1 
_reflns_shell.pdbx_diffrn_id         1,2 
# 
_refine.entry_id                                 2ET0 
_refine.ls_number_reflns_obs                     6182 
_refine.ls_number_reflns_all                     7149 
_refine.pdbx_ls_sigma_I                          4 
_refine.pdbx_ls_sigma_F                          4 
_refine.pdbx_data_cutoff_high_absF               ? 
_refine.pdbx_data_cutoff_low_absF                ? 
_refine.pdbx_data_cutoff_high_rms_absF           ? 
_refine.ls_d_res_low                             22.5 
_refine.ls_d_res_high                            1.7 
_refine.ls_percent_reflns_obs                    ? 
_refine.ls_R_factor_obs                          0.258 
_refine.ls_R_factor_all                          0.26 
_refine.ls_R_factor_R_work                       0.256 
_refine.ls_R_factor_R_free                       0.291 
_refine.ls_R_factor_R_free_error                 ? 
_refine.ls_R_factor_R_free_error_details         ? 
_refine.ls_percent_reflns_R_free                 ? 
_refine.ls_number_reflns_R_free                  325 
_refine.ls_number_parameters                     ? 
_refine.ls_number_restraints                     ? 
_refine.occupancy_min                            ? 
_refine.occupancy_max                            ? 
_refine.correlation_coeff_Fo_to_Fc               ? 
_refine.correlation_coeff_Fo_to_Fc_free          ? 
_refine.B_iso_mean                               23.45 
_refine.aniso_B[1][1]                            ? 
_refine.aniso_B[2][2]                            ? 
_refine.aniso_B[3][3]                            ? 
_refine.aniso_B[1][2]                            ? 
_refine.aniso_B[1][3]                            ? 
_refine.aniso_B[2][3]                            ? 
_refine.solvent_model_details                    ? 
_refine.solvent_model_param_ksol                 ? 
_refine.solvent_model_param_bsol                 ? 
_refine.pdbx_solvent_vdw_probe_radii             ? 
_refine.pdbx_solvent_ion_probe_radii             ? 
_refine.pdbx_solvent_shrinkage_radii             ? 
_refine.pdbx_ls_cross_valid_method               THROUGHOUT 
_refine.details                                  ? 
_refine.pdbx_starting_model                      ? 
_refine.pdbx_method_to_determine_struct          MAD 
_refine.pdbx_isotropic_thermal_model             isotropic 
_refine.pdbx_stereochemistry_target_values       'Engh & Huber' 
_refine.pdbx_stereochem_target_val_spec_case     ? 
_refine.pdbx_R_Free_selection_details            random 
_refine.pdbx_overall_ESU_R_Free                  ? 
_refine.overall_SU_ML                            ? 
_refine.overall_SU_B                             ? 
_refine.ls_redundancy_reflns_obs                 ? 
_refine.overall_SU_R_Cruickshank_DPI             ? 
_refine.overall_SU_R_free                        ? 
_refine.ls_wR_factor_R_free                      ? 
_refine.ls_wR_factor_R_work                      ? 
_refine.overall_FOM_free_R_set                   ? 
_refine.overall_FOM_work_R_set                   ? 
_refine.pdbx_refine_id                           'X-RAY DIFFRACTION' 
_refine.pdbx_overall_phase_error                 ? 
_refine.pdbx_overall_ESU_R                       ? 
_refine.pdbx_diffrn_id                           1,2 
_refine.pdbx_TLS_residual_ADP_flag               ? 
_refine.pdbx_overall_SU_R_free_Cruickshank_DPI   ? 
_refine.pdbx_overall_SU_R_Blow_DPI               ? 
_refine.pdbx_overall_SU_R_free_Blow_DPI          ? 
# 
_refine_hist.pdbx_refine_id                   'X-RAY DIFFRACTION' 
_refine_hist.cycle_id                         LAST 
_refine_hist.pdbx_number_atoms_protein        0 
_refine_hist.pdbx_number_atoms_nucleic_acid   239 
_refine_hist.pdbx_number_atoms_ligand         151 
_refine_hist.number_atoms_solvent             45 
_refine_hist.number_atoms_total               435 
_refine_hist.d_res_high                       1.7 
_refine_hist.d_res_low                        22.5 
# 
loop_
_refine_ls_restr.type 
_refine_ls_restr.dev_ideal 
_refine_ls_restr.dev_ideal_target 
_refine_ls_restr.weight 
_refine_ls_restr.number 
_refine_ls_restr.pdbx_refine_id 
_refine_ls_restr.pdbx_restraint_function 
s_angle_d             0.022 ? ? ? 'X-RAY DIFFRACTION' ? 
s_bond_d              0.008 ? ? ? 'X-RAY DIFFRACTION' ? 
s_from_restr_planes   0.041 ? ? ? 'X-RAY DIFFRACTION' ? 
s_similar_dist        0.055 ? ? ? 'X-RAY DIFFRACTION' ? 
s_non_zero_chiral_vol 0.008 ? ? ? 'X-RAY DIFFRACTION' ? 
s_similar_adp_cmpnt   0.025 ? ? ? 'X-RAY DIFFRACTION' ? 
# 
_struct.entry_id                  2ET0 
_struct.title                     
'The structure of a three-way DNA junction in complex with a metallo-supramolecular helicate reveals a new target for drugs' 
_struct.pdbx_model_details        ? 
_struct.pdbx_CASP_flag            ? 
_struct.pdbx_model_type_details   ? 
# 
_struct_keywords.entry_id        2ET0 
_struct_keywords.pdbx_keywords   DNA 
_struct_keywords.text            'Drug-DNA complex, 3-way junction, DNA structure recognition, DNA' 
# 
loop_
_struct_asym.id 
_struct_asym.pdbx_blank_PDB_chainid_flag 
_struct_asym.pdbx_modified 
_struct_asym.entity_id 
_struct_asym.details 
A N N 1 ? 
B N N 1 ? 
C N N 2 ? 
D N N 2 ? 
E N N 2 ? 
F N N 2 ? 
G N N 3 ? 
H N N 3 ? 
I N N 3 ? 
J N N 3 ? 
K N N 2 ? 
L N N 2 ? 
M N N 3 ? 
N N N 4 ? 
O N N 4 ? 
# 
_struct_ref.id                         1 
_struct_ref.entity_id                  1 
_struct_ref.db_name                    PDB 
_struct_ref.db_code                    2ET0 
_struct_ref.pdbx_db_accession          2ET0 
_struct_ref.pdbx_align_begin           ? 
_struct_ref.pdbx_seq_one_letter_code   ? 
_struct_ref.pdbx_db_isoform            ? 
# 
loop_
_struct_ref_seq.align_id 
_struct_ref_seq.ref_id 
_struct_ref_seq.pdbx_PDB_id_code 
_struct_ref_seq.pdbx_strand_id 
_struct_ref_seq.seq_align_beg 
_struct_ref_seq.pdbx_seq_align_beg_ins_code 
_struct_ref_seq.seq_align_end 
_struct_ref_seq.pdbx_seq_align_end_ins_code 
_struct_ref_seq.pdbx_db_accession 
_struct_ref_seq.db_align_beg 
_struct_ref_seq.pdbx_db_align_beg_ins_code 
_struct_ref_seq.db_align_end 
_struct_ref_seq.pdbx_db_align_end_ins_code 
_struct_ref_seq.pdbx_auth_seq_align_beg 
_struct_ref_seq.pdbx_auth_seq_align_end 
1 1 2ET0 A 1 ? 6 ? 2ET0 11 ? 16 ? 11 16 
2 1 2ET0 B 1 ? 6 ? 2ET0 31 ? 36 ? 31 36 
# 
loop_
_pdbx_struct_assembly.id 
_pdbx_struct_assembly.details 
_pdbx_struct_assembly.method_details 
_pdbx_struct_assembly.oligomeric_details 
_pdbx_struct_assembly.oligomeric_count 
1 author_defined_assembly ? trimeric 3 
2 author_defined_assembly ? trimeric 3 
# 
loop_
_pdbx_struct_assembly_gen.assembly_id 
_pdbx_struct_assembly_gen.oper_expression 
_pdbx_struct_assembly_gen.asym_id_list 
1 1,2,3 A,C,D,E,F,G,H,I,J,N 
2 1,4,5 B,K,L,M,O           
# 
loop_
_pdbx_struct_oper_list.id 
_pdbx_struct_oper_list.type 
_pdbx_struct_oper_list.name 
_pdbx_struct_oper_list.symmetry_operation 
_pdbx_struct_oper_list.matrix[1][1] 
_pdbx_struct_oper_list.matrix[1][2] 
_pdbx_struct_oper_list.matrix[1][3] 
_pdbx_struct_oper_list.vector[1] 
_pdbx_struct_oper_list.matrix[2][1] 
_pdbx_struct_oper_list.matrix[2][2] 
_pdbx_struct_oper_list.matrix[2][3] 
_pdbx_struct_oper_list.vector[2] 
_pdbx_struct_oper_list.matrix[3][1] 
_pdbx_struct_oper_list.matrix[3][2] 
_pdbx_struct_oper_list.matrix[3][3] 
_pdbx_struct_oper_list.vector[3] 
1 'identity operation'         1_555  x,y,z             1.0000000000 0.0000000000  0.0000000000  0.0000000000   0.0000000000  1.0000000000  0.0000000000  0.0000000000   0.0000000000  0.0000000000  1.0000000000  0.0000000000   
2 'crystal symmetry operation' 7_564  -z+1/2,-x+1,y-1/2 0.3247542554 -0.8510253786 0.4126626692  13.3227208324  0.1914481337  -0.3681297674 -0.9098505847 17.7325394135  0.9262193507  0.3744813471  0.0433755120  -7.6780192406  
3 'crystal symmetry operation' 10_655 -y+1,z+1/2,-x+1/2 0.3247542554 0.1914481337  0.9262193507  -0.6099418652  -0.8510253786 -0.3681297674 0.3744813471  20.7411241384  0.4126626692  -0.9098505847 0.0433755120  10.9692098296  
4 'crystal symmetry operation' 5_555  z,x,y             0.0527895358 -0.9952746621 0.0814960851  -19.7405412564 -0.1312991631 0.0739836328  0.9885782477  -9.2688940813  -0.9899362579 -0.0628869546 -0.1267731686 -12.5298684003 
5 'crystal symmetry operation' 9_555  y,z,x             0.0527895358 -0.1312991631 -0.9899362579 -12.5786750624 -0.9952746621 0.0739836328  -0.0628869546 -19.7494793378 0.0814960851  0.9885782477  -0.1267731686 9.1833527798   
# 
loop_
_struct_biol.id 
_struct_biol.details 
_struct_biol.pdbx_parent_biol_id 
1 
;The asymmetric unit contains one-third of the 3-way junction, the 2nd and 3rd part are generated by the cube body diagonal 3-fold axis. For residues 10 to 16, the biological assembly is constructed by applying symops z,x,y and y,z,x
;
? 
2 ? ? 
3 ? ? 
# 
loop_
_struct_conn.id 
_struct_conn.conn_type_id 
_struct_conn.pdbx_leaving_atom_flag 
_struct_conn.pdbx_PDB_id 
_struct_conn.ptnr1_label_asym_id 
_struct_conn.ptnr1_label_comp_id 
_struct_conn.ptnr1_label_seq_id 
_struct_conn.ptnr1_label_atom_id 
_struct_conn.pdbx_ptnr1_label_alt_id 
_struct_conn.pdbx_ptnr1_PDB_ins_code 
_struct_conn.pdbx_ptnr1_standard_comp_id 
_struct_conn.ptnr1_symmetry 
_struct_conn.ptnr2_label_asym_id 
_struct_conn.ptnr2_label_comp_id 
_struct_conn.ptnr2_label_seq_id 
_struct_conn.ptnr2_label_atom_id 
_struct_conn.pdbx_ptnr2_label_alt_id 
_struct_conn.pdbx_ptnr2_PDB_ins_code 
_struct_conn.ptnr1_auth_asym_id 
_struct_conn.ptnr1_auth_comp_id 
_struct_conn.ptnr1_auth_seq_id 
_struct_conn.ptnr2_auth_asym_id 
_struct_conn.ptnr2_auth_comp_id 
_struct_conn.ptnr2_auth_seq_id 
_struct_conn.ptnr2_symmetry 
_struct_conn.pdbx_ptnr3_label_atom_id 
_struct_conn.pdbx_ptnr3_label_seq_id 
_struct_conn.pdbx_ptnr3_label_comp_id 
_struct_conn.pdbx_ptnr3_label_asym_id 
_struct_conn.pdbx_ptnr3_label_alt_id 
_struct_conn.pdbx_ptnr3_PDB_ins_code 
_struct_conn.details 
_struct_conn.pdbx_dist_value 
_struct_conn.pdbx_value_order 
_struct_conn.pdbx_role 
covale1   covale none ? G NPM . N12 ? ? ? 1_555  H NPM . C1P   ? ? A NPM 1  A NPM 2  14_554 ? ? ? ? ? ? ?            1.333 ? ? 
covale2   covale none ? G NPM . N13 ? ? ? 1_555  H NPM . C1F   ? ? A NPM 1  A NPM 2  14_554 ? ? ? ? ? ? ?            1.235 ? ? 
covale3   covale none ? G NPM . N13 ? ? ? 1_555  H NPM . C1E   ? ? A NPM 1  A NPM 2  14_554 ? ? ? ? ? ? ?            1.633 ? ? 
covale4   covale none ? G NPM . N14 ? ? ? 1_555  H NPM . C1D   ? ? A NPM 1  A NPM 2  14_554 ? ? ? ? ? ? ?            1.269 ? ? 
covale5   covale none ? G NPM . N14 ? ? ? 1_555  H NPM . C1C   ? ? A NPM 1  A NPM 2  14_554 ? ? ? ? ? ? ?            1.374 ? ? 
covale6   covale none ? G NPM . C1H ? ? ? 1_555  H NPM . C1S   ? ? A NPM 1  A NPM 2  14_554 ? ? ? ? ? ? ?            1.770 ? ? 
covale7   covale none ? G NPM . C1H ? ? ? 1_555  H NPM . C1N   ? ? A NPM 1  A NPM 2  14_554 ? ? ? ? ? ? ?            1.279 ? ? 
covale8   covale none ? G NPM . C1H ? ? ? 1_555  H NPM . C1P   ? ? A NPM 1  A NPM 2  14_554 ? ? ? ? ? ? ?            1.149 ? ? 
covale9   covale none ? G NPM . C1H ? ? ? 1_555  H NPM . C1Q   ? ? A NPM 1  A NPM 2  14_554 ? ? ? ? ? ? ?            1.710 ? ? 
covale10  covale none ? G NPM . C1H ? ? ? 1_555  H NPM . C1R   ? ? A NPM 1  A NPM 2  14_554 ? ? ? ? ? ? ?            1.961 ? ? 
covale11  covale none ? G NPM . C1I ? ? ? 1_555  H NPM . C1M   ? ? A NPM 1  A NPM 2  14_554 ? ? ? ? ? ? ?            1.380 ? ? 
covale12  covale none ? G NPM . C1I ? ? ? 1_555  H NPM . C1S   ? ? A NPM 1  A NPM 2  14_554 ? ? ? ? ? ? ?            1.530 ? ? 
covale13  covale none ? G NPM . C1I ? ? ? 1_555  H NPM . C1O   ? ? A NPM 1  A NPM 2  14_554 ? ? ? ? ? ? ?            1.451 ? ? 
covale14  covale none ? G NPM . C1J ? ? ? 1_555  H NPM . C1J   ? ? A NPM 1  A NPM 2  14_554 ? ? ? ? ? ? ?            1.115 ? ? 
covale15  covale none ? G NPM . C1J ? ? ? 1_555  H NPM . C1K   ? ? A NPM 1  A NPM 2  14_554 ? ? ? ? ? ? ?            1.850 ? ? 
covale16  covale none ? G NPM . C1J ? ? ? 1_555  H NPM . C1N   ? ? A NPM 1  A NPM 2  14_554 ? ? ? ? ? ? ?            1.590 ? ? 
covale17  covale none ? G NPM . C1J ? ? ? 1_555  H NPM . C1O   ? ? A NPM 1  A NPM 2  14_554 ? ? ? ? ? ? ?            1.989 ? ? 
covale18  covale none ? G NPM . C1K ? ? ? 1_555  H NPM . C1J   ? ? A NPM 1  A NPM 2  14_554 ? ? ? ? ? ? ?            1.880 ? ? 
covale19  covale none ? G NPM . C1L ? ? ? 1_555  H NPM . C1O   ? ? A NPM 1  A NPM 2  14_554 ? ? ? ? ? ? ?            1.733 ? ? 
covale20  covale none ? G NPM . C1M ? ? ? 1_555  H NPM . C1I   ? ? A NPM 1  A NPM 2  14_554 ? ? ? ? ? ? ?            1.397 ? ? 
covale21  covale none ? G NPM . C1M ? ? ? 1_555  H NPM . C1M   ? ? A NPM 1  A NPM 2  14_554 ? ? ? ? ? ? ?            1.308 ? ? 
covale22  covale none ? G NPM . C1N ? ? ? 1_555  H NPM . C1I   ? ? A NPM 1  A NPM 2  14_554 ? ? ? ? ? ? ?            1.243 ? ? 
covale23  covale none ? G NPM . C1N ? ? ? 1_555  H NPM . C1J   ? ? A NPM 1  A NPM 2  14_554 ? ? ? ? ? ? ?            1.441 ? ? 
covale24  covale none ? G NPM . C1N ? ? ? 1_555  H NPM . C1H   ? ? A NPM 1  A NPM 2  14_554 ? ? ? ? ? ? ?            1.566 ? ? 
covale25  covale none ? G NPM . C1N ? ? ? 1_555  H NPM . C1K   ? ? A NPM 1  A NPM 2  14_554 ? ? ? ? ? ? ?            1.883 ? ? 
covale26  covale none ? G NPM . C1N ? ? ? 1_555  H NPM . C1G   ? ? A NPM 1  A NPM 2  14_554 ? ? ? ? ? ? ?            1.975 ? ? 
covale27  covale none ? G NPM . C1O ? ? ? 1_555  H NPM . C1I   ? ? A NPM 1  A NPM 2  14_554 ? ? ? ? ? ? ?            1.643 ? ? 
covale28  covale none ? G NPM . C1O ? ? ? 1_555  H NPM . C1H   ? ? A NPM 1  A NPM 2  14_554 ? ? ? ? ? ? ?            1.306 ? ? 
covale29  covale none ? G NPM . C1P ? ? ? 1_555  H NPM . C1H   ? ? A NPM 1  A NPM 2  14_554 ? ? ? ? ? ? ?            1.885 ? ? 
covale30  covale none ? G NPM . C1Q ? ? ? 1_555  H NPM . C1F   ? ? A NPM 1  A NPM 2  14_554 ? ? ? ? ? ? ?            1.466 ? ? 
covale31  covale none ? G NPM . C1Q ? ? ? 1_555  H NPM . N12   ? ? A NPM 1  A NPM 2  14_554 ? ? ? ? ? ? ?            1.776 ? ? 
covale32  covale none ? G NPM . C1Q ? ? ? 1_555  H NPM . C1G   ? ? A NPM 1  A NPM 2  14_554 ? ? ? ? ? ? ?            1.934 ? ? 
covale33  covale none ? G NPM . C1R ? ? ? 1_555  H NPM . C1F   ? ? A NPM 1  A NPM 2  14_554 ? ? ? ? ? ? ?            1.781 ? ? 
covale34  covale none ? G NPM . C1R ? ? ? 1_555  H NPM . N12   ? ? A NPM 1  A NPM 2  14_554 ? ? ? ? ? ? ?            1.887 ? ? 
covale35  covale none ? G NPM . C1R ? ? ? 1_555  H NPM . C1G   ? ? A NPM 1  A NPM 2  14_554 ? ? ? ? ? ? ?            1.535 ? ? 
covale36  covale none ? G NPM . C1R ? ? ? 1_555  H NPM . C1L   ? ? A NPM 1  A NPM 2  14_554 ? ? ? ? ? ? ?            1.660 ? ? 
covale37  covale none ? G NPM . C1I ? ? ? 14_554 H NPM . C1S   ? ? A NPM 1  A NPM 2  1_555  ? ? ? ? ? ? ?            1.530 ? ? 
covale38  covale none ? G NPM . C1H ? ? ? 14_554 H NPM . C1S   ? ? A NPM 1  A NPM 2  1_555  ? ? ? ? ? ? ?            1.770 ? ? 
covale39  covale none ? G NPM . C1H ? ? ? 14_554 H NPM . C1R   ? ? A NPM 1  A NPM 2  1_555  ? ? ? ? ? ? ?            1.961 ? ? 
covale40  covale none ? G NPM . C1H ? ? ? 14_554 H NPM . C1Q   ? ? A NPM 1  A NPM 2  1_555  ? ? ? ? ? ? ?            1.710 ? ? 
covale41  covale none ? G NPM . C1H ? ? ? 14_554 H NPM . C1P   ? ? A NPM 1  A NPM 2  1_555  ? ? ? ? ? ? ?            1.149 ? ? 
covale42  covale none ? G NPM . N12 ? ? ? 14_554 H NPM . C1P   ? ? A NPM 1  A NPM 2  1_555  ? ? ? ? ? ? ?            1.333 ? ? 
covale43  covale none ? G NPM . C1J ? ? ? 14_554 H NPM . C1O   ? ? A NPM 1  A NPM 2  1_555  ? ? ? ? ? ? ?            1.989 ? ? 
covale44  covale none ? G NPM . C1I ? ? ? 14_554 H NPM . C1O   ? ? A NPM 1  A NPM 2  1_555  ? ? ? ? ? ? ?            1.451 ? ? 
covale45  covale none ? G NPM . C1S ? ? ? 1_555  H NPM . C1K   ? ? A NPM 1  A NPM 2  14_554 ? ? ? ? ? ? ?            1.494 ? ? 
covale46  covale none ? G NPM . C1J ? ? ? 14_554 H NPM . C1N   ? ? A NPM 1  A NPM 2  1_555  ? ? ? ? ? ? ?            1.590 ? ? 
covale47  covale none ? G NPM . C1H ? ? ? 14_554 H NPM . C1N   ? ? A NPM 1  A NPM 2  1_555  ? ? ? ? ? ? ?            1.279 ? ? 
covale48  covale none ? G NPM . C1M ? ? ? 14_554 H NPM . C1M   ? ? A NPM 1  A NPM 2  1_555  ? ? ? ? ? ? ?            1.308 ? ? 
covale49  covale none ? G NPM . C1I ? ? ? 14_554 H NPM . C1M   ? ? A NPM 1  A NPM 2  1_555  ? ? ? ? ? ? ?            1.380 ? ? 
covale50  covale none ? G NPM . C1R ? ? ? 14_554 H NPM . C1L   ? ? A NPM 1  A NPM 2  1_555  ? ? ? ? ? ? ?            1.660 ? ? 
covale51  covale none ? G NPM . C1J ? ? ? 14_554 H NPM . C1K   ? ? A NPM 1  A NPM 2  1_555  ? ? ? ? ? ? ?            1.850 ? ? 
covale52  covale none ? G NPM . C1S ? ? ? 14_554 H NPM . C1K   ? ? A NPM 1  A NPM 2  1_555  ? ? ? ? ? ? ?            1.494 ? ? 
covale53  covale none ? G NPM . C1N ? ? ? 14_554 H NPM . C1K   ? ? A NPM 1  A NPM 2  1_555  ? ? ? ? ? ? ?            1.883 ? ? 
covale54  covale none ? G NPM . C1J ? ? ? 14_554 H NPM . C1J   ? ? A NPM 1  A NPM 2  1_555  ? ? ? ? ? ? ?            1.115 ? ? 
covale55  covale none ? G NPM . C1S ? ? ? 1_555  H NPM . C1G   ? ? A NPM 1  A NPM 2  14_554 ? ? ? ? ? ? ?            1.548 ? ? 
covale56  covale none ? G NPM . C1T ? ? ? 1_555  H NPM . C1D   ? ? A NPM 1  A NPM 2  14_554 ? ? ? ? ? ? ?            1.948 ? ? 
covale57  covale none ? G NPM . C1M ? ? ? 14_554 H NPM . C1I   ? ? A NPM 1  A NPM 2  1_555  ? ? ? ? ? ? ?            1.397 ? ? 
covale58  covale none ? G NPM . C1O ? ? ? 14_554 H NPM . C1I   ? ? A NPM 1  A NPM 2  1_555  ? ? ? ? ? ? ?            1.643 ? ? 
covale59  covale none ? G NPM . C1N ? ? ? 14_554 H NPM . C1I   ? ? A NPM 1  A NPM 2  1_555  ? ? ? ? ? ? ?            1.243 ? ? 
covale60  covale none ? G NPM . C1P ? ? ? 14_554 H NPM . C1H   ? ? A NPM 1  A NPM 2  1_555  ? ? ? ? ? ? ?            1.885 ? ? 
covale61  covale none ? G NPM . C1O ? ? ? 14_554 H NPM . C1H   ? ? A NPM 1  A NPM 2  1_555  ? ? ? ? ? ? ?            1.306 ? ? 
covale62  covale none ? G NPM . C1N ? ? ? 14_554 H NPM . C1H   ? ? A NPM 1  A NPM 2  1_555  ? ? ? ? ? ? ?            1.566 ? ? 
covale63  covale none ? G NPM . C1S ? ? ? 14_554 H NPM . C1G   ? ? A NPM 1  A NPM 2  1_555  ? ? ? ? ? ? ?            1.548 ? ? 
covale64  covale none ? G NPM . C1R ? ? ? 14_554 H NPM . C1G   ? ? A NPM 1  A NPM 2  1_555  ? ? ? ? ? ? ?            1.535 ? ? 
covale65  covale none ? G NPM . C1Q ? ? ? 14_554 H NPM . C1G   ? ? A NPM 1  A NPM 2  1_555  ? ? ? ? ? ? ?            1.934 ? ? 
covale66  covale none ? G NPM . C1N ? ? ? 14_554 H NPM . C1G   ? ? A NPM 1  A NPM 2  1_555  ? ? ? ? ? ? ?            1.975 ? ? 
covale67  covale none ? G NPM . C1R ? ? ? 14_554 H NPM . C1F   ? ? A NPM 1  A NPM 2  1_555  ? ? ? ? ? ? ?            1.781 ? ? 
covale68  covale none ? G NPM . C1Q ? ? ? 14_554 H NPM . C1F   ? ? A NPM 1  A NPM 2  1_555  ? ? ? ? ? ? ?            1.466 ? ? 
covale69  covale none ? G NPM . N13 ? ? ? 14_554 H NPM . C1F   ? ? A NPM 1  A NPM 2  1_555  ? ? ? ? ? ? ?            1.235 ? ? 
covale70  covale none ? G NPM . N13 ? ? ? 14_554 H NPM . C1E   ? ? A NPM 1  A NPM 2  1_555  ? ? ? ? ? ? ?            1.633 ? ? 
covale71  covale none ? G NPM . C1U ? ? ? 1_555  H NPM . C1D   ? ? A NPM 1  A NPM 2  14_554 ? ? ? ? ? ? ?            1.408 ? ? 
covale72  covale none ? G NPM . C1U ? ? ? 14_554 H NPM . C1D   ? ? A NPM 1  A NPM 2  1_555  ? ? ? ? ? ? ?            1.408 ? ? 
covale73  covale none ? G NPM . C1T ? ? ? 14_554 H NPM . C1D   ? ? A NPM 1  A NPM 2  1_555  ? ? ? ? ? ? ?            1.948 ? ? 
covale74  covale none ? G NPM . N14 ? ? ? 14_554 H NPM . C1D   ? ? A NPM 1  A NPM 2  1_555  ? ? ? ? ? ? ?            1.269 ? ? 
covale75  covale none ? G NPM . C1Y ? ? ? 14_554 H NPM . C1C   ? ? A NPM 1  A NPM 2  1_555  ? ? ? ? ? ? ?            1.337 ? ? 
covale76  covale none ? G NPM . N14 ? ? ? 14_554 H NPM . C1C   ? ? A NPM 1  A NPM 2  1_555  ? ? ? ? ? ? ?            1.374 ? ? 
covale77  covale none ? G NPM . C1Y ? ? ? 14_554 H NPM . C1B   ? ? A NPM 1  A NPM 2  1_555  ? ? ? ? ? ? ?            1.979 ? ? 
covale78  covale none ? G NPM . C1L ? ? ? 14_554 H NPM . C1O   ? ? A NPM 1  A NPM 2  1_555  ? ? ? ? ? ? ?            1.733 ? ? 
covale79  covale none ? G NPM . C1N ? ? ? 14_554 H NPM . C1J   ? ? A NPM 1  A NPM 2  1_555  ? ? ? ? ? ? ?            1.441 ? ? 
covale80  covale none ? G NPM . C1R ? ? ? 14_554 H NPM . N12   ? ? A NPM 1  A NPM 2  1_555  ? ? ? ? ? ? ?            1.887 ? ? 
covale81  covale none ? G NPM . C1Q ? ? ? 14_554 H NPM . N12   ? ? A NPM 1  A NPM 2  1_555  ? ? ? ? ? ? ?            1.776 ? ? 
covale82  covale none ? G NPM . C1K ? ? ? 14_554 H NPM . C1J   ? ? A NPM 1  A NPM 2  1_555  ? ? ? ? ? ? ?            1.880 ? ? 
covale83  covale none ? G NPM . C1Y ? ? ? 1_555  H NPM . C1B   ? ? A NPM 1  A NPM 2  14_554 ? ? ? ? ? ? ?            1.979 ? ? 
covale84  covale none ? G NPM . C1Y ? ? ? 1_555  H NPM . C1C   ? ? A NPM 1  A NPM 2  14_554 ? ? ? ? ? ? ?            1.337 ? ? 
covale85  covale none ? G NPM . N11 ? ? ? 1_555  I NPM . C1S   ? ? A NPM 1  A NPM 3  14_554 ? ? ? ? ? ? ?            1.606 ? ? 
covale86  covale none ? G NPM . C1A ? ? ? 1_555  I NPM . C1R   ? ? A NPM 1  A NPM 3  14_554 ? ? ? ? ? ? ?            1.717 ? ? 
covale87  covale none ? G NPM . C1E ? ? ? 1_555  I NPM . C1R   ? ? A NPM 1  A NPM 3  14_554 ? ? ? ? ? ? ?            1.942 ? ? 
covale88  covale none ? G NPM . C1E ? ? ? 1_555  I NPM . C1S   ? ? A NPM 1  A NPM 3  14_554 ? ? ? ? ? ? ?            1.713 ? ? 
covale89  covale none ? G NPM . C1E ? ? ? 14_554 I NPM . C1S   ? ? A NPM 1  A NPM 3  1_555  ? ? ? ? ? ? ?            1.713 ? ? 
covale90  covale none ? G NPM . N11 ? ? ? 14_554 I NPM . C1S   ? ? A NPM 1  A NPM 3  1_555  ? ? ? ? ? ? ?            1.606 ? ? 
covale91  covale none ? G NPM . C1E ? ? ? 14_554 I NPM . C1R   ? ? A NPM 1  A NPM 3  1_555  ? ? ? ? ? ? ?            1.942 ? ? 
covale92  covale none ? G NPM . C1A ? ? ? 14_554 I NPM . C1R   ? ? A NPM 1  A NPM 3  1_555  ? ? ? ? ? ? ?            1.717 ? ? 
covale93  covale none ? G NPM . C1Q ? ? ? 1_555  B DC  1 O2    A ? A NPM 1  B DC  31 21_455 ? ? ? ? ? ? ?            1.970 ? ? 
covale94  covale none ? G NPM . C1W ? ? ? 1_555  B DG  2 "C4'" A ? A NPM 1  B DG  32 21_455 ? ? ? ? ? ? ?            1.900 ? ? 
covale95  covale none ? G NPM . C1V ? ? ? 1_555  B DG  2 "C4'" A ? A NPM 1  B DG  32 21_455 ? ? ? ? ? ? ?            1.683 ? ? 
covale96  covale none ? G NPM . C1V ? ? ? 1_555  B DG  2 "O4'" A ? A NPM 1  B DG  32 21_455 ? ? ? ? ? ? ?            1.970 ? ? 
covale97  covale one  ? I NPM . C1Y ? ? ? 1_555  B DC  1 "O3'" A ? A NPM 3  B DC  31 21_455 ? ? ? ? ? ? ?            1.775 ? ? 
covale98  covale one  ? I NPM . C1W ? ? ? 1_555  B DC  1 "O3'" A ? A NPM 3  B DC  31 21_455 ? ? ? ? ? ? ?            1.785 ? ? 
covale99  covale none ? I NPM . C1Y ? ? ? 1_555  B DG  2 OP1   A ? A NPM 3  B DG  32 21_455 ? ? ? ? ? ? ?            2.010 ? ? 
covale100 covale none ? I NPM . C1X ? ? ? 1_555  B DG  2 OP1   A ? A NPM 3  B DG  32 21_455 ? ? ? ? ? ? ?            1.643 ? ? 
covale101 covale one  ? I NPM . C1X ? ? ? 1_555  B DG  2 P     A ? A NPM 3  B DG  32 21_455 ? ? ? ? ? ? ?            1.462 ? ? 
covale102 covale none ? M NPM . C1V ? ? ? 1_555  B DA  4 C2    A ? B NPM 30 B DA  34 14_555 ? ? ? ? ? ? ?            1.472 ? ? 
covale103 covale none ? M NPM . C1V ? ? ? 1_555  B DA  4 N3    A ? B NPM 30 B DA  34 14_555 ? ? ? ? ? ? ?            1.968 ? ? 
covale104 covale none ? M NPM . C1W ? ? ? 1_555  B DA  4 N1    A ? B NPM 30 B DA  34 14_555 ? ? ? ? ? ? ?            1.660 ? ? 
covale105 covale none ? M NPM . C1W ? ? ? 1_555  B DA  4 C2    A ? B NPM 30 B DA  34 14_555 ? ? ? ? ? ? ?            1.730 ? ? 
covale106 covale none ? M NPM . C1M ? ? ? 1_555  B DC  5 OP1   A ? B NPM 30 B DC  35 24_555 ? ? ? ? ? ? ?            1.823 ? ? 
covale107 covale none ? M NPM . C1M ? ? ? 1_555  B DC  5 "C5'" A ? B NPM 30 B DC  35 24_555 ? ? ? ? ? ? ?            1.980 ? ? 
metalc1   metalc ?    ? G NPM . N11 ? ? ? 1_555  C FE2 . FE    ? ? A NPM 1  A FE2 4  1_555  ? ? ? ? ? ? ?            1.993 ? ? 
metalc2   metalc ?    ? G NPM . N12 ? ? ? 1_555  C FE2 . FE    ? ? A NPM 1  A FE2 4  1_555  ? ? ? ? ? ? ?            1.961 ? ? 
metalc3   metalc ?    ? G NPM . N13 ? ? ? 1_555  D FE2 . FE    ? ? A NPM 1  A FE2 5  1_555  ? ? ? ? ? ? ?            1.988 ? ? 
metalc4   metalc ?    ? G NPM . N14 ? ? ? 1_555  D FE2 . FE    ? ? A NPM 1  A FE2 5  1_555  ? ? ? ? ? ? ?            1.978 ? ? 
metalc5   metalc ?    ? H NPM . N11 ? ? ? 1_555  C FE2 . FE    ? ? A NPM 2  A FE2 4  1_555  ? ? ? ? ? ? ?            1.987 ? ? 
metalc6   metalc ?    ? H NPM . N12 ? ? ? 1_555  C FE2 . FE    ? ? A NPM 2  A FE2 4  1_555  ? ? ? ? ? ? ?            2.001 ? ? 
metalc7   metalc ?    ? H NPM . N13 ? ? ? 14_554 C FE2 . FE    ? ? A NPM 2  A FE2 4  1_555  ? ? ? ? ? ? ?            2.424 ? ? 
metalc8   metalc ?    ? H NPM . N13 ? ? ? 1_555  D FE2 . FE    ? ? A NPM 2  A FE2 5  1_555  ? ? ? ? ? ? ?            1.970 ? ? 
metalc9   metalc ?    ? H NPM . N14 ? ? ? 1_555  D FE2 . FE    ? ? A NPM 2  A FE2 5  1_555  ? ? ? ? ? ? ?            2.006 ? ? 
metalc10  metalc ?    ? H NPM . N11 ? ? ? 1_555  D FE2 . FE    ? ? A NPM 2  A FE2 5  14_554 ? ? ? ? ? ? ?            1.452 ? ? 
metalc11  metalc ?    ? H NPM . C1E ? ? ? 1_555  D FE2 . FE    ? ? A NPM 2  A FE2 5  14_554 ? ? ? ? ? ? ?            1.496 ? ? 
metalc12  metalc ?    ? I NPM . N11 ? ? ? 1_555  C FE2 . FE    ? ? A NPM 3  A FE2 4  1_555  ? ? ? ? ? ? ?            1.939 ? ? 
metalc13  metalc ?    ? I NPM . N12 ? ? ? 1_555  C FE2 . FE    ? ? A NPM 3  A FE2 4  1_555  ? ? ? ? ? ? ?            1.981 ? ? 
metalc14  metalc ?    ? I NPM . N13 ? ? ? 1_555  C FE2 . FE    ? ? A NPM 3  A FE2 4  14_554 ? ? ? ? ? ? ?            1.697 ? ? 
metalc15  metalc ?    ? I NPM . C1P ? ? ? 1_555  C FE2 . FE    ? ? A NPM 3  A FE2 4  14_554 ? ? ? ? ? ? ?            1.743 ? ? 
metalc16  metalc ?    ? I NPM . C1R ? ? ? 1_555  C FE2 . FE    ? ? A NPM 3  A FE2 4  14_554 ? ? ? ? ? ? ?            1.508 ? ? 
metalc17  metalc ?    ? I NPM . N13 ? ? ? 1_555  D FE2 . FE    ? ? A NPM 3  A FE2 5  1_555  ? ? ? ? ? ? ?            1.973 ? ? 
metalc18  metalc ?    ? I NPM . N14 ? ? ? 1_555  D FE2 . FE    ? ? A NPM 3  A FE2 5  1_555  ? ? ? ? ? ? ?            1.964 ? ? 
metalc19  metalc ?    ? I NPM . N11 ? ? ? 14_554 D FE2 . FE    ? ? A NPM 3  A FE2 5  1_555  ? ? ? ? ? ? ?            2.604 ? ? 
metalc20  metalc ?    ? C FE2 . FE  ? ? ? 1_555  D FE2 . FE    ? ? A FE2 4  A FE2 5  14_554 ? ? ? ? ? ? ?            2.744 ? ? 
metalc21  metalc ?    ? E FE2 . FE  ? ? ? 1_555  J NPM . N11   ? ? A FE2 6  A NPM 10 1_555  ? ? ? ? ? ? ?            1.987 ? ? 
metalc22  metalc ?    ? E FE2 . FE  ? ? ? 1_555  J NPM . N12   ? ? A FE2 6  A NPM 10 1_555  ? ? ? ? ? ? ?            1.960 ? ? 
metalc23  metalc ?    ? E FE2 . FE  ? ? ? 10_655 J NPM . N12   ? ? A FE2 6  A NPM 10 1_555  ? ? ? ? ? ? ?            1.914 ? ? 
metalc24  metalc ?    ? E FE2 . FE  ? ? ? 10_655 J NPM . N11   ? ? A FE2 6  A NPM 10 1_555  ? ? ? ? ? ? ?            1.747 ? ? 
metalc25  metalc ?    ? E FE2 . FE  ? ? ? 7_564  J NPM . N11   ? ? A FE2 6  A NPM 10 1_555  ? ? ? ? ? ? ?            1.992 ? ? 
metalc26  metalc ?    ? E FE2 . FE  ? ? ? 1_555  J NPM . N12   ? ? A FE2 6  A NPM 10 10_655 ? ? ? ? ? ? ?            2.178 ? ? 
metalc27  metalc ?    ? E FE2 . FE  ? ? ? 1_555  J NPM . N12   ? ? A FE2 6  A NPM 10 7_564  ? ? ? ? ? ? ?            1.914 ? ? 
metalc28  metalc ?    ? E FE2 . FE  ? ? ? 1_555  J NPM . N11   ? ? A FE2 6  A NPM 10 10_655 ? ? ? ? ? ? ?            1.992 ? ? 
metalc29  metalc ?    ? E FE2 . FE  ? ? ? 1_555  J NPM . N11   ? ? A FE2 6  A NPM 10 7_564  ? ? ? ? ? ? ?            1.747 ? ? 
metalc30  metalc ?    ? F FE2 . FE  ? ? ? 1_555  J NPM . N13   ? ? A FE2 7  A NPM 10 1_555  ? ? ? ? ? ? ?            1.988 ? ? 
metalc31  metalc ?    ? F FE2 . FE  ? ? ? 1_555  J NPM . N14   ? ? A FE2 7  A NPM 10 1_555  ? ? ? ? ? ? ?            1.981 ? ? 
metalc32  metalc ?    ? F FE2 . FE  ? ? ? 7_564  J NPM . N14   ? ? A FE2 7  A NPM 10 1_555  ? ? ? ? ? ? ?            1.981 ? ? 
metalc33  metalc ?    ? F FE2 . FE  ? ? ? 10_655 J NPM . N14   ? ? A FE2 7  A NPM 10 1_555  ? ? ? ? ? ? ?            1.981 ? ? 
metalc34  metalc ?    ? F FE2 . FE  ? ? ? 7_564  J NPM . N13   ? ? A FE2 7  A NPM 10 1_555  ? ? ? ? ? ? ?            1.988 ? ? 
metalc35  metalc ?    ? F FE2 . FE  ? ? ? 1_555  J NPM . N14   ? ? A FE2 7  A NPM 10 10_655 ? ? ? ? ? ? ?            1.981 ? ? 
metalc36  metalc ?    ? F FE2 . FE  ? ? ? 1_555  J NPM . N14   ? ? A FE2 7  A NPM 10 7_564  ? ? ? ? ? ? ?            1.981 ? ? 
metalc37  metalc ?    ? F FE2 . FE  ? ? ? 1_555  J NPM . N13   ? ? A FE2 7  A NPM 10 10_655 ? ? ? ? ? ? ?            1.988 ? ? 
metalc38  metalc ?    ? F FE2 . FE  ? ? ? 1_555  J NPM . N13   ? ? A FE2 7  A NPM 10 7_564  ? ? ? ? ? ? ?            1.988 ? ? 
metalc39  metalc ?    ? F FE2 . FE  ? ? ? 10_655 J NPM . N13   ? ? A FE2 7  A NPM 10 1_555  ? ? ? ? ? ? ?            1.988 ? ? 
metalc40  metalc ?    ? K FE2 . FE  ? ? ? 1_555  M NPM . N11   ? ? B FE2 8  B NPM 30 1_555  ? ? ? ? ? ? ?            1.986 ? ? 
metalc41  metalc ?    ? K FE2 . FE  ? ? ? 1_555  M NPM . N12   ? ? B FE2 8  B NPM 30 1_555  ? ? ? ? ? ? ?            1.964 ? ? 
metalc42  metalc ?    ? K FE2 . FE  ? ? ? 1_555  M NPM . N11   ? ? B FE2 8  B NPM 30 9_555  ? ? ? ? ? ? ?            1.491 ? ? 
metalc43  metalc ?    ? K FE2 . FE  ? ? ? 1_555  M NPM . N11   ? ? B FE2 8  B NPM 30 5_555  ? ? ? ? ? ? ?            1.890 ? ? 
metalc44  metalc ?    ? K FE2 . FE  ? ? ? 5_555  M NPM . N11   ? ? B FE2 8  B NPM 30 1_555  ? ? ? ? ? ? ?            1.491 ? ? 
metalc45  metalc ?    ? K FE2 . FE  ? ? ? 9_555  M NPM . N11   ? ? B FE2 8  B NPM 30 1_555  ? ? ? ? ? ? ?            1.890 ? ? 
metalc46  metalc ?    ? K FE2 . FE  ? ? ? 5_555  M NPM . N12   ? ? B FE2 8  B NPM 30 1_555  ? ? ? ? ? ? ?            1.786 ? ? 
metalc47  metalc ?    ? K FE2 . FE  ? ? ? 1_555  M NPM . N12   ? ? B FE2 8  B NPM 30 9_555  ? ? ? ? ? ? ?            1.786 ? ? 
metalc48  metalc ?    ? K FE2 . FE  ? ? ? 1_555  M NPM . N12   ? ? B FE2 8  B NPM 30 5_555  ? ? ? ? ? ? ?            2.300 ? ? 
metalc49  metalc ?    ? L FE2 . FE  ? ? ? 1_555  M NPM . N13   ? ? B FE2 9  B NPM 30 1_555  ? ? ? ? ? ? ?            1.988 ? ? 
metalc50  metalc ?    ? L FE2 . FE  ? ? ? 1_555  M NPM . N14   ? ? B FE2 9  B NPM 30 1_555  ? ? ? ? ? ? ?            1.979 ? ? 
metalc51  metalc ?    ? L FE2 . FE  ? ? ? 5_555  M NPM . N13   ? ? B FE2 9  B NPM 30 1_555  ? ? ? ? ? ? ?            1.988 ? ? 
metalc52  metalc ?    ? L FE2 . FE  ? ? ? 9_555  M NPM . N13   ? ? B FE2 9  B NPM 30 1_555  ? ? ? ? ? ? ?            1.988 ? ? 
metalc53  metalc ?    ? L FE2 . FE  ? ? ? 5_555  M NPM . N14   ? ? B FE2 9  B NPM 30 1_555  ? ? ? ? ? ? ?            1.979 ? ? 
metalc54  metalc ?    ? L FE2 . FE  ? ? ? 14_555 M NPM . N13   ? ? B FE2 9  B NPM 30 1_555  ? ? ? ? ? ? ?            1.896 ? ? 
metalc55  metalc ?    ? L FE2 . FE  ? ? ? 19_555 M NPM . N13   ? ? B FE2 9  B NPM 30 1_555  ? ? ? ? ? ? ?            1.896 ? ? 
metalc56  metalc ?    ? L FE2 . FE  ? ? ? 24_555 M NPM . N13   ? ? B FE2 9  B NPM 30 1_555  ? ? ? ? ? ? ?            1.896 ? ? 
metalc57  metalc ?    ? L FE2 . FE  ? ? ? 9_555  M NPM . N14   ? ? B FE2 9  B NPM 30 1_555  ? ? ? ? ? ? ?            1.979 ? ? 
metalc58  metalc ?    ? L FE2 . FE  ? ? ? 1_555  M NPM . N14   ? ? B FE2 9  B NPM 30 5_555  ? ? ? ? ? ? ?            1.979 ? ? 
metalc59  metalc ?    ? L FE2 . FE  ? ? ? 1_555  M NPM . N13   ? ? B FE2 9  B NPM 30 24_555 ? ? ? ? ? ? ?            1.896 ? ? 
metalc60  metalc ?    ? L FE2 . FE  ? ? ? 1_555  M NPM . N14   ? ? B FE2 9  B NPM 30 9_555  ? ? ? ? ? ? ?            1.979 ? ? 
metalc61  metalc ?    ? L FE2 . FE  ? ? ? 1_555  M NPM . N13   ? ? B FE2 9  B NPM 30 19_555 ? ? ? ? ? ? ?            1.896 ? ? 
metalc62  metalc ?    ? L FE2 . FE  ? ? ? 1_555  M NPM . N13   ? ? B FE2 9  B NPM 30 14_555 ? ? ? ? ? ? ?            1.896 ? ? 
metalc63  metalc ?    ? L FE2 . FE  ? ? ? 1_555  M NPM . N13   ? ? B FE2 9  B NPM 30 9_555  ? ? ? ? ? ? ?            1.988 ? ? 
metalc64  metalc ?    ? L FE2 . FE  ? ? ? 1_555  M NPM . N13   ? ? B FE2 9  B NPM 30 5_555  ? ? ? ? ? ? ?            1.988 ? ? 
hydrog1   hydrog ?    ? B DG  2 N2  A ? ? 1_555  B DC  5 O2    A ? B DG  32 B DC  35 24_555 ? ? ? ? ? ? 'DG-DC PAIR' ?     ? ? 
hydrog2   hydrog ?    ? B DC  5 O2  A ? ? 1_555  B DG  2 N2    A ? B DC  35 B DG  32 24_555 ? ? ? ? ? ? 'DC-DG PAIR' ?     ? ? 
# 
loop_
_struct_conn_type.id 
_struct_conn_type.criteria 
_struct_conn_type.reference 
covale ? ? 
metalc ? ? 
hydrog ? ? 
# 
loop_
_pdbx_struct_conn_angle.id 
_pdbx_struct_conn_angle.ptnr1_label_atom_id 
_pdbx_struct_conn_angle.ptnr1_label_alt_id 
_pdbx_struct_conn_angle.ptnr1_label_asym_id 
_pdbx_struct_conn_angle.ptnr1_label_comp_id 
_pdbx_struct_conn_angle.ptnr1_label_seq_id 
_pdbx_struct_conn_angle.ptnr1_auth_atom_id 
_pdbx_struct_conn_angle.ptnr1_auth_asym_id 
_pdbx_struct_conn_angle.ptnr1_auth_comp_id 
_pdbx_struct_conn_angle.ptnr1_auth_seq_id 
_pdbx_struct_conn_angle.ptnr1_PDB_ins_code 
_pdbx_struct_conn_angle.ptnr1_symmetry 
_pdbx_struct_conn_angle.ptnr2_label_atom_id 
_pdbx_struct_conn_angle.ptnr2_label_alt_id 
_pdbx_struct_conn_angle.ptnr2_label_asym_id 
_pdbx_struct_conn_angle.ptnr2_label_comp_id 
_pdbx_struct_conn_angle.ptnr2_label_seq_id 
_pdbx_struct_conn_angle.ptnr2_auth_atom_id 
_pdbx_struct_conn_angle.ptnr2_auth_asym_id 
_pdbx_struct_conn_angle.ptnr2_auth_comp_id 
_pdbx_struct_conn_angle.ptnr2_auth_seq_id 
_pdbx_struct_conn_angle.ptnr2_PDB_ins_code 
_pdbx_struct_conn_angle.ptnr2_symmetry 
_pdbx_struct_conn_angle.ptnr3_label_atom_id 
_pdbx_struct_conn_angle.ptnr3_label_alt_id 
_pdbx_struct_conn_angle.ptnr3_label_asym_id 
_pdbx_struct_conn_angle.ptnr3_label_comp_id 
_pdbx_struct_conn_angle.ptnr3_label_seq_id 
_pdbx_struct_conn_angle.ptnr3_auth_atom_id 
_pdbx_struct_conn_angle.ptnr3_auth_asym_id 
_pdbx_struct_conn_angle.ptnr3_auth_comp_id 
_pdbx_struct_conn_angle.ptnr3_auth_seq_id 
_pdbx_struct_conn_angle.ptnr3_PDB_ins_code 
_pdbx_struct_conn_angle.ptnr3_symmetry 
_pdbx_struct_conn_angle.value 
_pdbx_struct_conn_angle.value_esd 
1   N11 ? G NPM . ? A NPM 1  ? 1_555  FE ? C FE2 . ? A FE2 4 ? 1_555 N12 ? G NPM . ? A NPM 1  ? 1_555  80.0  ? 
2   N11 ? G NPM . ? A NPM 1  ? 1_555  FE ? C FE2 . ? A FE2 4 ? 1_555 N11 ? H NPM . ? A NPM 2  ? 1_555  91.7  ? 
3   N12 ? G NPM . ? A NPM 1  ? 1_555  FE ? C FE2 . ? A FE2 4 ? 1_555 N11 ? H NPM . ? A NPM 2  ? 1_555  89.5  ? 
4   N11 ? G NPM . ? A NPM 1  ? 1_555  FE ? C FE2 . ? A FE2 4 ? 1_555 N12 ? H NPM . ? A NPM 2  ? 1_555  169.7 ? 
5   N12 ? G NPM . ? A NPM 1  ? 1_555  FE ? C FE2 . ? A FE2 4 ? 1_555 N12 ? H NPM . ? A NPM 2  ? 1_555  93.4  ? 
6   N11 ? H NPM . ? A NPM 2  ? 1_555  FE ? C FE2 . ? A FE2 4 ? 1_555 N12 ? H NPM . ? A NPM 2  ? 1_555  80.2  ? 
7   N11 ? G NPM . ? A NPM 1  ? 1_555  FE ? C FE2 . ? A FE2 4 ? 1_555 N13 ? H NPM . ? A NPM 2  ? 14_554 90.6  ? 
8   N12 ? G NPM . ? A NPM 1  ? 1_555  FE ? C FE2 . ? A FE2 4 ? 1_555 N13 ? H NPM . ? A NPM 2  ? 14_554 75.2  ? 
9   N11 ? H NPM . ? A NPM 2  ? 1_555  FE ? C FE2 . ? A FE2 4 ? 1_555 N13 ? H NPM . ? A NPM 2  ? 14_554 14.5  ? 
10  N12 ? H NPM . ? A NPM 2  ? 1_555  FE ? C FE2 . ? A FE2 4 ? 1_555 N13 ? H NPM . ? A NPM 2  ? 14_554 80.0  ? 
11  N11 ? G NPM . ? A NPM 1  ? 1_555  FE ? C FE2 . ? A FE2 4 ? 1_555 N11 ? I NPM . ? A NPM 3  ? 1_555  93.9  ? 
12  N12 ? G NPM . ? A NPM 1  ? 1_555  FE ? C FE2 . ? A FE2 4 ? 1_555 N11 ? I NPM . ? A NPM 3  ? 1_555  173.5 ? 
13  N11 ? H NPM . ? A NPM 2  ? 1_555  FE ? C FE2 . ? A FE2 4 ? 1_555 N11 ? I NPM . ? A NPM 3  ? 1_555  92.7  ? 
14  N12 ? H NPM . ? A NPM 2  ? 1_555  FE ? C FE2 . ? A FE2 4 ? 1_555 N11 ? I NPM . ? A NPM 3  ? 1_555  92.9  ? 
15  N13 ? H NPM . ? A NPM 2  ? 14_554 FE ? C FE2 . ? A FE2 4 ? 1_555 N11 ? I NPM . ? A NPM 3  ? 1_555  107.1 ? 
16  N11 ? G NPM . ? A NPM 1  ? 1_555  FE ? C FE2 . ? A FE2 4 ? 1_555 N12 ? I NPM . ? A NPM 3  ? 1_555  90.6  ? 
17  N12 ? G NPM . ? A NPM 1  ? 1_555  FE ? C FE2 . ? A FE2 4 ? 1_555 N12 ? I NPM . ? A NPM 3  ? 1_555  95.6  ? 
18  N11 ? H NPM . ? A NPM 2  ? 1_555  FE ? C FE2 . ? A FE2 4 ? 1_555 N12 ? I NPM . ? A NPM 3  ? 1_555  174.7 ? 
19  N12 ? H NPM . ? A NPM 2  ? 1_555  FE ? C FE2 . ? A FE2 4 ? 1_555 N12 ? I NPM . ? A NPM 3  ? 1_555  98.0  ? 
20  N13 ? H NPM . ? A NPM 2  ? 14_554 FE ? C FE2 . ? A FE2 4 ? 1_555 N12 ? I NPM . ? A NPM 3  ? 1_555  170.3 ? 
21  N11 ? I NPM . ? A NPM 3  ? 1_555  FE ? C FE2 . ? A FE2 4 ? 1_555 N12 ? I NPM . ? A NPM 3  ? 1_555  82.3  ? 
22  N11 ? G NPM . ? A NPM 1  ? 1_555  FE ? C FE2 . ? A FE2 4 ? 1_555 N13 ? I NPM . ? A NPM 3  ? 1_555  114.6 ? 
23  N12 ? G NPM . ? A NPM 1  ? 1_555  FE ? C FE2 . ? A FE2 4 ? 1_555 N13 ? I NPM . ? A NPM 3  ? 1_555  49.7  ? 
24  N11 ? H NPM . ? A NPM 2  ? 1_555  FE ? C FE2 . ? A FE2 4 ? 1_555 N13 ? I NPM . ? A NPM 3  ? 1_555  121.3 ? 
25  N12 ? H NPM . ? A NPM 2  ? 1_555  FE ? C FE2 . ? A FE2 4 ? 1_555 N13 ? I NPM . ? A NPM 3  ? 1_555  65.3  ? 
26  N13 ? H NPM . ? A NPM 2  ? 14_554 FE ? C FE2 . ? A FE2 4 ? 1_555 N13 ? I NPM . ? A NPM 3  ? 1_555  109.1 ? 
27  N11 ? I NPM . ? A NPM 3  ? 1_555  FE ? C FE2 . ? A FE2 4 ? 1_555 N13 ? I NPM . ? A NPM 3  ? 1_555  132.9 ? 
28  N12 ? I NPM . ? A NPM 3  ? 1_555  FE ? C FE2 . ? A FE2 4 ? 1_555 N13 ? I NPM . ? A NPM 3  ? 1_555  61.8  ? 
29  N11 ? G NPM . ? A NPM 1  ? 1_555  FE ? C FE2 . ? A FE2 4 ? 1_555 C1P ? I NPM . ? A NPM 3  ? 1_555  109.0 ? 
30  N12 ? G NPM . ? A NPM 1  ? 1_555  FE ? C FE2 . ? A FE2 4 ? 1_555 C1P ? I NPM . ? A NPM 3  ? 1_555  45.9  ? 
31  N11 ? H NPM . ? A NPM 2  ? 1_555  FE ? C FE2 . ? A FE2 4 ? 1_555 C1P ? I NPM . ? A NPM 3  ? 1_555  122.5 ? 
32  N12 ? H NPM . ? A NPM 2  ? 1_555  FE ? C FE2 . ? A FE2 4 ? 1_555 C1P ? I NPM . ? A NPM 3  ? 1_555  70.8  ? 
33  N13 ? H NPM . ? A NPM 2  ? 14_554 FE ? C FE2 . ? A FE2 4 ? 1_555 C1P ? I NPM . ? A NPM 3  ? 1_555  109.5 ? 
34  N11 ? I NPM . ? A NPM 3  ? 1_555  FE ? C FE2 . ? A FE2 4 ? 1_555 C1P ? I NPM . ? A NPM 3  ? 1_555  136.1 ? 
35  N12 ? I NPM . ? A NPM 3  ? 1_555  FE ? C FE2 . ? A FE2 4 ? 1_555 C1P ? I NPM . ? A NPM 3  ? 1_555  61.1  ? 
36  N13 ? I NPM . ? A NPM 3  ? 1_555  FE ? C FE2 . ? A FE2 4 ? 1_555 C1P ? I NPM . ? A NPM 3  ? 1_555  5.7   ? 
37  N11 ? G NPM . ? A NPM 1  ? 1_555  FE ? C FE2 . ? A FE2 4 ? 1_555 C1R ? I NPM . ? A NPM 3  ? 1_555  106.7 ? 
38  N12 ? G NPM . ? A NPM 1  ? 1_555  FE ? C FE2 . ? A FE2 4 ? 1_555 C1R ? I NPM . ? A NPM 3  ? 1_555  54.5  ? 
39  N11 ? H NPM . ? A NPM 2  ? 1_555  FE ? C FE2 . ? A FE2 4 ? 1_555 C1R ? I NPM . ? A NPM 3  ? 1_555  133.9 ? 
40  N12 ? H NPM . ? A NPM 2  ? 1_555  FE ? C FE2 . ? A FE2 4 ? 1_555 C1R ? I NPM . ? A NPM 3  ? 1_555  75.1  ? 
41  N13 ? H NPM . ? A NPM 2  ? 14_554 FE ? C FE2 . ? A FE2 4 ? 1_555 C1R ? I NPM . ? A NPM 3  ? 1_555  121.0 ? 
42  N11 ? I NPM . ? A NPM 3  ? 1_555  FE ? C FE2 . ? A FE2 4 ? 1_555 C1R ? I NPM . ? A NPM 3  ? 1_555  126.5 ? 
43  N12 ? I NPM . ? A NPM 3  ? 1_555  FE ? C FE2 . ? A FE2 4 ? 1_555 C1R ? I NPM . ? A NPM 3  ? 1_555  49.6  ? 
44  N13 ? I NPM . ? A NPM 3  ? 1_555  FE ? C FE2 . ? A FE2 4 ? 1_555 C1R ? I NPM . ? A NPM 3  ? 1_555  13.2  ? 
45  C1P ? I NPM . ? A NPM 3  ? 1_555  FE ? C FE2 . ? A FE2 4 ? 1_555 C1R ? I NPM . ? A NPM 3  ? 1_555  11.5  ? 
46  N11 ? G NPM . ? A NPM 1  ? 1_555  FE ? C FE2 . ? A FE2 4 ? 1_555 FE  ? D FE2 . ? A FE2 5  ? 14_554 105.8 ? 
47  N12 ? G NPM . ? A NPM 1  ? 1_555  FE ? C FE2 . ? A FE2 4 ? 1_555 FE  ? D FE2 . ? A FE2 5  ? 14_554 118.5 ? 
48  N11 ? H NPM . ? A NPM 2  ? 1_555  FE ? C FE2 . ? A FE2 4 ? 1_555 FE  ? D FE2 . ? A FE2 5  ? 14_554 30.8  ? 
49  N12 ? H NPM . ? A NPM 2  ? 1_555  FE ? C FE2 . ? A FE2 4 ? 1_555 FE  ? D FE2 . ? A FE2 5  ? 14_554 70.3  ? 
50  N13 ? H NPM . ? A NPM 2  ? 14_554 FE ? C FE2 . ? A FE2 4 ? 1_555 FE  ? D FE2 . ? A FE2 5  ? 14_554 44.3  ? 
51  N11 ? I NPM . ? A NPM 3  ? 1_555  FE ? C FE2 . ? A FE2 4 ? 1_555 FE  ? D FE2 . ? A FE2 5  ? 14_554 64.9  ? 
52  N12 ? I NPM . ? A NPM 3  ? 1_555  FE ? C FE2 . ? A FE2 4 ? 1_555 FE  ? D FE2 . ? A FE2 5  ? 14_554 143.9 ? 
53  N13 ? I NPM . ? A NPM 3  ? 1_555  FE ? C FE2 . ? A FE2 4 ? 1_555 FE  ? D FE2 . ? A FE2 5  ? 14_554 132.1 ? 
54  C1P ? I NPM . ? A NPM 3  ? 1_555  FE ? C FE2 . ? A FE2 4 ? 1_555 FE  ? D FE2 . ? A FE2 5  ? 14_554 136.3 ? 
55  C1R ? I NPM . ? A NPM 3  ? 1_555  FE ? C FE2 . ? A FE2 4 ? 1_555 FE  ? D FE2 . ? A FE2 5  ? 14_554 144.3 ? 
56  N13 ? G NPM . ? A NPM 1  ? 1_555  FE ? D FE2 . ? A FE2 5 ? 1_555 N14 ? G NPM . ? A NPM 1  ? 1_555  79.8  ? 
57  N13 ? G NPM . ? A NPM 1  ? 1_555  FE ? D FE2 . ? A FE2 5 ? 1_555 N13 ? H NPM . ? A NPM 2  ? 1_555  96.7  ? 
58  N14 ? G NPM . ? A NPM 1  ? 1_555  FE ? D FE2 . ? A FE2 5 ? 1_555 N13 ? H NPM . ? A NPM 2  ? 1_555  88.3  ? 
59  N13 ? G NPM . ? A NPM 1  ? 1_555  FE ? D FE2 . ? A FE2 5 ? 1_555 N14 ? H NPM . ? A NPM 2  ? 1_555  174.3 ? 
60  N14 ? G NPM . ? A NPM 1  ? 1_555  FE ? D FE2 . ? A FE2 5 ? 1_555 N14 ? H NPM . ? A NPM 2  ? 1_555  94.9  ? 
61  N13 ? H NPM . ? A NPM 2  ? 1_555  FE ? D FE2 . ? A FE2 5 ? 1_555 N14 ? H NPM . ? A NPM 2  ? 1_555  80.9  ? 
62  N13 ? G NPM . ? A NPM 1  ? 1_555  FE ? D FE2 . ? A FE2 5 ? 1_555 N11 ? H NPM . ? A NPM 2  ? 1_555  53.9  ? 
63  N14 ? G NPM . ? A NPM 1  ? 1_555  FE ? D FE2 . ? A FE2 5 ? 1_555 N11 ? H NPM . ? A NPM 2  ? 1_555  121.1 ? 
64  N13 ? H NPM . ? A NPM 2  ? 1_555  FE ? D FE2 . ? A FE2 5 ? 1_555 N11 ? H NPM . ? A NPM 2  ? 1_555  66.4  ? 
65  N14 ? H NPM . ? A NPM 2  ? 1_555  FE ? D FE2 . ? A FE2 5 ? 1_555 N11 ? H NPM . ? A NPM 2  ? 1_555  128.7 ? 
66  N13 ? G NPM . ? A NPM 1  ? 1_555  FE ? D FE2 . ? A FE2 5 ? 1_555 C1E ? H NPM . ? A NPM 2  ? 1_555  47.9  ? 
67  N14 ? G NPM . ? A NPM 1  ? 1_555  FE ? D FE2 . ? A FE2 5 ? 1_555 C1E ? H NPM . ? A NPM 2  ? 1_555  115.8 ? 
68  N13 ? H NPM . ? A NPM 2  ? 1_555  FE ? D FE2 . ? A FE2 5 ? 1_555 C1E ? H NPM . ? A NPM 2  ? 1_555  68.2  ? 
69  N14 ? H NPM . ? A NPM 2  ? 1_555  FE ? D FE2 . ? A FE2 5 ? 1_555 C1E ? H NPM . ? A NPM 2  ? 1_555  134.5 ? 
70  N11 ? H NPM . ? A NPM 2  ? 1_555  FE ? D FE2 . ? A FE2 5 ? 1_555 C1E ? H NPM . ? A NPM 2  ? 1_555  6.2   ? 
71  N13 ? G NPM . ? A NPM 1  ? 1_555  FE ? D FE2 . ? A FE2 5 ? 1_555 N13 ? I NPM . ? A NPM 3  ? 1_555  97.1  ? 
72  N14 ? G NPM . ? A NPM 1  ? 1_555  FE ? D FE2 . ? A FE2 5 ? 1_555 N13 ? I NPM . ? A NPM 3  ? 1_555  174.6 ? 
73  N13 ? H NPM . ? A NPM 2  ? 1_555  FE ? D FE2 . ? A FE2 5 ? 1_555 N13 ? I NPM . ? A NPM 3  ? 1_555  96.5  ? 
74  N14 ? H NPM . ? A NPM 2  ? 1_555  FE ? D FE2 . ? A FE2 5 ? 1_555 N13 ? I NPM . ? A NPM 3  ? 1_555  88.3  ? 
75  N11 ? H NPM . ? A NPM 2  ? 1_555  FE ? D FE2 . ? A FE2 5 ? 1_555 N13 ? I NPM . ? A NPM 3  ? 1_555  59.3  ? 
76  C1E ? H NPM . ? A NPM 2  ? 1_555  FE ? D FE2 . ? A FE2 5 ? 1_555 N13 ? I NPM . ? A NPM 3  ? 1_555  64.2  ? 
77  N13 ? G NPM . ? A NPM 1  ? 1_555  FE ? D FE2 . ? A FE2 5 ? 1_555 N14 ? I NPM . ? A NPM 3  ? 1_555  90.1  ? 
78  N14 ? G NPM . ? A NPM 1  ? 1_555  FE ? D FE2 . ? A FE2 5 ? 1_555 N14 ? I NPM . ? A NPM 3  ? 1_555  93.9  ? 
79  N13 ? H NPM . ? A NPM 2  ? 1_555  FE ? D FE2 . ? A FE2 5 ? 1_555 N14 ? I NPM . ? A NPM 3  ? 1_555  173.1 ? 
80  N14 ? H NPM . ? A NPM 2  ? 1_555  FE ? D FE2 . ? A FE2 5 ? 1_555 N14 ? I NPM . ? A NPM 3  ? 1_555  92.4  ? 
81  N11 ? H NPM . ? A NPM 2  ? 1_555  FE ? D FE2 . ? A FE2 5 ? 1_555 N14 ? I NPM . ? A NPM 3  ? 1_555  117.5 ? 
82  C1E ? H NPM . ? A NPM 2  ? 1_555  FE ? D FE2 . ? A FE2 5 ? 1_555 N14 ? I NPM . ? A NPM 3  ? 1_555  116.4 ? 
83  N13 ? I NPM . ? A NPM 3  ? 1_555  FE ? D FE2 . ? A FE2 5 ? 1_555 N14 ? I NPM . ? A NPM 3  ? 1_555  81.5  ? 
84  N13 ? G NPM . ? A NPM 1  ? 1_555  FE ? D FE2 . ? A FE2 5 ? 1_555 N11 ? I NPM . ? A NPM 3  ? 14_554 102.5 ? 
85  N14 ? G NPM . ? A NPM 1  ? 1_555  FE ? D FE2 . ? A FE2 5 ? 1_555 N11 ? I NPM . ? A NPM 3  ? 14_554 171.2 ? 
86  N13 ? H NPM . ? A NPM 2  ? 1_555  FE ? D FE2 . ? A FE2 5 ? 1_555 N11 ? I NPM . ? A NPM 3  ? 14_554 99.8  ? 
87  N14 ? H NPM . ? A NPM 2  ? 1_555  FE ? D FE2 . ? A FE2 5 ? 1_555 N11 ? I NPM . ? A NPM 3  ? 14_554 83.0  ? 
88  N11 ? H NPM . ? A NPM 2  ? 1_555  FE ? D FE2 . ? A FE2 5 ? 1_555 N11 ? I NPM . ? A NPM 3  ? 14_554 66.0  ? 
89  C1E ? H NPM . ? A NPM 2  ? 1_555  FE ? D FE2 . ? A FE2 5 ? 1_555 N11 ? I NPM . ? A NPM 3  ? 14_554 70.9  ? 
90  N13 ? I NPM . ? A NPM 3  ? 1_555  FE ? D FE2 . ? A FE2 5 ? 1_555 N11 ? I NPM . ? A NPM 3  ? 14_554 6.8   ? 
91  N14 ? I NPM . ? A NPM 3  ? 1_555  FE ? D FE2 . ? A FE2 5 ? 1_555 N11 ? I NPM . ? A NPM 3  ? 14_554 77.6  ? 
92  N11 ? J NPM . ? A NPM 10 ? 1_555  FE ? E FE2 . ? A FE2 6 ? 1_555 N12 ? J NPM . ? A NPM 10 ? 1_555  80.5  ? 
93  N11 ? J NPM . ? A NPM 10 ? 1_555  FE ? E FE2 . ? A FE2 6 ? 1_555 N12 ? J NPM . ? A NPM 10 ? 1_555  80.5  ? 
94  N12 ? J NPM . ? A NPM 10 ? 1_555  FE ? E FE2 . ? A FE2 6 ? 1_555 N12 ? J NPM . ? A NPM 10 ? 1_555  0.0   ? 
95  N11 ? J NPM . ? A NPM 10 ? 1_555  FE ? E FE2 . ? A FE2 6 ? 1_555 N11 ? J NPM . ? A NPM 10 ? 1_555  0.0   ? 
96  N12 ? J NPM . ? A NPM 10 ? 1_555  FE ? E FE2 . ? A FE2 6 ? 1_555 N11 ? J NPM . ? A NPM 10 ? 1_555  80.5  ? 
97  N12 ? J NPM . ? A NPM 10 ? 1_555  FE ? E FE2 . ? A FE2 6 ? 1_555 N11 ? J NPM . ? A NPM 10 ? 1_555  80.5  ? 
98  N11 ? J NPM . ? A NPM 10 ? 1_555  FE ? E FE2 . ? A FE2 6 ? 1_555 N11 ? J NPM . ? A NPM 10 ? 1_555  0.0   ? 
99  N12 ? J NPM . ? A NPM 10 ? 1_555  FE ? E FE2 . ? A FE2 6 ? 1_555 N11 ? J NPM . ? A NPM 10 ? 1_555  80.5  ? 
100 N12 ? J NPM . ? A NPM 10 ? 1_555  FE ? E FE2 . ? A FE2 6 ? 1_555 N11 ? J NPM . ? A NPM 10 ? 1_555  80.5  ? 
101 N11 ? J NPM . ? A NPM 10 ? 1_555  FE ? E FE2 . ? A FE2 6 ? 1_555 N11 ? J NPM . ? A NPM 10 ? 1_555  0.0   ? 
102 N11 ? J NPM . ? A NPM 10 ? 1_555  FE ? E FE2 . ? A FE2 6 ? 1_555 N12 ? J NPM . ? A NPM 10 ? 10_655 85.9  ? 
103 N12 ? J NPM . ? A NPM 10 ? 1_555  FE ? E FE2 . ? A FE2 6 ? 1_555 N12 ? J NPM . ? A NPM 10 ? 10_655 92.1  ? 
104 N12 ? J NPM . ? A NPM 10 ? 1_555  FE ? E FE2 . ? A FE2 6 ? 1_555 N12 ? J NPM . ? A NPM 10 ? 10_655 92.1  ? 
105 N11 ? J NPM . ? A NPM 10 ? 1_555  FE ? E FE2 . ? A FE2 6 ? 1_555 N12 ? J NPM . ? A NPM 10 ? 10_655 85.9  ? 
106 N11 ? J NPM . ? A NPM 10 ? 1_555  FE ? E FE2 . ? A FE2 6 ? 1_555 N12 ? J NPM . ? A NPM 10 ? 10_655 85.9  ? 
107 N11 ? J NPM . ? A NPM 10 ? 1_555  FE ? E FE2 . ? A FE2 6 ? 1_555 N12 ? J NPM . ? A NPM 10 ? 7_564  178.7 ? 
108 N12 ? J NPM . ? A NPM 10 ? 1_555  FE ? E FE2 . ? A FE2 6 ? 1_555 N12 ? J NPM . ? A NPM 10 ? 7_564  100.7 ? 
109 N12 ? J NPM . ? A NPM 10 ? 1_555  FE ? E FE2 . ? A FE2 6 ? 1_555 N12 ? J NPM . ? A NPM 10 ? 7_564  100.7 ? 
110 N11 ? J NPM . ? A NPM 10 ? 1_555  FE ? E FE2 . ? A FE2 6 ? 1_555 N12 ? J NPM . ? A NPM 10 ? 7_564  178.7 ? 
111 N11 ? J NPM . ? A NPM 10 ? 1_555  FE ? E FE2 . ? A FE2 6 ? 1_555 N12 ? J NPM . ? A NPM 10 ? 7_564  178.7 ? 
112 N12 ? J NPM . ? A NPM 10 ? 10_655 FE ? E FE2 . ? A FE2 6 ? 1_555 N12 ? J NPM . ? A NPM 10 ? 7_564  93.4  ? 
113 N11 ? J NPM . ? A NPM 10 ? 1_555  FE ? E FE2 . ? A FE2 6 ? 1_555 N11 ? J NPM . ? A NPM 10 ? 10_655 85.4  ? 
114 N12 ? J NPM . ? A NPM 10 ? 1_555  FE ? E FE2 . ? A FE2 6 ? 1_555 N11 ? J NPM . ? A NPM 10 ? 10_655 161.7 ? 
115 N12 ? J NPM . ? A NPM 10 ? 1_555  FE ? E FE2 . ? A FE2 6 ? 1_555 N11 ? J NPM . ? A NPM 10 ? 10_655 161.7 ? 
116 N11 ? J NPM . ? A NPM 10 ? 1_555  FE ? E FE2 . ? A FE2 6 ? 1_555 N11 ? J NPM . ? A NPM 10 ? 10_655 85.4  ? 
117 N11 ? J NPM . ? A NPM 10 ? 1_555  FE ? E FE2 . ? A FE2 6 ? 1_555 N11 ? J NPM . ? A NPM 10 ? 10_655 85.4  ? 
118 N12 ? J NPM . ? A NPM 10 ? 10_655 FE ? E FE2 . ? A FE2 6 ? 1_555 N11 ? J NPM . ? A NPM 10 ? 10_655 75.2  ? 
119 N12 ? J NPM . ? A NPM 10 ? 7_564  FE ? E FE2 . ? A FE2 6 ? 1_555 N11 ? J NPM . ? A NPM 10 ? 10_655 93.4  ? 
120 N11 ? J NPM . ? A NPM 10 ? 1_555  FE ? E FE2 . ? A FE2 6 ? 1_555 N11 ? J NPM . ? A NPM 10 ? 7_564  92.3  ? 
121 N12 ? J NPM . ? A NPM 10 ? 1_555  FE ? E FE2 . ? A FE2 6 ? 1_555 N11 ? J NPM . ? A NPM 10 ? 7_564  100.0 ? 
122 N12 ? J NPM . ? A NPM 10 ? 1_555  FE ? E FE2 . ? A FE2 6 ? 1_555 N11 ? J NPM . ? A NPM 10 ? 7_564  100.0 ? 
123 N11 ? J NPM . ? A NPM 10 ? 1_555  FE ? E FE2 . ? A FE2 6 ? 1_555 N11 ? J NPM . ? A NPM 10 ? 7_564  92.3  ? 
124 N11 ? J NPM . ? A NPM 10 ? 1_555  FE ? E FE2 . ? A FE2 6 ? 1_555 N11 ? J NPM . ? A NPM 10 ? 7_564  92.3  ? 
125 N12 ? J NPM . ? A NPM 10 ? 10_655 FE ? E FE2 . ? A FE2 6 ? 1_555 N11 ? J NPM . ? A NPM 10 ? 7_564  167.3 ? 
126 N12 ? J NPM . ? A NPM 10 ? 7_564  FE ? E FE2 . ? A FE2 6 ? 1_555 N11 ? J NPM . ? A NPM 10 ? 7_564  88.1  ? 
127 N11 ? J NPM . ? A NPM 10 ? 10_655 FE ? E FE2 . ? A FE2 6 ? 1_555 N11 ? J NPM . ? A NPM 10 ? 7_564  92.1  ? 
128 N13 ? J NPM . ? A NPM 10 ? 1_555  FE ? F FE2 . ? A FE2 7 ? 1_555 N14 ? J NPM . ? A NPM 10 ? 1_555  81.0  ? 
129 N13 ? J NPM . ? A NPM 10 ? 1_555  FE ? F FE2 . ? A FE2 7 ? 1_555 N14 ? J NPM . ? A NPM 10 ? 1_555  81.0  ? 
130 N14 ? J NPM . ? A NPM 10 ? 1_555  FE ? F FE2 . ? A FE2 7 ? 1_555 N14 ? J NPM . ? A NPM 10 ? 1_555  0.0   ? 
131 N13 ? J NPM . ? A NPM 10 ? 1_555  FE ? F FE2 . ? A FE2 7 ? 1_555 N14 ? J NPM . ? A NPM 10 ? 1_555  81.0  ? 
132 N14 ? J NPM . ? A NPM 10 ? 1_555  FE ? F FE2 . ? A FE2 7 ? 1_555 N14 ? J NPM . ? A NPM 10 ? 1_555  0.0   ? 
133 N14 ? J NPM . ? A NPM 10 ? 1_555  FE ? F FE2 . ? A FE2 7 ? 1_555 N14 ? J NPM . ? A NPM 10 ? 1_555  0.0   ? 
134 N13 ? J NPM . ? A NPM 10 ? 1_555  FE ? F FE2 . ? A FE2 7 ? 1_555 N13 ? J NPM . ? A NPM 10 ? 1_555  0.0   ? 
135 N14 ? J NPM . ? A NPM 10 ? 1_555  FE ? F FE2 . ? A FE2 7 ? 1_555 N13 ? J NPM . ? A NPM 10 ? 1_555  81.0  ? 
136 N14 ? J NPM . ? A NPM 10 ? 1_555  FE ? F FE2 . ? A FE2 7 ? 1_555 N13 ? J NPM . ? A NPM 10 ? 1_555  81.0  ? 
137 N14 ? J NPM . ? A NPM 10 ? 1_555  FE ? F FE2 . ? A FE2 7 ? 1_555 N13 ? J NPM . ? A NPM 10 ? 1_555  81.0  ? 
138 N13 ? J NPM . ? A NPM 10 ? 1_555  FE ? F FE2 . ? A FE2 7 ? 1_555 N14 ? J NPM . ? A NPM 10 ? 10_655 88.8  ? 
139 N14 ? J NPM . ? A NPM 10 ? 1_555  FE ? F FE2 . ? A FE2 7 ? 1_555 N14 ? J NPM . ? A NPM 10 ? 10_655 95.5  ? 
140 N14 ? J NPM . ? A NPM 10 ? 1_555  FE ? F FE2 . ? A FE2 7 ? 1_555 N14 ? J NPM . ? A NPM 10 ? 10_655 95.5  ? 
141 N14 ? J NPM . ? A NPM 10 ? 1_555  FE ? F FE2 . ? A FE2 7 ? 1_555 N14 ? J NPM . ? A NPM 10 ? 10_655 95.5  ? 
142 N13 ? J NPM . ? A NPM 10 ? 1_555  FE ? F FE2 . ? A FE2 7 ? 1_555 N14 ? J NPM . ? A NPM 10 ? 10_655 88.8  ? 
143 N13 ? J NPM . ? A NPM 10 ? 1_555  FE ? F FE2 . ? A FE2 7 ? 1_555 N14 ? J NPM . ? A NPM 10 ? 7_564  174.7 ? 
144 N14 ? J NPM . ? A NPM 10 ? 1_555  FE ? F FE2 . ? A FE2 7 ? 1_555 N14 ? J NPM . ? A NPM 10 ? 7_564  95.5  ? 
145 N14 ? J NPM . ? A NPM 10 ? 1_555  FE ? F FE2 . ? A FE2 7 ? 1_555 N14 ? J NPM . ? A NPM 10 ? 7_564  95.5  ? 
146 N14 ? J NPM . ? A NPM 10 ? 1_555  FE ? F FE2 . ? A FE2 7 ? 1_555 N14 ? J NPM . ? A NPM 10 ? 7_564  95.5  ? 
147 N13 ? J NPM . ? A NPM 10 ? 1_555  FE ? F FE2 . ? A FE2 7 ? 1_555 N14 ? J NPM . ? A NPM 10 ? 7_564  174.7 ? 
148 N14 ? J NPM . ? A NPM 10 ? 10_655 FE ? F FE2 . ? A FE2 7 ? 1_555 N14 ? J NPM . ? A NPM 10 ? 7_564  95.5  ? 
149 N13 ? J NPM . ? A NPM 10 ? 1_555  FE ? F FE2 . ? A FE2 7 ? 1_555 N13 ? J NPM . ? A NPM 10 ? 10_655 94.9  ? 
150 N14 ? J NPM . ? A NPM 10 ? 1_555  FE ? F FE2 . ? A FE2 7 ? 1_555 N13 ? J NPM . ? A NPM 10 ? 10_655 174.7 ? 
151 N14 ? J NPM . ? A NPM 10 ? 1_555  FE ? F FE2 . ? A FE2 7 ? 1_555 N13 ? J NPM . ? A NPM 10 ? 10_655 174.7 ? 
152 N14 ? J NPM . ? A NPM 10 ? 1_555  FE ? F FE2 . ? A FE2 7 ? 1_555 N13 ? J NPM . ? A NPM 10 ? 10_655 174.7 ? 
153 N13 ? J NPM . ? A NPM 10 ? 1_555  FE ? F FE2 . ? A FE2 7 ? 1_555 N13 ? J NPM . ? A NPM 10 ? 10_655 94.9  ? 
154 N14 ? J NPM . ? A NPM 10 ? 10_655 FE ? F FE2 . ? A FE2 7 ? 1_555 N13 ? J NPM . ? A NPM 10 ? 10_655 81.0  ? 
155 N14 ? J NPM . ? A NPM 10 ? 7_564  FE ? F FE2 . ? A FE2 7 ? 1_555 N13 ? J NPM . ? A NPM 10 ? 10_655 88.8  ? 
156 N13 ? J NPM . ? A NPM 10 ? 1_555  FE ? F FE2 . ? A FE2 7 ? 1_555 N13 ? J NPM . ? A NPM 10 ? 7_564  94.9  ? 
157 N14 ? J NPM . ? A NPM 10 ? 1_555  FE ? F FE2 . ? A FE2 7 ? 1_555 N13 ? J NPM . ? A NPM 10 ? 7_564  88.8  ? 
158 N14 ? J NPM . ? A NPM 10 ? 1_555  FE ? F FE2 . ? A FE2 7 ? 1_555 N13 ? J NPM . ? A NPM 10 ? 7_564  88.8  ? 
159 N14 ? J NPM . ? A NPM 10 ? 1_555  FE ? F FE2 . ? A FE2 7 ? 1_555 N13 ? J NPM . ? A NPM 10 ? 7_564  88.8  ? 
160 N13 ? J NPM . ? A NPM 10 ? 1_555  FE ? F FE2 . ? A FE2 7 ? 1_555 N13 ? J NPM . ? A NPM 10 ? 7_564  94.9  ? 
161 N14 ? J NPM . ? A NPM 10 ? 10_655 FE ? F FE2 . ? A FE2 7 ? 1_555 N13 ? J NPM . ? A NPM 10 ? 7_564  174.7 ? 
162 N14 ? J NPM . ? A NPM 10 ? 7_564  FE ? F FE2 . ? A FE2 7 ? 1_555 N13 ? J NPM . ? A NPM 10 ? 7_564  81.0  ? 
163 N13 ? J NPM . ? A NPM 10 ? 10_655 FE ? F FE2 . ? A FE2 7 ? 1_555 N13 ? J NPM . ? A NPM 10 ? 7_564  94.9  ? 
164 N13 ? J NPM . ? A NPM 10 ? 1_555  FE ? F FE2 . ? A FE2 7 ? 1_555 N13 ? J NPM . ? A NPM 10 ? 1_555  0.0   ? 
165 N14 ? J NPM . ? A NPM 10 ? 1_555  FE ? F FE2 . ? A FE2 7 ? 1_555 N13 ? J NPM . ? A NPM 10 ? 1_555  81.0  ? 
166 N14 ? J NPM . ? A NPM 10 ? 1_555  FE ? F FE2 . ? A FE2 7 ? 1_555 N13 ? J NPM . ? A NPM 10 ? 1_555  81.0  ? 
167 N14 ? J NPM . ? A NPM 10 ? 1_555  FE ? F FE2 . ? A FE2 7 ? 1_555 N13 ? J NPM . ? A NPM 10 ? 1_555  81.0  ? 
168 N13 ? J NPM . ? A NPM 10 ? 1_555  FE ? F FE2 . ? A FE2 7 ? 1_555 N13 ? J NPM . ? A NPM 10 ? 1_555  0.0   ? 
169 N14 ? J NPM . ? A NPM 10 ? 10_655 FE ? F FE2 . ? A FE2 7 ? 1_555 N13 ? J NPM . ? A NPM 10 ? 1_555  88.8  ? 
170 N14 ? J NPM . ? A NPM 10 ? 7_564  FE ? F FE2 . ? A FE2 7 ? 1_555 N13 ? J NPM . ? A NPM 10 ? 1_555  174.7 ? 
171 N13 ? J NPM . ? A NPM 10 ? 10_655 FE ? F FE2 . ? A FE2 7 ? 1_555 N13 ? J NPM . ? A NPM 10 ? 1_555  94.9  ? 
172 N13 ? J NPM . ? A NPM 10 ? 7_564  FE ? F FE2 . ? A FE2 7 ? 1_555 N13 ? J NPM . ? A NPM 10 ? 1_555  94.9  ? 
173 N11 ? M NPM . ? B NPM 30 ? 1_555  FE ? K FE2 . ? B FE2 8 ? 1_555 N12 ? M NPM . ? B NPM 30 ? 1_555  80.5  ? 
174 N11 ? M NPM . ? B NPM 30 ? 1_555  FE ? K FE2 . ? B FE2 8 ? 1_555 N11 ? M NPM . ? B NPM 30 ? 9_555  88.7  ? 
175 N12 ? M NPM . ? B NPM 30 ? 1_555  FE ? K FE2 . ? B FE2 8 ? 1_555 N11 ? M NPM . ? B NPM 30 ? 9_555  103.2 ? 
176 N11 ? M NPM . ? B NPM 30 ? 1_555  FE ? K FE2 . ? B FE2 8 ? 1_555 N11 ? M NPM . ? B NPM 30 ? 5_555  78.6  ? 
177 N12 ? M NPM . ? B NPM 30 ? 1_555  FE ? K FE2 . ? B FE2 8 ? 1_555 N11 ? M NPM . ? B NPM 30 ? 5_555  153.5 ? 
178 N11 ? M NPM . ? B NPM 30 ? 9_555  FE ? K FE2 . ? B FE2 8 ? 1_555 N11 ? M NPM . ? B NPM 30 ? 5_555  92.4  ? 
179 N11 ? M NPM . ? B NPM 30 ? 1_555  FE ? K FE2 . ? B FE2 8 ? 1_555 N11 ? M NPM . ? B NPM 30 ? 1_555  0.0   ? 
180 N12 ? M NPM . ? B NPM 30 ? 1_555  FE ? K FE2 . ? B FE2 8 ? 1_555 N11 ? M NPM . ? B NPM 30 ? 1_555  80.5  ? 
181 N11 ? M NPM . ? B NPM 30 ? 9_555  FE ? K FE2 . ? B FE2 8 ? 1_555 N11 ? M NPM . ? B NPM 30 ? 1_555  88.7  ? 
182 N11 ? M NPM . ? B NPM 30 ? 5_555  FE ? K FE2 . ? B FE2 8 ? 1_555 N11 ? M NPM . ? B NPM 30 ? 1_555  78.6  ? 
183 N11 ? M NPM . ? B NPM 30 ? 1_555  FE ? K FE2 . ? B FE2 8 ? 1_555 N11 ? M NPM . ? B NPM 30 ? 1_555  0.0   ? 
184 N12 ? M NPM . ? B NPM 30 ? 1_555  FE ? K FE2 . ? B FE2 8 ? 1_555 N11 ? M NPM . ? B NPM 30 ? 1_555  80.5  ? 
185 N11 ? M NPM . ? B NPM 30 ? 9_555  FE ? K FE2 . ? B FE2 8 ? 1_555 N11 ? M NPM . ? B NPM 30 ? 1_555  88.7  ? 
186 N11 ? M NPM . ? B NPM 30 ? 5_555  FE ? K FE2 . ? B FE2 8 ? 1_555 N11 ? M NPM . ? B NPM 30 ? 1_555  78.6  ? 
187 N11 ? M NPM . ? B NPM 30 ? 1_555  FE ? K FE2 . ? B FE2 8 ? 1_555 N11 ? M NPM . ? B NPM 30 ? 1_555  0.0   ? 
188 N11 ? M NPM . ? B NPM 30 ? 1_555  FE ? K FE2 . ? B FE2 8 ? 1_555 N12 ? M NPM . ? B NPM 30 ? 1_555  80.5  ? 
189 N12 ? M NPM . ? B NPM 30 ? 1_555  FE ? K FE2 . ? B FE2 8 ? 1_555 N12 ? M NPM . ? B NPM 30 ? 1_555  0.0   ? 
190 N11 ? M NPM . ? B NPM 30 ? 9_555  FE ? K FE2 . ? B FE2 8 ? 1_555 N12 ? M NPM . ? B NPM 30 ? 1_555  103.2 ? 
191 N11 ? M NPM . ? B NPM 30 ? 5_555  FE ? K FE2 . ? B FE2 8 ? 1_555 N12 ? M NPM . ? B NPM 30 ? 1_555  153.5 ? 
192 N11 ? M NPM . ? B NPM 30 ? 1_555  FE ? K FE2 . ? B FE2 8 ? 1_555 N12 ? M NPM . ? B NPM 30 ? 1_555  80.5  ? 
193 N11 ? M NPM . ? B NPM 30 ? 1_555  FE ? K FE2 . ? B FE2 8 ? 1_555 N12 ? M NPM . ? B NPM 30 ? 1_555  80.5  ? 
194 N11 ? M NPM . ? B NPM 30 ? 1_555  FE ? K FE2 . ? B FE2 8 ? 1_555 N12 ? M NPM . ? B NPM 30 ? 9_555  168.2 ? 
195 N12 ? M NPM . ? B NPM 30 ? 1_555  FE ? K FE2 . ? B FE2 8 ? 1_555 N12 ? M NPM . ? B NPM 30 ? 9_555  101.8 ? 
196 N11 ? M NPM . ? B NPM 30 ? 9_555  FE ? K FE2 . ? B FE2 8 ? 1_555 N12 ? M NPM . ? B NPM 30 ? 9_555  101.9 ? 
197 N11 ? M NPM . ? B NPM 30 ? 5_555  FE ? K FE2 . ? B FE2 8 ? 1_555 N12 ? M NPM . ? B NPM 30 ? 9_555  95.6  ? 
198 N11 ? M NPM . ? B NPM 30 ? 1_555  FE ? K FE2 . ? B FE2 8 ? 1_555 N12 ? M NPM . ? B NPM 30 ? 9_555  168.2 ? 
199 N11 ? M NPM . ? B NPM 30 ? 1_555  FE ? K FE2 . ? B FE2 8 ? 1_555 N12 ? M NPM . ? B NPM 30 ? 9_555  168.2 ? 
200 N12 ? M NPM . ? B NPM 30 ? 1_555  FE ? K FE2 . ? B FE2 8 ? 1_555 N12 ? M NPM . ? B NPM 30 ? 9_555  101.8 ? 
201 N11 ? M NPM . ? B NPM 30 ? 1_555  FE ? K FE2 . ? B FE2 8 ? 1_555 N12 ? M NPM . ? B NPM 30 ? 5_555  78.5  ? 
202 N12 ? M NPM . ? B NPM 30 ? 1_555  FE ? K FE2 . ? B FE2 8 ? 1_555 N12 ? M NPM . ? B NPM 30 ? 5_555  85.8  ? 
203 N11 ? M NPM . ? B NPM 30 ? 9_555  FE ? K FE2 . ? B FE2 8 ? 1_555 N12 ? M NPM . ? B NPM 30 ? 5_555  163.1 ? 
204 N11 ? M NPM . ? B NPM 30 ? 5_555  FE ? K FE2 . ? B FE2 8 ? 1_555 N12 ? M NPM . ? B NPM 30 ? 5_555  74.3  ? 
205 N11 ? M NPM . ? B NPM 30 ? 1_555  FE ? K FE2 . ? B FE2 8 ? 1_555 N12 ? M NPM . ? B NPM 30 ? 5_555  78.5  ? 
206 N11 ? M NPM . ? B NPM 30 ? 1_555  FE ? K FE2 . ? B FE2 8 ? 1_555 N12 ? M NPM . ? B NPM 30 ? 5_555  78.5  ? 
207 N12 ? M NPM . ? B NPM 30 ? 1_555  FE ? K FE2 . ? B FE2 8 ? 1_555 N12 ? M NPM . ? B NPM 30 ? 5_555  85.8  ? 
208 N12 ? M NPM . ? B NPM 30 ? 9_555  FE ? K FE2 . ? B FE2 8 ? 1_555 N12 ? M NPM . ? B NPM 30 ? 5_555  90.0  ? 
209 N13 ? M NPM . ? B NPM 30 ? 1_555  FE ? L FE2 . ? B FE2 9 ? 1_555 N14 ? M NPM . ? B NPM 30 ? 1_555  80.8  ? 
210 N13 ? M NPM . ? B NPM 30 ? 1_555  FE ? L FE2 . ? B FE2 9 ? 1_555 N13 ? M NPM . ? B NPM 30 ? 1_555  0.0   ? 
211 N14 ? M NPM . ? B NPM 30 ? 1_555  FE ? L FE2 . ? B FE2 9 ? 1_555 N13 ? M NPM . ? B NPM 30 ? 1_555  80.8  ? 
212 N13 ? M NPM . ? B NPM 30 ? 1_555  FE ? L FE2 . ? B FE2 9 ? 1_555 N13 ? M NPM . ? B NPM 30 ? 1_555  0.0   ? 
213 N14 ? M NPM . ? B NPM 30 ? 1_555  FE ? L FE2 . ? B FE2 9 ? 1_555 N13 ? M NPM . ? B NPM 30 ? 1_555  80.8  ? 
214 N13 ? M NPM . ? B NPM 30 ? 1_555  FE ? L FE2 . ? B FE2 9 ? 1_555 N13 ? M NPM . ? B NPM 30 ? 1_555  0.0   ? 
215 N13 ? M NPM . ? B NPM 30 ? 1_555  FE ? L FE2 . ? B FE2 9 ? 1_555 N14 ? M NPM . ? B NPM 30 ? 1_555  80.8  ? 
216 N14 ? M NPM . ? B NPM 30 ? 1_555  FE ? L FE2 . ? B FE2 9 ? 1_555 N14 ? M NPM . ? B NPM 30 ? 1_555  0.0   ? 
217 N13 ? M NPM . ? B NPM 30 ? 1_555  FE ? L FE2 . ? B FE2 9 ? 1_555 N14 ? M NPM . ? B NPM 30 ? 1_555  80.8  ? 
218 N13 ? M NPM . ? B NPM 30 ? 1_555  FE ? L FE2 . ? B FE2 9 ? 1_555 N14 ? M NPM . ? B NPM 30 ? 1_555  80.8  ? 
219 N13 ? M NPM . ? B NPM 30 ? 1_555  FE ? L FE2 . ? B FE2 9 ? 1_555 N13 ? M NPM . ? B NPM 30 ? 1_555  0.0   ? 
220 N14 ? M NPM . ? B NPM 30 ? 1_555  FE ? L FE2 . ? B FE2 9 ? 1_555 N13 ? M NPM . ? B NPM 30 ? 1_555  80.8  ? 
221 N13 ? M NPM . ? B NPM 30 ? 1_555  FE ? L FE2 . ? B FE2 9 ? 1_555 N13 ? M NPM . ? B NPM 30 ? 1_555  0.0   ? 
222 N13 ? M NPM . ? B NPM 30 ? 1_555  FE ? L FE2 . ? B FE2 9 ? 1_555 N13 ? M NPM . ? B NPM 30 ? 1_555  0.0   ? 
223 N14 ? M NPM . ? B NPM 30 ? 1_555  FE ? L FE2 . ? B FE2 9 ? 1_555 N13 ? M NPM . ? B NPM 30 ? 1_555  80.8  ? 
224 N13 ? M NPM . ? B NPM 30 ? 1_555  FE ? L FE2 . ? B FE2 9 ? 1_555 N13 ? M NPM . ? B NPM 30 ? 1_555  0.0   ? 
225 N14 ? M NPM . ? B NPM 30 ? 1_555  FE ? L FE2 . ? B FE2 9 ? 1_555 N13 ? M NPM . ? B NPM 30 ? 1_555  80.8  ? 
226 N13 ? M NPM . ? B NPM 30 ? 1_555  FE ? L FE2 . ? B FE2 9 ? 1_555 N13 ? M NPM . ? B NPM 30 ? 1_555  0.0   ? 
227 N13 ? M NPM . ? B NPM 30 ? 1_555  FE ? L FE2 . ? B FE2 9 ? 1_555 N13 ? M NPM . ? B NPM 30 ? 1_555  0.0   ? 
228 N14 ? M NPM . ? B NPM 30 ? 1_555  FE ? L FE2 . ? B FE2 9 ? 1_555 N13 ? M NPM . ? B NPM 30 ? 1_555  80.8  ? 
229 N13 ? M NPM . ? B NPM 30 ? 1_555  FE ? L FE2 . ? B FE2 9 ? 1_555 N13 ? M NPM . ? B NPM 30 ? 1_555  0.0   ? 
230 N13 ? M NPM . ? B NPM 30 ? 1_555  FE ? L FE2 . ? B FE2 9 ? 1_555 N13 ? M NPM . ? B NPM 30 ? 1_555  0.0   ? 
231 N14 ? M NPM . ? B NPM 30 ? 1_555  FE ? L FE2 . ? B FE2 9 ? 1_555 N13 ? M NPM . ? B NPM 30 ? 1_555  80.8  ? 
232 N13 ? M NPM . ? B NPM 30 ? 1_555  FE ? L FE2 . ? B FE2 9 ? 1_555 N13 ? M NPM . ? B NPM 30 ? 1_555  0.0   ? 
233 N13 ? M NPM . ? B NPM 30 ? 1_555  FE ? L FE2 . ? B FE2 9 ? 1_555 N13 ? M NPM . ? B NPM 30 ? 1_555  0.0   ? 
234 N14 ? M NPM . ? B NPM 30 ? 1_555  FE ? L FE2 . ? B FE2 9 ? 1_555 N13 ? M NPM . ? B NPM 30 ? 1_555  80.8  ? 
235 N13 ? M NPM . ? B NPM 30 ? 1_555  FE ? L FE2 . ? B FE2 9 ? 1_555 N13 ? M NPM . ? B NPM 30 ? 1_555  0.0   ? 
236 N13 ? M NPM . ? B NPM 30 ? 1_555  FE ? L FE2 . ? B FE2 9 ? 1_555 N13 ? M NPM . ? B NPM 30 ? 1_555  0.0   ? 
237 N13 ? M NPM . ? B NPM 30 ? 1_555  FE ? L FE2 . ? B FE2 9 ? 1_555 N14 ? M NPM . ? B NPM 30 ? 1_555  80.8  ? 
238 N14 ? M NPM . ? B NPM 30 ? 1_555  FE ? L FE2 . ? B FE2 9 ? 1_555 N14 ? M NPM . ? B NPM 30 ? 1_555  0.0   ? 
239 N13 ? M NPM . ? B NPM 30 ? 1_555  FE ? L FE2 . ? B FE2 9 ? 1_555 N14 ? M NPM . ? B NPM 30 ? 1_555  80.8  ? 
240 N13 ? M NPM . ? B NPM 30 ? 1_555  FE ? L FE2 . ? B FE2 9 ? 1_555 N14 ? M NPM . ? B NPM 30 ? 1_555  80.8  ? 
241 N14 ? M NPM . ? B NPM 30 ? 1_555  FE ? L FE2 . ? B FE2 9 ? 1_555 N14 ? M NPM . ? B NPM 30 ? 1_555  0.0   ? 
242 N13 ? M NPM . ? B NPM 30 ? 1_555  FE ? L FE2 . ? B FE2 9 ? 1_555 N14 ? M NPM . ? B NPM 30 ? 1_555  80.8  ? 
243 N13 ? M NPM . ? B NPM 30 ? 1_555  FE ? L FE2 . ? B FE2 9 ? 1_555 N14 ? M NPM . ? B NPM 30 ? 1_555  80.8  ? 
244 N13 ? M NPM . ? B NPM 30 ? 1_555  FE ? L FE2 . ? B FE2 9 ? 1_555 N14 ? M NPM . ? B NPM 30 ? 1_555  80.8  ? 
245 N13 ? M NPM . ? B NPM 30 ? 1_555  FE ? L FE2 . ? B FE2 9 ? 1_555 N14 ? M NPM . ? B NPM 30 ? 5_555  89.0  ? 
246 N14 ? M NPM . ? B NPM 30 ? 1_555  FE ? L FE2 . ? B FE2 9 ? 1_555 N14 ? M NPM . ? B NPM 30 ? 5_555  92.2  ? 
247 N13 ? M NPM . ? B NPM 30 ? 1_555  FE ? L FE2 . ? B FE2 9 ? 1_555 N14 ? M NPM . ? B NPM 30 ? 5_555  89.0  ? 
248 N13 ? M NPM . ? B NPM 30 ? 1_555  FE ? L FE2 . ? B FE2 9 ? 1_555 N14 ? M NPM . ? B NPM 30 ? 5_555  89.0  ? 
249 N14 ? M NPM . ? B NPM 30 ? 1_555  FE ? L FE2 . ? B FE2 9 ? 1_555 N14 ? M NPM . ? B NPM 30 ? 5_555  92.2  ? 
250 N13 ? M NPM . ? B NPM 30 ? 1_555  FE ? L FE2 . ? B FE2 9 ? 1_555 N14 ? M NPM . ? B NPM 30 ? 5_555  89.0  ? 
251 N13 ? M NPM . ? B NPM 30 ? 1_555  FE ? L FE2 . ? B FE2 9 ? 1_555 N14 ? M NPM . ? B NPM 30 ? 5_555  89.0  ? 
252 N13 ? M NPM . ? B NPM 30 ? 1_555  FE ? L FE2 . ? B FE2 9 ? 1_555 N14 ? M NPM . ? B NPM 30 ? 5_555  89.0  ? 
253 N14 ? M NPM . ? B NPM 30 ? 1_555  FE ? L FE2 . ? B FE2 9 ? 1_555 N14 ? M NPM . ? B NPM 30 ? 5_555  92.2  ? 
254 N13 ? M NPM . ? B NPM 30 ? 1_555  FE ? L FE2 . ? B FE2 9 ? 1_555 N13 ? M NPM . ? B NPM 30 ? 24_555 58.3  ? 
255 N14 ? M NPM . ? B NPM 30 ? 1_555  FE ? L FE2 . ? B FE2 9 ? 1_555 N13 ? M NPM . ? B NPM 30 ? 24_555 126.7 ? 
256 N13 ? M NPM . ? B NPM 30 ? 1_555  FE ? L FE2 . ? B FE2 9 ? 1_555 N13 ? M NPM . ? B NPM 30 ? 24_555 58.3  ? 
257 N13 ? M NPM . ? B NPM 30 ? 1_555  FE ? L FE2 . ? B FE2 9 ? 1_555 N13 ? M NPM . ? B NPM 30 ? 24_555 58.3  ? 
258 N14 ? M NPM . ? B NPM 30 ? 1_555  FE ? L FE2 . ? B FE2 9 ? 1_555 N13 ? M NPM . ? B NPM 30 ? 24_555 126.7 ? 
259 N13 ? M NPM . ? B NPM 30 ? 1_555  FE ? L FE2 . ? B FE2 9 ? 1_555 N13 ? M NPM . ? B NPM 30 ? 24_555 58.3  ? 
260 N13 ? M NPM . ? B NPM 30 ? 1_555  FE ? L FE2 . ? B FE2 9 ? 1_555 N13 ? M NPM . ? B NPM 30 ? 24_555 58.3  ? 
261 N13 ? M NPM . ? B NPM 30 ? 1_555  FE ? L FE2 . ? B FE2 9 ? 1_555 N13 ? M NPM . ? B NPM 30 ? 24_555 58.3  ? 
262 N14 ? M NPM . ? B NPM 30 ? 1_555  FE ? L FE2 . ? B FE2 9 ? 1_555 N13 ? M NPM . ? B NPM 30 ? 24_555 126.7 ? 
263 N14 ? M NPM . ? B NPM 30 ? 5_555  FE ? L FE2 . ? B FE2 9 ? 1_555 N13 ? M NPM . ? B NPM 30 ? 24_555 57.6  ? 
264 N13 ? M NPM . ? B NPM 30 ? 1_555  FE ? L FE2 . ? B FE2 9 ? 1_555 N14 ? M NPM . ? B NPM 30 ? 9_555  173.0 ? 
265 N14 ? M NPM . ? B NPM 30 ? 1_555  FE ? L FE2 . ? B FE2 9 ? 1_555 N14 ? M NPM . ? B NPM 30 ? 9_555  92.2  ? 
266 N13 ? M NPM . ? B NPM 30 ? 1_555  FE ? L FE2 . ? B FE2 9 ? 1_555 N14 ? M NPM . ? B NPM 30 ? 9_555  173.0 ? 
267 N13 ? M NPM . ? B NPM 30 ? 1_555  FE ? L FE2 . ? B FE2 9 ? 1_555 N14 ? M NPM . ? B NPM 30 ? 9_555  173.0 ? 
268 N14 ? M NPM . ? B NPM 30 ? 1_555  FE ? L FE2 . ? B FE2 9 ? 1_555 N14 ? M NPM . ? B NPM 30 ? 9_555  92.2  ? 
269 N13 ? M NPM . ? B NPM 30 ? 1_555  FE ? L FE2 . ? B FE2 9 ? 1_555 N14 ? M NPM . ? B NPM 30 ? 9_555  173.0 ? 
270 N13 ? M NPM . ? B NPM 30 ? 1_555  FE ? L FE2 . ? B FE2 9 ? 1_555 N14 ? M NPM . ? B NPM 30 ? 9_555  173.0 ? 
271 N13 ? M NPM . ? B NPM 30 ? 1_555  FE ? L FE2 . ? B FE2 9 ? 1_555 N14 ? M NPM . ? B NPM 30 ? 9_555  173.0 ? 
272 N14 ? M NPM . ? B NPM 30 ? 1_555  FE ? L FE2 . ? B FE2 9 ? 1_555 N14 ? M NPM . ? B NPM 30 ? 9_555  92.2  ? 
273 N14 ? M NPM . ? B NPM 30 ? 5_555  FE ? L FE2 . ? B FE2 9 ? 1_555 N14 ? M NPM . ? B NPM 30 ? 9_555  92.2  ? 
274 N13 ? M NPM . ? B NPM 30 ? 24_555 FE ? L FE2 . ? B FE2 9 ? 1_555 N14 ? M NPM . ? B NPM 30 ? 9_555  127.8 ? 
275 N13 ? M NPM . ? B NPM 30 ? 1_555  FE ? L FE2 . ? B FE2 9 ? 1_555 N13 ? M NPM . ? B NPM 30 ? 19_555 126.4 ? 
276 N14 ? M NPM . ? B NPM 30 ? 1_555  FE ? L FE2 . ? B FE2 9 ? 1_555 N13 ? M NPM . ? B NPM 30 ? 19_555 127.8 ? 
277 N13 ? M NPM . ? B NPM 30 ? 1_555  FE ? L FE2 . ? B FE2 9 ? 1_555 N13 ? M NPM . ? B NPM 30 ? 19_555 126.4 ? 
278 N13 ? M NPM . ? B NPM 30 ? 1_555  FE ? L FE2 . ? B FE2 9 ? 1_555 N13 ? M NPM . ? B NPM 30 ? 19_555 126.4 ? 
279 N14 ? M NPM . ? B NPM 30 ? 1_555  FE ? L FE2 . ? B FE2 9 ? 1_555 N13 ? M NPM . ? B NPM 30 ? 19_555 127.8 ? 
280 N13 ? M NPM . ? B NPM 30 ? 1_555  FE ? L FE2 . ? B FE2 9 ? 1_555 N13 ? M NPM . ? B NPM 30 ? 19_555 126.4 ? 
281 N13 ? M NPM . ? B NPM 30 ? 1_555  FE ? L FE2 . ? B FE2 9 ? 1_555 N13 ? M NPM . ? B NPM 30 ? 19_555 126.4 ? 
282 N13 ? M NPM . ? B NPM 30 ? 1_555  FE ? L FE2 . ? B FE2 9 ? 1_555 N13 ? M NPM . ? B NPM 30 ? 19_555 126.4 ? 
283 N14 ? M NPM . ? B NPM 30 ? 1_555  FE ? L FE2 . ? B FE2 9 ? 1_555 N13 ? M NPM . ? B NPM 30 ? 19_555 127.8 ? 
284 N14 ? M NPM . ? B NPM 30 ? 5_555  FE ? L FE2 . ? B FE2 9 ? 1_555 N13 ? M NPM . ? B NPM 30 ? 19_555 126.7 ? 
285 N13 ? M NPM . ? B NPM 30 ? 24_555 FE ? L FE2 . ? B FE2 9 ? 1_555 N13 ? M NPM . ? B NPM 30 ? 19_555 104.7 ? 
286 N14 ? M NPM . ? B NPM 30 ? 9_555  FE ? L FE2 . ? B FE2 9 ? 1_555 N13 ? M NPM . ? B NPM 30 ? 19_555 57.6  ? 
287 N13 ? M NPM . ? B NPM 30 ? 1_555  FE ? L FE2 . ? B FE2 9 ? 1_555 N13 ? M NPM . ? B NPM 30 ? 14_555 48.3  ? 
288 N14 ? M NPM . ? B NPM 30 ? 1_555  FE ? L FE2 . ? B FE2 9 ? 1_555 N13 ? M NPM . ? B NPM 30 ? 14_555 57.6  ? 
289 N13 ? M NPM . ? B NPM 30 ? 1_555  FE ? L FE2 . ? B FE2 9 ? 1_555 N13 ? M NPM . ? B NPM 30 ? 14_555 48.3  ? 
290 N13 ? M NPM . ? B NPM 30 ? 1_555  FE ? L FE2 . ? B FE2 9 ? 1_555 N13 ? M NPM . ? B NPM 30 ? 14_555 48.3  ? 
291 N14 ? M NPM . ? B NPM 30 ? 1_555  FE ? L FE2 . ? B FE2 9 ? 1_555 N13 ? M NPM . ? B NPM 30 ? 14_555 57.6  ? 
292 N13 ? M NPM . ? B NPM 30 ? 1_555  FE ? L FE2 . ? B FE2 9 ? 1_555 N13 ? M NPM . ? B NPM 30 ? 14_555 48.3  ? 
293 N13 ? M NPM . ? B NPM 30 ? 1_555  FE ? L FE2 . ? B FE2 9 ? 1_555 N13 ? M NPM . ? B NPM 30 ? 14_555 48.3  ? 
294 N13 ? M NPM . ? B NPM 30 ? 1_555  FE ? L FE2 . ? B FE2 9 ? 1_555 N13 ? M NPM . ? B NPM 30 ? 14_555 48.3  ? 
295 N14 ? M NPM . ? B NPM 30 ? 1_555  FE ? L FE2 . ? B FE2 9 ? 1_555 N13 ? M NPM . ? B NPM 30 ? 14_555 57.6  ? 
296 N14 ? M NPM . ? B NPM 30 ? 5_555  FE ? L FE2 . ? B FE2 9 ? 1_555 N13 ? M NPM . ? B NPM 30 ? 14_555 127.8 ? 
297 N13 ? M NPM . ? B NPM 30 ? 24_555 FE ? L FE2 . ? B FE2 9 ? 1_555 N13 ? M NPM . ? B NPM 30 ? 14_555 104.7 ? 
298 N14 ? M NPM . ? B NPM 30 ? 9_555  FE ? L FE2 . ? B FE2 9 ? 1_555 N13 ? M NPM . ? B NPM 30 ? 14_555 126.7 ? 
299 N13 ? M NPM . ? B NPM 30 ? 19_555 FE ? L FE2 . ? B FE2 9 ? 1_555 N13 ? M NPM . ? B NPM 30 ? 14_555 104.7 ? 
300 N13 ? M NPM . ? B NPM 30 ? 1_555  FE ? L FE2 . ? B FE2 9 ? 1_555 N13 ? M NPM . ? B NPM 30 ? 9_555  98.1  ? 
301 N14 ? M NPM . ? B NPM 30 ? 1_555  FE ? L FE2 . ? B FE2 9 ? 1_555 N13 ? M NPM . ? B NPM 30 ? 9_555  89.0  ? 
302 N13 ? M NPM . ? B NPM 30 ? 1_555  FE ? L FE2 . ? B FE2 9 ? 1_555 N13 ? M NPM . ? B NPM 30 ? 9_555  98.1  ? 
303 N13 ? M NPM . ? B NPM 30 ? 1_555  FE ? L FE2 . ? B FE2 9 ? 1_555 N13 ? M NPM . ? B NPM 30 ? 9_555  98.1  ? 
304 N14 ? M NPM . ? B NPM 30 ? 1_555  FE ? L FE2 . ? B FE2 9 ? 1_555 N13 ? M NPM . ? B NPM 30 ? 9_555  89.0  ? 
305 N13 ? M NPM . ? B NPM 30 ? 1_555  FE ? L FE2 . ? B FE2 9 ? 1_555 N13 ? M NPM . ? B NPM 30 ? 9_555  98.1  ? 
306 N13 ? M NPM . ? B NPM 30 ? 1_555  FE ? L FE2 . ? B FE2 9 ? 1_555 N13 ? M NPM . ? B NPM 30 ? 9_555  98.1  ? 
307 N13 ? M NPM . ? B NPM 30 ? 1_555  FE ? L FE2 . ? B FE2 9 ? 1_555 N13 ? M NPM . ? B NPM 30 ? 9_555  98.1  ? 
308 N14 ? M NPM . ? B NPM 30 ? 1_555  FE ? L FE2 . ? B FE2 9 ? 1_555 N13 ? M NPM . ? B NPM 30 ? 9_555  89.0  ? 
309 N14 ? M NPM . ? B NPM 30 ? 5_555  FE ? L FE2 . ? B FE2 9 ? 1_555 N13 ? M NPM . ? B NPM 30 ? 9_555  173.0 ? 
310 N13 ? M NPM . ? B NPM 30 ? 24_555 FE ? L FE2 . ? B FE2 9 ? 1_555 N13 ? M NPM . ? B NPM 30 ? 9_555  126.4 ? 
311 N14 ? M NPM . ? B NPM 30 ? 9_555  FE ? L FE2 . ? B FE2 9 ? 1_555 N13 ? M NPM . ? B NPM 30 ? 9_555  80.8  ? 
312 N13 ? M NPM . ? B NPM 30 ? 19_555 FE ? L FE2 . ? B FE2 9 ? 1_555 N13 ? M NPM . ? B NPM 30 ? 9_555  48.3  ? 
313 N13 ? M NPM . ? B NPM 30 ? 14_555 FE ? L FE2 . ? B FE2 9 ? 1_555 N13 ? M NPM . ? B NPM 30 ? 9_555  58.3  ? 
314 N13 ? M NPM . ? B NPM 30 ? 1_555  FE ? L FE2 . ? B FE2 9 ? 1_555 N13 ? M NPM . ? B NPM 30 ? 5_555  98.1  ? 
315 N14 ? M NPM . ? B NPM 30 ? 1_555  FE ? L FE2 . ? B FE2 9 ? 1_555 N13 ? M NPM . ? B NPM 30 ? 5_555  173.0 ? 
316 N13 ? M NPM . ? B NPM 30 ? 1_555  FE ? L FE2 . ? B FE2 9 ? 1_555 N13 ? M NPM . ? B NPM 30 ? 5_555  98.1  ? 
317 N13 ? M NPM . ? B NPM 30 ? 1_555  FE ? L FE2 . ? B FE2 9 ? 1_555 N13 ? M NPM . ? B NPM 30 ? 5_555  98.1  ? 
318 N14 ? M NPM . ? B NPM 30 ? 1_555  FE ? L FE2 . ? B FE2 9 ? 1_555 N13 ? M NPM . ? B NPM 30 ? 5_555  173.0 ? 
319 N13 ? M NPM . ? B NPM 30 ? 1_555  FE ? L FE2 . ? B FE2 9 ? 1_555 N13 ? M NPM . ? B NPM 30 ? 5_555  98.1  ? 
320 N13 ? M NPM . ? B NPM 30 ? 1_555  FE ? L FE2 . ? B FE2 9 ? 1_555 N13 ? M NPM . ? B NPM 30 ? 5_555  98.1  ? 
321 N13 ? M NPM . ? B NPM 30 ? 1_555  FE ? L FE2 . ? B FE2 9 ? 1_555 N13 ? M NPM . ? B NPM 30 ? 5_555  98.1  ? 
322 N14 ? M NPM . ? B NPM 30 ? 1_555  FE ? L FE2 . ? B FE2 9 ? 1_555 N13 ? M NPM . ? B NPM 30 ? 5_555  173.0 ? 
323 N14 ? M NPM . ? B NPM 30 ? 5_555  FE ? L FE2 . ? B FE2 9 ? 1_555 N13 ? M NPM . ? B NPM 30 ? 5_555  80.8  ? 
324 N13 ? M NPM . ? B NPM 30 ? 24_555 FE ? L FE2 . ? B FE2 9 ? 1_555 N13 ? M NPM . ? B NPM 30 ? 5_555  48.3  ? 
325 N14 ? M NPM . ? B NPM 30 ? 9_555  FE ? L FE2 . ? B FE2 9 ? 1_555 N13 ? M NPM . ? B NPM 30 ? 5_555  89.0  ? 
326 N13 ? M NPM . ? B NPM 30 ? 19_555 FE ? L FE2 . ? B FE2 9 ? 1_555 N13 ? M NPM . ? B NPM 30 ? 5_555  58.3  ? 
327 N13 ? M NPM . ? B NPM 30 ? 14_555 FE ? L FE2 . ? B FE2 9 ? 1_555 N13 ? M NPM . ? B NPM 30 ? 5_555  126.4 ? 
328 N13 ? M NPM . ? B NPM 30 ? 9_555  FE ? L FE2 . ? B FE2 9 ? 1_555 N13 ? M NPM . ? B NPM 30 ? 5_555  98.1  ? 
# 
loop_
_struct_site.id 
_struct_site.pdbx_evidence_code 
_struct_site.pdbx_auth_asym_id 
_struct_site.pdbx_auth_comp_id 
_struct_site.pdbx_auth_seq_id 
_struct_site.pdbx_auth_ins_code 
_struct_site.pdbx_num_residues 
_struct_site.details 
AC1 Software A FE2 4  ? 7  'BINDING SITE FOR RESIDUE FE2 A 4'  
AC2 Software A FE2 5  ? 6  'BINDING SITE FOR RESIDUE FE2 A 5'  
AC3 Software A FE2 6  ? 3  'BINDING SITE FOR RESIDUE FE2 A 6'  
AC4 Software A FE2 7  ? 3  'BINDING SITE FOR RESIDUE FE2 A 7'  
AC5 Software B FE2 8  ? 3  'BINDING SITE FOR RESIDUE FE2 B 8'  
AC6 Software B FE2 9  ? 6  'BINDING SITE FOR RESIDUE FE2 B 9'  
AC7 Software A NPM 1  ? 14 'BINDING SITE FOR RESIDUE NPM A 1'  
AC8 Software A NPM 2  ? 11 'BINDING SITE FOR RESIDUE NPM A 2'  
AC9 Software A NPM 3  ? 16 'BINDING SITE FOR RESIDUE NPM A 3'  
BC1 Software A NPM 10 ? 12 'BINDING SITE FOR RESIDUE NPM A 10' 
BC2 Software B NPM 30 ? 17 'BINDING SITE FOR RESIDUE NPM B 30' 
# 
loop_
_struct_site_gen.id 
_struct_site_gen.site_id 
_struct_site_gen.pdbx_num_res 
_struct_site_gen.label_comp_id 
_struct_site_gen.label_asym_id 
_struct_site_gen.label_seq_id 
_struct_site_gen.pdbx_auth_ins_code 
_struct_site_gen.auth_comp_id 
_struct_site_gen.auth_asym_id 
_struct_site_gen.auth_seq_id 
_struct_site_gen.label_atom_id 
_struct_site_gen.label_alt_id 
_struct_site_gen.symmetry 
_struct_site_gen.details 
1  AC1 7  NPM G . ? NPM A 1   . ? 1_555  ? 
2  AC1 7  NPM G . ? NPM A 1   . ? 14_554 ? 
3  AC1 7  NPM H . ? NPM A 2   . ? 14_554 ? 
4  AC1 7  NPM H . ? NPM A 2   . ? 1_555  ? 
5  AC1 7  NPM I . ? NPM A 3   . ? 14_554 ? 
6  AC1 7  NPM I . ? NPM A 3   . ? 1_555  ? 
7  AC1 7  FE2 D . ? FE2 A 5   . ? 14_554 ? 
8  AC2 6  NPM G . ? NPM A 1   . ? 1_555  ? 
9  AC2 6  NPM H . ? NPM A 2   . ? 14_554 ? 
10 AC2 6  NPM H . ? NPM A 2   . ? 1_555  ? 
11 AC2 6  NPM I . ? NPM A 3   . ? 1_555  ? 
12 AC2 6  NPM I . ? NPM A 3   . ? 14_554 ? 
13 AC2 6  FE2 C . ? FE2 A 4   . ? 14_554 ? 
14 AC3 3  NPM J . ? NPM A 10  . ? 7_564  ? 
15 AC3 3  NPM J . ? NPM A 10  . ? 1_555  ? 
16 AC3 3  NPM J . ? NPM A 10  . ? 10_655 ? 
17 AC4 3  NPM J . ? NPM A 10  . ? 1_555  ? 
18 AC4 3  NPM J . ? NPM A 10  . ? 7_564  ? 
19 AC4 3  NPM J . ? NPM A 10  . ? 10_655 ? 
20 AC5 3  NPM M . ? NPM B 30  . ? 9_555  ? 
21 AC5 3  NPM M . ? NPM B 30  . ? 1_555  ? 
22 AC5 3  NPM M . ? NPM B 30  . ? 5_555  ? 
23 AC6 6  NPM M . ? NPM B 30  . ? 14_555 ? 
24 AC6 6  NPM M . ? NPM B 30  . ? 1_555  ? 
25 AC6 6  NPM M . ? NPM B 30  . ? 5_555  ? 
26 AC6 6  NPM M . ? NPM B 30  . ? 9_555  ? 
27 AC6 6  NPM M . ? NPM B 30  . ? 19_555 ? 
28 AC6 6  NPM M . ? NPM B 30  . ? 24_555 ? 
29 AC7 14 NPM H . ? NPM A 2   . ? 1_555  ? 
30 AC7 14 NPM H . ? NPM A 2   . ? 14_554 ? 
31 AC7 14 NPM I . ? NPM A 3   . ? 1_555  ? 
32 AC7 14 NPM I . ? NPM A 3   . ? 14_554 ? 
33 AC7 14 FE2 C . ? FE2 A 4   . ? 1_555  ? 
34 AC7 14 FE2 C . ? FE2 A 4   . ? 14_554 ? 
35 AC7 14 FE2 D . ? FE2 A 5   . ? 1_555  ? 
36 AC7 14 DC  A 1 ? DC  A 11  . ? 7_564  ? 
37 AC7 14 DG  A 6 ? DG  A 16  . ? 14_554 ? 
38 AC7 14 HOH N . ? HOH A 145 . ? 1_555  ? 
39 AC7 14 DC  B 1 ? DC  B 31  . ? 21_455 ? 
40 AC7 14 DG  B 2 ? DG  B 32  . ? 21_455 ? 
41 AC7 14 DG  B 6 ? DG  B 36  . ? 13_455 ? 
42 AC7 14 DG  B 6 ? DG  B 36  . ? 2_564  ? 
43 AC8 11 NPM G . ? NPM A 1   . ? 1_555  ? 
44 AC8 11 NPM G . ? NPM A 1   . ? 14_554 ? 
45 AC8 11 NPM I . ? NPM A 3   . ? 14_554 ? 
46 AC8 11 NPM I . ? NPM A 3   . ? 1_555  ? 
47 AC8 11 FE2 C . ? FE2 A 4   . ? 1_555  ? 
48 AC8 11 FE2 C . ? FE2 A 4   . ? 14_554 ? 
49 AC8 11 FE2 D . ? FE2 A 5   . ? 1_555  ? 
50 AC8 11 FE2 D . ? FE2 A 5   . ? 14_554 ? 
51 AC8 11 DG  A 6 ? DG  A 16  . ? 1_555  ? 
52 AC8 11 DC  B 1 ? DC  B 31  . ? 12_564 ? 
53 AC8 11 DG  B 6 ? DG  B 36  . ? 2_564  ? 
54 AC9 16 NPM G . ? NPM A 1   . ? 1_555  ? 
55 AC9 16 NPM G . ? NPM A 1   . ? 14_554 ? 
56 AC9 16 NPM H . ? NPM A 2   . ? 14_554 ? 
57 AC9 16 NPM H . ? NPM A 2   . ? 1_555  ? 
58 AC9 16 FE2 C . ? FE2 A 4   . ? 1_555  ? 
59 AC9 16 FE2 C . ? FE2 A 4   . ? 14_554 ? 
60 AC9 16 FE2 D . ? FE2 A 5   . ? 1_555  ? 
61 AC9 16 FE2 D . ? FE2 A 5   . ? 14_554 ? 
62 AC9 16 DC  A 1 ? DC  A 11  . ? 17_455 ? 
63 AC9 16 DC  A 1 ? DC  A 11  . ? 7_564  ? 
64 AC9 16 DG  A 6 ? DG  A 16  . ? 1_555  ? 
65 AC9 16 HOH N . ? HOH A 130 . ? 7_564  ? 
66 AC9 16 HOH N . ? HOH A 145 . ? 1_555  ? 
67 AC9 16 DC  B 1 ? DC  B 31  . ? 12_564 ? 
68 AC9 16 DC  B 1 ? DC  B 31  . ? 21_455 ? 
69 AC9 16 DG  B 2 ? DG  B 32  . ? 21_455 ? 
70 BC1 12 FE2 E . ? FE2 A 6   . ? 1_555  ? 
71 BC1 12 FE2 E . ? FE2 A 6   . ? 7_564  ? 
72 BC1 12 FE2 E . ? FE2 A 6   . ? 10_655 ? 
73 BC1 12 FE2 F . ? FE2 A 7   . ? 1_555  ? 
74 BC1 12 FE2 F . ? FE2 A 7   . ? 7_564  ? 
75 BC1 12 FE2 F . ? FE2 A 7   . ? 10_655 ? 
76 BC1 12 DT  A 3 ? DT  A 13  . ? 1_555  ? 
77 BC1 12 DA  A 4 ? DA  A 14  . ? 7_564  ? 
78 BC1 12 DA  A 4 ? DA  A 14  . ? 1_555  ? 
79 BC1 12 DC  A 5 ? DC  A 15  . ? 1_555  ? 
80 BC1 12 DC  A 5 ? DC  A 15  . ? 7_564  ? 
81 BC1 12 HOH N . ? HOH A 106 . ? 7_564  ? 
82 BC2 17 FE2 K . ? FE2 B 8   . ? 1_555  ? 
83 BC2 17 FE2 K . ? FE2 B 8   . ? 5_555  ? 
84 BC2 17 FE2 K . ? FE2 B 8   . ? 9_555  ? 
85 BC2 17 FE2 L . ? FE2 B 9   . ? 1_555  ? 
86 BC2 17 FE2 L . ? FE2 B 9   . ? 5_555  ? 
87 BC2 17 FE2 L . ? FE2 B 9   . ? 9_555  ? 
88 BC2 17 FE2 L . ? FE2 B 9   . ? 14_555 ? 
89 BC2 17 FE2 L . ? FE2 B 9   . ? 19_555 ? 
90 BC2 17 FE2 L . ? FE2 B 9   . ? 24_555 ? 
91 BC2 17 DT  B 3 ? DT  B 33  . ? 1_555  ? 
92 BC2 17 DT  B 3 ? DT  B 33  . ? 24_555 ? 
93 BC2 17 DA  B 4 ? DA  B 34  . ? 1_555  ? 
94 BC2 17 DA  B 4 ? DA  B 34  . ? 14_555 ? 
95 BC2 17 DA  B 4 ? DA  B 34  . ? 24_555 ? 
96 BC2 17 DA  B 4 ? DA  B 34  . ? 9_555  ? 
97 BC2 17 DC  B 5 ? DC  B 35  . ? 1_555  ? 
98 BC2 17 DC  B 5 ? DC  B 35  . ? 24_555 ? 
# 
_pdbx_validate_close_contact.id               1 
_pdbx_validate_close_contact.PDB_model_num    1 
_pdbx_validate_close_contact.auth_atom_id_1   OP1 
_pdbx_validate_close_contact.auth_asym_id_1   A 
_pdbx_validate_close_contact.auth_comp_id_1   DG 
_pdbx_validate_close_contact.auth_seq_id_1    12 
_pdbx_validate_close_contact.PDB_ins_code_1   ? 
_pdbx_validate_close_contact.label_alt_id_1   ? 
_pdbx_validate_close_contact.auth_atom_id_2   O 
_pdbx_validate_close_contact.auth_asym_id_2   A 
_pdbx_validate_close_contact.auth_comp_id_2   HOH 
_pdbx_validate_close_contact.auth_seq_id_2    146 
_pdbx_validate_close_contact.PDB_ins_code_2   ? 
_pdbx_validate_close_contact.label_alt_id_2   ? 
_pdbx_validate_close_contact.dist             1.71 
# 
loop_
_pdbx_validate_rmsd_angle.id 
_pdbx_validate_rmsd_angle.PDB_model_num 
_pdbx_validate_rmsd_angle.auth_atom_id_1 
_pdbx_validate_rmsd_angle.auth_asym_id_1 
_pdbx_validate_rmsd_angle.auth_comp_id_1 
_pdbx_validate_rmsd_angle.auth_seq_id_1 
_pdbx_validate_rmsd_angle.PDB_ins_code_1 
_pdbx_validate_rmsd_angle.label_alt_id_1 
_pdbx_validate_rmsd_angle.auth_atom_id_2 
_pdbx_validate_rmsd_angle.auth_asym_id_2 
_pdbx_validate_rmsd_angle.auth_comp_id_2 
_pdbx_validate_rmsd_angle.auth_seq_id_2 
_pdbx_validate_rmsd_angle.PDB_ins_code_2 
_pdbx_validate_rmsd_angle.label_alt_id_2 
_pdbx_validate_rmsd_angle.auth_atom_id_3 
_pdbx_validate_rmsd_angle.auth_asym_id_3 
_pdbx_validate_rmsd_angle.auth_comp_id_3 
_pdbx_validate_rmsd_angle.auth_seq_id_3 
_pdbx_validate_rmsd_angle.PDB_ins_code_3 
_pdbx_validate_rmsd_angle.label_alt_id_3 
_pdbx_validate_rmsd_angle.angle_value 
_pdbx_validate_rmsd_angle.angle_target_value 
_pdbx_validate_rmsd_angle.angle_deviation 
_pdbx_validate_rmsd_angle.angle_standard_deviation 
_pdbx_validate_rmsd_angle.linker_flag 
1  1 "O4'" A DC 11 ? ? "C1'" A DC 11 ? ? N1    A DC 11 ? ? 100.67 108.00 -7.33 0.70 N 
2  1 C5    A DC 11 ? ? C6    A DC 11 ? ? N1    A DC 11 ? ? 125.40 121.00 4.40  0.50 N 
3  1 N1    A DC 11 ? ? C2    A DC 11 ? ? O2    A DC 11 ? ? 113.09 118.90 -5.81 0.60 N 
4  1 N3    A DC 11 ? ? C2    A DC 11 ? ? O2    A DC 11 ? ? 128.61 121.90 6.71  0.70 N 
5  1 N1    A DG 12 ? ? C6    A DG 12 ? ? O6    A DG 12 ? ? 115.44 119.90 -4.46 0.60 N 
6  1 "C3'" A DT 13 ? ? "C2'" A DT 13 ? ? "C1'" A DT 13 ? ? 96.10  102.40 -6.30 0.80 N 
7  1 "O4'" A DT 13 ? ? "C1'" A DT 13 ? ? N1    A DT 13 ? ? 102.80 108.00 -5.20 0.70 N 
8  1 N9    A DA 14 ? ? "C1'" A DA 14 ? ? "C2'" A DA 14 ? ? 122.74 114.30 8.44  1.40 N 
9  1 "O4'" A DA 14 ? ? "C1'" A DA 14 ? ? N9    A DA 14 ? ? 98.53  108.00 -9.47 0.70 N 
10 1 "O4'" A DC 15 ? ? "C1'" A DC 15 ? ? N1    A DC 15 ? ? 100.78 108.00 -7.22 0.70 N 
11 1 "C3'" B DC 31 ? A "O3'" B DC 31 ? A P     B DG 32 ? A 126.93 119.70 7.23  1.20 Y 
12 1 "C3'" B DT 33 ? A "O3'" B DT 33 ? A P     B DA 34 ? A 128.26 119.70 8.56  1.20 Y 
13 1 N9    B DA 34 ? A "C1'" B DA 34 ? A "C2'" B DA 34 ? A 124.66 114.30 10.36 1.40 N 
14 1 "O4'" B DA 34 ? A "C1'" B DA 34 ? A N9    B DA 34 ? A 99.57  108.00 -8.43 0.70 N 
15 1 "O4'" B DC 35 ? A "C1'" B DC 35 ? A N1    B DC 35 ? A 103.40 108.00 -4.60 0.70 N 
# 
loop_
_pdbx_struct_special_symmetry.id 
_pdbx_struct_special_symmetry.PDB_model_num 
_pdbx_struct_special_symmetry.auth_asym_id 
_pdbx_struct_special_symmetry.auth_comp_id 
_pdbx_struct_special_symmetry.auth_seq_id 
_pdbx_struct_special_symmetry.PDB_ins_code 
_pdbx_struct_special_symmetry.label_asym_id 
_pdbx_struct_special_symmetry.label_comp_id 
_pdbx_struct_special_symmetry.label_seq_id 
1 1 A FE2 6 ? E FE2 . 
2 1 A FE2 7 ? F FE2 . 
3 1 B FE2 9 ? L FE2 . 
# 
_pdbx_database_remark.id     600 
_pdbx_database_remark.text   
;HETEROGEN
The het group NPM 1, 2, 3 exists as a complex of three 
molecules of NPM with two FE(II) molecules in the 
structure. The IUPAC name for the complete ligand is 
'tris (1,1-bis(N-(4-phenyl)-2-pyridylcaboxaldimine)
methane) bis-iron(II) tetrachloride
;
# 
loop_
_chem_comp_atom.comp_id 
_chem_comp_atom.atom_id 
_chem_comp_atom.type_symbol 
_chem_comp_atom.pdbx_aromatic_flag 
_chem_comp_atom.pdbx_stereo_config 
_chem_comp_atom.pdbx_ordinal 
DA  OP3    O  N N 1   
DA  P      P  N N 2   
DA  OP1    O  N N 3   
DA  OP2    O  N N 4   
DA  "O5'"  O  N N 5   
DA  "C5'"  C  N N 6   
DA  "C4'"  C  N R 7   
DA  "O4'"  O  N N 8   
DA  "C3'"  C  N S 9   
DA  "O3'"  O  N N 10  
DA  "C2'"  C  N N 11  
DA  "C1'"  C  N R 12  
DA  N9     N  Y N 13  
DA  C8     C  Y N 14  
DA  N7     N  Y N 15  
DA  C5     C  Y N 16  
DA  C6     C  Y N 17  
DA  N6     N  N N 18  
DA  N1     N  Y N 19  
DA  C2     C  Y N 20  
DA  N3     N  Y N 21  
DA  C4     C  Y N 22  
DA  HOP3   H  N N 23  
DA  HOP2   H  N N 24  
DA  "H5'"  H  N N 25  
DA  "H5''" H  N N 26  
DA  "H4'"  H  N N 27  
DA  "H3'"  H  N N 28  
DA  "HO3'" H  N N 29  
DA  "H2'"  H  N N 30  
DA  "H2''" H  N N 31  
DA  "H1'"  H  N N 32  
DA  H8     H  N N 33  
DA  H61    H  N N 34  
DA  H62    H  N N 35  
DA  H2     H  N N 36  
DC  OP3    O  N N 37  
DC  P      P  N N 38  
DC  OP1    O  N N 39  
DC  OP2    O  N N 40  
DC  "O5'"  O  N N 41  
DC  "C5'"  C  N N 42  
DC  "C4'"  C  N R 43  
DC  "O4'"  O  N N 44  
DC  "C3'"  C  N S 45  
DC  "O3'"  O  N N 46  
DC  "C2'"  C  N N 47  
DC  "C1'"  C  N R 48  
DC  N1     N  N N 49  
DC  C2     C  N N 50  
DC  O2     O  N N 51  
DC  N3     N  N N 52  
DC  C4     C  N N 53  
DC  N4     N  N N 54  
DC  C5     C  N N 55  
DC  C6     C  N N 56  
DC  HOP3   H  N N 57  
DC  HOP2   H  N N 58  
DC  "H5'"  H  N N 59  
DC  "H5''" H  N N 60  
DC  "H4'"  H  N N 61  
DC  "H3'"  H  N N 62  
DC  "HO3'" H  N N 63  
DC  "H2'"  H  N N 64  
DC  "H2''" H  N N 65  
DC  "H1'"  H  N N 66  
DC  H41    H  N N 67  
DC  H42    H  N N 68  
DC  H5     H  N N 69  
DC  H6     H  N N 70  
DG  OP3    O  N N 71  
DG  P      P  N N 72  
DG  OP1    O  N N 73  
DG  OP2    O  N N 74  
DG  "O5'"  O  N N 75  
DG  "C5'"  C  N N 76  
DG  "C4'"  C  N R 77  
DG  "O4'"  O  N N 78  
DG  "C3'"  C  N S 79  
DG  "O3'"  O  N N 80  
DG  "C2'"  C  N N 81  
DG  "C1'"  C  N R 82  
DG  N9     N  Y N 83  
DG  C8     C  Y N 84  
DG  N7     N  Y N 85  
DG  C5     C  Y N 86  
DG  C6     C  N N 87  
DG  O6     O  N N 88  
DG  N1     N  N N 89  
DG  C2     C  N N 90  
DG  N2     N  N N 91  
DG  N3     N  N N 92  
DG  C4     C  Y N 93  
DG  HOP3   H  N N 94  
DG  HOP2   H  N N 95  
DG  "H5'"  H  N N 96  
DG  "H5''" H  N N 97  
DG  "H4'"  H  N N 98  
DG  "H3'"  H  N N 99  
DG  "HO3'" H  N N 100 
DG  "H2'"  H  N N 101 
DG  "H2''" H  N N 102 
DG  "H1'"  H  N N 103 
DG  H8     H  N N 104 
DG  H1     H  N N 105 
DG  H21    H  N N 106 
DG  H22    H  N N 107 
DT  OP3    O  N N 108 
DT  P      P  N N 109 
DT  OP1    O  N N 110 
DT  OP2    O  N N 111 
DT  "O5'"  O  N N 112 
DT  "C5'"  C  N N 113 
DT  "C4'"  C  N R 114 
DT  "O4'"  O  N N 115 
DT  "C3'"  C  N S 116 
DT  "O3'"  O  N N 117 
DT  "C2'"  C  N N 118 
DT  "C1'"  C  N R 119 
DT  N1     N  N N 120 
DT  C2     C  N N 121 
DT  O2     O  N N 122 
DT  N3     N  N N 123 
DT  C4     C  N N 124 
DT  O4     O  N N 125 
DT  C5     C  N N 126 
DT  C7     C  N N 127 
DT  C6     C  N N 128 
DT  HOP3   H  N N 129 
DT  HOP2   H  N N 130 
DT  "H5'"  H  N N 131 
DT  "H5''" H  N N 132 
DT  "H4'"  H  N N 133 
DT  "H3'"  H  N N 134 
DT  "HO3'" H  N N 135 
DT  "H2'"  H  N N 136 
DT  "H2''" H  N N 137 
DT  "H1'"  H  N N 138 
DT  H3     H  N N 139 
DT  H71    H  N N 140 
DT  H72    H  N N 141 
DT  H73    H  N N 142 
DT  H6     H  N N 143 
FE2 FE     FE N N 144 
HOH O      O  N N 145 
HOH H1     H  N N 146 
HOH H2     H  N N 147 
NPM N11    N  Y N 148 
NPM N12    N  N N 149 
NPM N13    N  N N 150 
NPM N14    N  Y N 151 
NPM C1A    C  Y N 152 
NPM C1B    C  Y N 153 
NPM C1C    C  Y N 154 
NPM C1D    C  Y N 155 
NPM C1E    C  Y N 156 
NPM C1F    C  N N 157 
NPM C1G    C  Y N 158 
NPM C1H    C  Y N 159 
NPM C1I    C  Y N 160 
NPM C1J    C  Y N 161 
NPM C1K    C  Y N 162 
NPM C1L    C  Y N 163 
NPM C1M    C  N N 164 
NPM C1N    C  Y N 165 
NPM C1O    C  Y N 166 
NPM C1P    C  Y N 167 
NPM C1Q    C  Y N 168 
NPM C1R    C  Y N 169 
NPM C1S    C  Y N 170 
NPM C1T    C  N N 171 
NPM C1U    C  Y N 172 
NPM C1V    C  Y N 173 
NPM C1W    C  Y N 174 
NPM C1X    C  Y N 175 
NPM C1Y    C  Y N 176 
NPM H1A    H  N N 177 
NPM H1B    H  N N 178 
NPM H1C    H  N N 179 
NPM H1D    H  N N 180 
NPM H1F    H  N N 181 
NPM H1H    H  N N 182 
NPM H1I    H  N N 183 
NPM H1K    H  N N 184 
NPM H1L    H  N N 185 
NPM H1M1   H  N N 186 
NPM H1M2   H  N N 187 
NPM H1O    H  N N 188 
NPM H1P    H  N N 189 
NPM H1R    H  N N 190 
NPM H1S    H  N N 191 
NPM H1T    H  N N 192 
NPM H1V    H  N N 193 
NPM H1W    H  N N 194 
NPM H1X    H  N N 195 
NPM H1Y    H  N N 196 
# 
loop_
_chem_comp_bond.comp_id 
_chem_comp_bond.atom_id_1 
_chem_comp_bond.atom_id_2 
_chem_comp_bond.value_order 
_chem_comp_bond.pdbx_aromatic_flag 
_chem_comp_bond.pdbx_stereo_config 
_chem_comp_bond.pdbx_ordinal 
DA  OP3   P      sing N N 1   
DA  OP3   HOP3   sing N N 2   
DA  P     OP1    doub N N 3   
DA  P     OP2    sing N N 4   
DA  P     "O5'"  sing N N 5   
DA  OP2   HOP2   sing N N 6   
DA  "O5'" "C5'"  sing N N 7   
DA  "C5'" "C4'"  sing N N 8   
DA  "C5'" "H5'"  sing N N 9   
DA  "C5'" "H5''" sing N N 10  
DA  "C4'" "O4'"  sing N N 11  
DA  "C4'" "C3'"  sing N N 12  
DA  "C4'" "H4'"  sing N N 13  
DA  "O4'" "C1'"  sing N N 14  
DA  "C3'" "O3'"  sing N N 15  
DA  "C3'" "C2'"  sing N N 16  
DA  "C3'" "H3'"  sing N N 17  
DA  "O3'" "HO3'" sing N N 18  
DA  "C2'" "C1'"  sing N N 19  
DA  "C2'" "H2'"  sing N N 20  
DA  "C2'" "H2''" sing N N 21  
DA  "C1'" N9     sing N N 22  
DA  "C1'" "H1'"  sing N N 23  
DA  N9    C8     sing Y N 24  
DA  N9    C4     sing Y N 25  
DA  C8    N7     doub Y N 26  
DA  C8    H8     sing N N 27  
DA  N7    C5     sing Y N 28  
DA  C5    C6     sing Y N 29  
DA  C5    C4     doub Y N 30  
DA  C6    N6     sing N N 31  
DA  C6    N1     doub Y N 32  
DA  N6    H61    sing N N 33  
DA  N6    H62    sing N N 34  
DA  N1    C2     sing Y N 35  
DA  C2    N3     doub Y N 36  
DA  C2    H2     sing N N 37  
DA  N3    C4     sing Y N 38  
DC  OP3   P      sing N N 39  
DC  OP3   HOP3   sing N N 40  
DC  P     OP1    doub N N 41  
DC  P     OP2    sing N N 42  
DC  P     "O5'"  sing N N 43  
DC  OP2   HOP2   sing N N 44  
DC  "O5'" "C5'"  sing N N 45  
DC  "C5'" "C4'"  sing N N 46  
DC  "C5'" "H5'"  sing N N 47  
DC  "C5'" "H5''" sing N N 48  
DC  "C4'" "O4'"  sing N N 49  
DC  "C4'" "C3'"  sing N N 50  
DC  "C4'" "H4'"  sing N N 51  
DC  "O4'" "C1'"  sing N N 52  
DC  "C3'" "O3'"  sing N N 53  
DC  "C3'" "C2'"  sing N N 54  
DC  "C3'" "H3'"  sing N N 55  
DC  "O3'" "HO3'" sing N N 56  
DC  "C2'" "C1'"  sing N N 57  
DC  "C2'" "H2'"  sing N N 58  
DC  "C2'" "H2''" sing N N 59  
DC  "C1'" N1     sing N N 60  
DC  "C1'" "H1'"  sing N N 61  
DC  N1    C2     sing N N 62  
DC  N1    C6     sing N N 63  
DC  C2    O2     doub N N 64  
DC  C2    N3     sing N N 65  
DC  N3    C4     doub N N 66  
DC  C4    N4     sing N N 67  
DC  C4    C5     sing N N 68  
DC  N4    H41    sing N N 69  
DC  N4    H42    sing N N 70  
DC  C5    C6     doub N N 71  
DC  C5    H5     sing N N 72  
DC  C6    H6     sing N N 73  
DG  OP3   P      sing N N 74  
DG  OP3   HOP3   sing N N 75  
DG  P     OP1    doub N N 76  
DG  P     OP2    sing N N 77  
DG  P     "O5'"  sing N N 78  
DG  OP2   HOP2   sing N N 79  
DG  "O5'" "C5'"  sing N N 80  
DG  "C5'" "C4'"  sing N N 81  
DG  "C5'" "H5'"  sing N N 82  
DG  "C5'" "H5''" sing N N 83  
DG  "C4'" "O4'"  sing N N 84  
DG  "C4'" "C3'"  sing N N 85  
DG  "C4'" "H4'"  sing N N 86  
DG  "O4'" "C1'"  sing N N 87  
DG  "C3'" "O3'"  sing N N 88  
DG  "C3'" "C2'"  sing N N 89  
DG  "C3'" "H3'"  sing N N 90  
DG  "O3'" "HO3'" sing N N 91  
DG  "C2'" "C1'"  sing N N 92  
DG  "C2'" "H2'"  sing N N 93  
DG  "C2'" "H2''" sing N N 94  
DG  "C1'" N9     sing N N 95  
DG  "C1'" "H1'"  sing N N 96  
DG  N9    C8     sing Y N 97  
DG  N9    C4     sing Y N 98  
DG  C8    N7     doub Y N 99  
DG  C8    H8     sing N N 100 
DG  N7    C5     sing Y N 101 
DG  C5    C6     sing N N 102 
DG  C5    C4     doub Y N 103 
DG  C6    O6     doub N N 104 
DG  C6    N1     sing N N 105 
DG  N1    C2     sing N N 106 
DG  N1    H1     sing N N 107 
DG  C2    N2     sing N N 108 
DG  C2    N3     doub N N 109 
DG  N2    H21    sing N N 110 
DG  N2    H22    sing N N 111 
DG  N3    C4     sing N N 112 
DT  OP3   P      sing N N 113 
DT  OP3   HOP3   sing N N 114 
DT  P     OP1    doub N N 115 
DT  P     OP2    sing N N 116 
DT  P     "O5'"  sing N N 117 
DT  OP2   HOP2   sing N N 118 
DT  "O5'" "C5'"  sing N N 119 
DT  "C5'" "C4'"  sing N N 120 
DT  "C5'" "H5'"  sing N N 121 
DT  "C5'" "H5''" sing N N 122 
DT  "C4'" "O4'"  sing N N 123 
DT  "C4'" "C3'"  sing N N 124 
DT  "C4'" "H4'"  sing N N 125 
DT  "O4'" "C1'"  sing N N 126 
DT  "C3'" "O3'"  sing N N 127 
DT  "C3'" "C2'"  sing N N 128 
DT  "C3'" "H3'"  sing N N 129 
DT  "O3'" "HO3'" sing N N 130 
DT  "C2'" "C1'"  sing N N 131 
DT  "C2'" "H2'"  sing N N 132 
DT  "C2'" "H2''" sing N N 133 
DT  "C1'" N1     sing N N 134 
DT  "C1'" "H1'"  sing N N 135 
DT  N1    C2     sing N N 136 
DT  N1    C6     sing N N 137 
DT  C2    O2     doub N N 138 
DT  C2    N3     sing N N 139 
DT  N3    C4     sing N N 140 
DT  N3    H3     sing N N 141 
DT  C4    O4     doub N N 142 
DT  C4    C5     sing N N 143 
DT  C5    C7     sing N N 144 
DT  C5    C6     doub N N 145 
DT  C7    H71    sing N N 146 
DT  C7    H72    sing N N 147 
DT  C7    H73    sing N N 148 
DT  C6    H6     sing N N 149 
HOH O     H1     sing N N 150 
HOH O     H2     sing N N 151 
NPM N11   C1A    doub Y N 152 
NPM N11   C1E    sing Y N 153 
NPM N12   C1F    doub N N 154 
NPM N12   C1G    sing N N 155 
NPM N13   C1Q    sing N N 156 
NPM N13   C1T    doub N N 157 
NPM N14   C1U    sing Y N 158 
NPM N14   C1Y    doub Y N 159 
NPM C1A   C1B    sing Y N 160 
NPM C1A   H1A    sing N N 161 
NPM C1B   C1C    doub Y N 162 
NPM C1B   H1B    sing N N 163 
NPM C1C   C1D    sing Y N 164 
NPM C1C   H1C    sing N N 165 
NPM C1D   C1E    doub Y N 166 
NPM C1D   H1D    sing N N 167 
NPM C1E   C1F    sing N N 168 
NPM C1F   H1F    sing N N 169 
NPM C1G   C1H    sing Y N 170 
NPM C1G   C1L    doub Y N 171 
NPM C1H   C1I    doub Y N 172 
NPM C1H   H1H    sing N N 173 
NPM C1I   C1J    sing Y N 174 
NPM C1I   H1I    sing N N 175 
NPM C1J   C1K    doub Y N 176 
NPM C1J   C1M    sing N N 177 
NPM C1K   C1L    sing Y N 178 
NPM C1K   H1K    sing N N 179 
NPM C1L   H1L    sing N N 180 
NPM C1M   C1N    sing N N 181 
NPM C1M   H1M1   sing N N 182 
NPM C1M   H1M2   sing N N 183 
NPM C1N   C1O    doub Y N 184 
NPM C1N   C1S    sing Y N 185 
NPM C1O   C1P    sing Y N 186 
NPM C1O   H1O    sing N N 187 
NPM C1P   C1Q    doub Y N 188 
NPM C1P   H1P    sing N N 189 
NPM C1Q   C1R    sing Y N 190 
NPM C1R   C1S    doub Y N 191 
NPM C1R   H1R    sing N N 192 
NPM C1S   H1S    sing N N 193 
NPM C1T   C1U    sing N N 194 
NPM C1T   H1T    sing N N 195 
NPM C1U   C1V    doub Y N 196 
NPM C1V   C1W    sing Y N 197 
NPM C1V   H1V    sing N N 198 
NPM C1W   C1X    doub Y N 199 
NPM C1W   H1W    sing N N 200 
NPM C1X   C1Y    sing Y N 201 
NPM C1X   H1X    sing N N 202 
NPM C1Y   H1Y    sing N N 203 
# 
_ndb_struct_conf_na.entry_id   2ET0 
_ndb_struct_conf_na.feature    'double helix' 
# 
loop_
_ndb_struct_na_base_pair.model_number 
_ndb_struct_na_base_pair.i_label_asym_id 
_ndb_struct_na_base_pair.i_label_comp_id 
_ndb_struct_na_base_pair.i_label_seq_id 
_ndb_struct_na_base_pair.i_symmetry 
_ndb_struct_na_base_pair.j_label_asym_id 
_ndb_struct_na_base_pair.j_label_comp_id 
_ndb_struct_na_base_pair.j_label_seq_id 
_ndb_struct_na_base_pair.j_symmetry 
_ndb_struct_na_base_pair.shear 
_ndb_struct_na_base_pair.stretch 
_ndb_struct_na_base_pair.stagger 
_ndb_struct_na_base_pair.buckle 
_ndb_struct_na_base_pair.propeller 
_ndb_struct_na_base_pair.opening 
_ndb_struct_na_base_pair.pair_number 
_ndb_struct_na_base_pair.pair_name 
_ndb_struct_na_base_pair.i_auth_asym_id 
_ndb_struct_na_base_pair.i_auth_seq_id 
_ndb_struct_na_base_pair.i_PDB_ins_code 
_ndb_struct_na_base_pair.j_auth_asym_id 
_ndb_struct_na_base_pair.j_auth_seq_id 
_ndb_struct_na_base_pair.j_PDB_ins_code 
_ndb_struct_na_base_pair.hbond_type_28 
_ndb_struct_na_base_pair.hbond_type_12 
1 B DG 2 1_555 B DC 5 24_555 4.617  -6.076 -0.832 -5.614 21.864 -178.189 1 B_DG32:DC35_B B 32 ? B 35 ? ? ? 
1 B DG 2 1_555 B DC 5 1_555  -4.617 -6.076 0.832  5.615  21.864 178.189  2 B_DG32:DC35_B B 32 ? B 35 ? ? ? 
# 
_atom_sites.entry_id                    2ET0 
_atom_sites.fract_transf_matrix[1][1]   0.00163531 
_atom_sites.fract_transf_matrix[1][2]   0.00391768 
_atom_sites.fract_transf_matrix[1][3]   0.01338804 
_atom_sites.fract_transf_matrix[2][1]   -0.00272177 
_atom_sites.fract_transf_matrix[2][2]   0.01331025 
_atom_sites.fract_transf_matrix[2][3]   -0.00356246 
_atom_sites.fract_transf_matrix[3][1]   -0.01368137 
_atom_sites.fract_transf_matrix[3][2]   -0.00217967 
_atom_sites.fract_transf_matrix[3][3]   0.00230896 
_atom_sites.fract_transf_vector[1]      0.373942 
_atom_sites.fract_transf_vector[2]      0.398947 
_atom_sites.fract_transf_vector[3]      0.137597 
# 
loop_
_atom_type.symbol 
C  
FE 
N  
O  
P  
# 
loop_
_atom_site.group_PDB 
_atom_site.id 
_atom_site.type_symbol 
_atom_site.label_atom_id 
_atom_site.label_alt_id 
_atom_site.label_comp_id 
_atom_site.label_asym_id 
_atom_site.label_entity_id 
_atom_site.label_seq_id 
_atom_site.pdbx_PDB_ins_code 
_atom_site.Cartn_x 
_atom_site.Cartn_y 
_atom_site.Cartn_z 
_atom_site.occupancy 
_atom_site.B_iso_or_equiv 
_atom_site.pdbx_formal_charge 
_atom_site.auth_seq_id 
_atom_site.auth_comp_id 
_atom_site.auth_asym_id 
_atom_site.auth_atom_id 
_atom_site.pdbx_PDB_model_num 
ATOM   1   O  "O5'" . DC  A 1 1 ? 3.746   -0.869  18.371  1.00 38.41 ? 11  DC  A "O5'" 1 
ATOM   2   C  "C5'" . DC  A 1 1 ? 4.977   -0.354  17.802  1.00 31.86 ? 11  DC  A "C5'" 1 
ATOM   3   C  "C4'" . DC  A 1 1 ? 4.983   -0.715  16.324  1.00 28.31 ? 11  DC  A "C4'" 1 
ATOM   4   O  "O4'" . DC  A 1 1 ? 4.102   0.216   15.705  1.00 25.39 ? 11  DC  A "O4'" 1 
ATOM   5   C  "C3'" . DC  A 1 1 ? 6.330   -0.627  15.614  1.00 29.45 ? 11  DC  A "C3'" 1 
ATOM   6   O  "O3'" . DC  A 1 1 ? 6.656   -1.910  15.093  1.00 30.89 ? 11  DC  A "O3'" 1 
ATOM   7   C  "C2'" . DC  A 1 1 ? 6.150   0.426   14.546  1.00 29.09 ? 11  DC  A "C2'" 1 
ATOM   8   C  "C1'" . DC  A 1 1 ? 4.676   0.650   14.439  1.00 26.28 ? 11  DC  A "C1'" 1 
ATOM   9   N  N1    . DC  A 1 1 ? 4.136   2.017   14.350  1.00 23.28 ? 11  DC  A N1    1 
ATOM   10  C  C2    . DC  A 1 1 ? 3.485   2.387   13.150  1.00 20.88 ? 11  DC  A C2    1 
ATOM   11  O  O2    . DC  A 1 1 ? 3.459   1.476   12.311  1.00 23.02 ? 11  DC  A O2    1 
ATOM   12  N  N3    . DC  A 1 1 ? 2.985   3.627   13.055  1.00 20.02 ? 11  DC  A N3    1 
ATOM   13  C  C4    . DC  A 1 1 ? 3.088   4.504   14.048  1.00 19.49 ? 11  DC  A C4    1 
ATOM   14  N  N4    . DC  A 1 1 ? 2.581   5.731   13.916  1.00 24.41 ? 11  DC  A N4    1 
ATOM   15  C  C5    . DC  A 1 1 ? 3.747   4.170   15.290  1.00 20.55 ? 11  DC  A C5    1 
ATOM   16  C  C6    . DC  A 1 1 ? 4.226   2.935   15.341  1.00 18.25 ? 11  DC  A C6    1 
ATOM   17  P  P     . DG  A 1 2 ? 8.092   -2.302  14.515  1.00 36.81 ? 12  DG  A P     1 
ATOM   18  O  OP1   . DG  A 1 2 ? 8.359   -3.753  14.450  1.00 34.44 ? 12  DG  A OP1   1 
ATOM   19  O  OP2   . DG  A 1 2 ? 9.177   -1.431  15.061  1.00 40.23 ? 12  DG  A OP2   1 
ATOM   20  O  "O5'" . DG  A 1 2 ? 7.909   -1.817  12.969  1.00 36.05 ? 12  DG  A "O5'" 1 
ATOM   21  C  "C5'" . DG  A 1 2 ? 7.029   -2.557  12.118  1.00 30.63 ? 12  DG  A "C5'" 1 
ATOM   22  C  "C4'" . DG  A 1 2 ? 6.955   -1.948  10.736  1.00 25.56 ? 12  DG  A "C4'" 1 
ATOM   23  O  "O4'" . DG  A 1 2 ? 6.393   -0.621  10.845  1.00 26.90 ? 12  DG  A "O4'" 1 
ATOM   24  C  "C3'" . DG  A 1 2 ? 8.285   -1.773  10.013  1.00 27.58 ? 12  DG  A "C3'" 1 
ATOM   25  O  "O3'" . DG  A 1 2 ? 8.162   -1.989  8.616   1.00 26.99 ? 12  DG  A "O3'" 1 
ATOM   26  C  "C2'" . DG  A 1 2 ? 8.660   -0.344  10.329  1.00 25.92 ? 12  DG  A "C2'" 1 
ATOM   27  C  "C1'" . DG  A 1 2 ? 7.298   0.313   10.237  1.00 25.50 ? 12  DG  A "C1'" 1 
ATOM   28  N  N9    . DG  A 1 2 ? 7.105   1.559   10.967  1.00 24.21 ? 12  DG  A N9    1 
ATOM   29  C  C8    . DG  A 1 2 ? 7.691   1.960   12.151  1.00 21.42 ? 12  DG  A C8    1 
ATOM   30  N  N7    . DG  A 1 2 ? 7.279   3.148   12.515  1.00 20.76 ? 12  DG  A N7    1 
ATOM   31  C  C5    . DG  A 1 2 ? 6.383   3.560   11.541  1.00 23.76 ? 12  DG  A C5    1 
ATOM   32  C  C6    . DG  A 1 2 ? 5.618   4.737   11.380  1.00 23.02 ? 12  DG  A C6    1 
ATOM   33  O  O6    . DG  A 1 2 ? 5.528   5.763   12.083  1.00 28.21 ? 12  DG  A O6    1 
ATOM   34  N  N1    . DG  A 1 2 ? 4.831   4.730   10.224  1.00 21.96 ? 12  DG  A N1    1 
ATOM   35  C  C2    . DG  A 1 2 ? 4.800   3.684   9.328   1.00 21.56 ? 12  DG  A C2    1 
ATOM   36  N  N2    . DG  A 1 2 ? 3.981   3.868   8.281   1.00 19.87 ? 12  DG  A N2    1 
ATOM   37  N  N3    . DG  A 1 2 ? 5.509   2.578   9.465   1.00 22.94 ? 12  DG  A N3    1 
ATOM   38  C  C4    . DG  A 1 2 ? 6.270   2.571   10.572  1.00 23.10 ? 12  DG  A C4    1 
ATOM   39  P  P     . DT  A 1 3 ? 9.393   -2.353  7.643   1.00 29.77 ? 13  DT  A P     1 
ATOM   40  O  OP1   . DT  A 1 3 ? 8.769   -2.950  6.424   1.00 30.64 ? 13  DT  A OP1   1 
ATOM   41  O  OP2   . DT  A 1 3 ? 10.460  -3.092  8.357   1.00 29.58 ? 13  DT  A OP2   1 
ATOM   42  O  "O5'" . DT  A 1 3 ? 9.990   -0.918  7.264   1.00 29.39 ? 13  DT  A "O5'" 1 
ATOM   43  C  "C5'" . DT  A 1 3 ? 9.614   -0.198  6.108   1.00 25.87 ? 13  DT  A "C5'" 1 
ATOM   44  C  "C4'" . DT  A 1 3 ? 8.285   0.492   6.199   1.00 22.50 ? 13  DT  A "C4'" 1 
ATOM   45  O  "O4'" . DT  A 1 3 ? 8.191   1.356   7.354   1.00 20.78 ? 13  DT  A "O4'" 1 
ATOM   46  C  "C3'" . DT  A 1 3 ? 7.997   1.423   5.017   1.00 20.92 ? 13  DT  A "C3'" 1 
ATOM   47  O  "O3'" . DT  A 1 3 ? 6.620   1.456   4.702   1.00 18.88 ? 13  DT  A "O3'" 1 
ATOM   48  C  "C2'" . DT  A 1 3 ? 8.535   2.767   5.507   1.00 19.24 ? 13  DT  A "C2'" 1 
ATOM   49  C  "C1'" . DT  A 1 3 ? 7.904   2.702   6.877   1.00 18.41 ? 13  DT  A "C1'" 1 
ATOM   50  N  N1    . DT  A 1 3 ? 8.378   3.550   7.987   1.00 16.10 ? 13  DT  A N1    1 
ATOM   51  C  C2    . DT  A 1 3 ? 7.723   4.757   8.134   1.00 16.41 ? 13  DT  A C2    1 
ATOM   52  O  O2    . DT  A 1 3 ? 6.817   5.120   7.400   1.00 20.19 ? 13  DT  A O2    1 
ATOM   53  N  N3    . DT  A 1 3 ? 8.177   5.515   9.175   1.00 15.36 ? 13  DT  A N3    1 
ATOM   54  C  C4    . DT  A 1 3 ? 9.181   5.186   10.051  1.00 16.26 ? 13  DT  A C4    1 
ATOM   55  O  O4    . DT  A 1 3 ? 9.492   5.976   10.946  1.00 18.06 ? 13  DT  A O4    1 
ATOM   56  C  C5    . DT  A 1 3 ? 9.814   3.916   9.838   1.00 16.30 ? 13  DT  A C5    1 
ATOM   57  C  C7    . DT  A 1 3 ? 10.920  3.536   10.784  1.00 19.28 ? 13  DT  A C7    1 
ATOM   58  C  C6    . DT  A 1 3 ? 9.394   3.153   8.828   1.00 15.37 ? 13  DT  A C6    1 
ATOM   59  P  P     . DA  A 1 4 ? 6.106   1.478   3.177   1.00 22.41 ? 14  DA  A P     1 
ATOM   60  O  OP1   . DA  A 1 4 ? 4.651   1.258   3.134   1.00 22.42 ? 14  DA  A OP1   1 
ATOM   61  O  OP2   . DA  A 1 4 ? 7.065   0.674   2.334   1.00 20.84 ? 14  DA  A OP2   1 
ATOM   62  O  "O5'" . DA  A 1 4 ? 6.375   2.972   2.693   1.00 22.10 ? 14  DA  A "O5'" 1 
ATOM   63  C  "C5'" . DA  A 1 4 ? 5.465   3.998   3.083   1.00 19.54 ? 14  DA  A "C5'" 1 
ATOM   64  C  "C4'" . DA  A 1 4 ? 5.702   5.201   2.220   1.00 18.94 ? 14  DA  A "C4'" 1 
ATOM   65  O  "O4'" . DA  A 1 4 ? 7.036   5.730   2.421   1.00 21.49 ? 14  DA  A "O4'" 1 
ATOM   66  C  "C3'" . DA  A 1 4 ? 5.617   4.934   0.715   1.00 20.93 ? 14  DA  A "C3'" 1 
ATOM   67  O  "O3'" . DA  A 1 4 ? 4.972   6.065   0.170   1.00 22.19 ? 14  DA  A "O3'" 1 
ATOM   68  C  "C2'" . DA  A 1 4 ? 7.040   4.723   0.290   1.00 18.96 ? 14  DA  A "C2'" 1 
ATOM   69  C  "C1'" . DA  A 1 4 ? 7.794   5.687   1.174   1.00 18.07 ? 14  DA  A "C1'" 1 
ATOM   70  N  N9    . DA  A 1 4 ? 9.111   5.383   1.731   1.00 15.29 ? 14  DA  A N9    1 
ATOM   71  C  C8    . DA  A 1 4 ? 9.465   4.248   2.411   1.00 17.04 ? 14  DA  A C8    1 
ATOM   72  N  N7    . DA  A 1 4 ? 10.710  4.222   2.814   1.00 16.68 ? 14  DA  A N7    1 
ATOM   73  C  C5    . DA  A 1 4 ? 11.219  5.444   2.364   1.00 14.90 ? 14  DA  A C5    1 
ATOM   74  C  C6    . DA  A 1 4 ? 12.496  6.006   2.484   1.00 16.21 ? 14  DA  A C6    1 
ATOM   75  N  N6    . DA  A 1 4 ? 13.529  5.418   3.101   1.00 18.43 ? 14  DA  A N6    1 
ATOM   76  N  N1    . DA  A 1 4 ? 12.681  7.235   1.932   1.00 17.41 ? 14  DA  A N1    1 
ATOM   77  C  C2    . DA  A 1 4 ? 11.644  7.807   1.321   1.00 15.08 ? 14  DA  A C2    1 
ATOM   78  N  N3    . DA  A 1 4 ? 10.395  7.377   1.142   1.00 14.60 ? 14  DA  A N3    1 
ATOM   79  C  C4    . DA  A 1 4 ? 10.243  6.156   1.703   1.00 14.43 ? 14  DA  A C4    1 
ATOM   80  P  P     . DC  A 1 5 ? 4.801   6.270   -1.417  1.00 24.65 ? 15  DC  A P     1 
ATOM   81  O  OP1   . DC  A 1 5 ? 3.551   7.076   -1.584  1.00 24.61 ? 15  DC  A OP1   1 
ATOM   82  O  OP2   . DC  A 1 5 ? 4.933   4.956   -2.099  1.00 21.14 ? 15  DC  A OP2   1 
ATOM   83  O  "O5'" . DC  A 1 5 ? 6.046   7.139   -1.863  1.00 25.11 ? 15  DC  A "O5'" 1 
ATOM   84  C  "C5'" . DC  A 1 5 ? 6.143   8.457   -1.291  1.00 25.68 ? 15  DC  A "C5'" 1 
ATOM   85  C  "C4'" . DC  A 1 5 ? 7.118   9.273   -2.099  1.00 23.58 ? 15  DC  A "C4'" 1 
ATOM   86  O  "O4'" . DC  A 1 5 ? 8.458   8.855   -1.786  1.00 25.20 ? 15  DC  A "O4'" 1 
ATOM   87  C  "C3'" . DC  A 1 5 ? 6.995   9.122   -3.614  1.00 27.46 ? 15  DC  A "C3'" 1 
ATOM   88  O  "O3'" . DC  A 1 5 ? 7.138   10.401  -4.211  1.00 30.86 ? 15  DC  A "O3'" 1 
ATOM   89  C  "C2'" . DC  A 1 5 ? 8.087   8.132   -3.964  1.00 19.40 ? 15  DC  A "C2'" 1 
ATOM   90  C  "C1'" . DC  A 1 5 ? 9.171   8.479   -2.973  1.00 24.88 ? 15  DC  A "C1'" 1 
ATOM   91  N  N1    . DC  A 1 5 ? 10.065  7.446   -2.441  1.00 21.53 ? 15  DC  A N1    1 
ATOM   92  C  C2    . DC  A 1 5 ? 11.395  7.731   -2.201  1.00 22.54 ? 15  DC  A C2    1 
ATOM   93  O  O2    . DC  A 1 5 ? 11.822  8.876   -2.445  1.00 22.80 ? 15  DC  A O2    1 
ATOM   94  N  N3    . DC  A 1 5 ? 12.225  6.783   -1.706  1.00 24.50 ? 15  DC  A N3    1 
ATOM   95  C  C4    . DC  A 1 5 ? 11.736  5.560   -1.451  1.00 22.31 ? 15  DC  A C4    1 
ATOM   96  N  N4    . DC  A 1 5 ? 12.606  4.682   -0.970  1.00 26.44 ? 15  DC  A N4    1 
ATOM   97  C  C5    . DC  A 1 5 ? 10.384  5.243   -1.690  1.00 22.06 ? 15  DC  A C5    1 
ATOM   98  C  C6    . DC  A 1 5 ? 9.575   6.185   -2.173  1.00 23.93 ? 15  DC  A C6    1 
ATOM   99  P  P     . DG  A 1 6 ? 6.847   10.665  -5.781  1.00 30.28 ? 16  DG  A P     1 
ATOM   100 O  OP1   . DG  A 1 6 ? 6.069   11.926  -5.861  1.00 31.28 ? 16  DG  A OP1   1 
ATOM   101 O  OP2   . DG  A 1 6 ? 6.290   9.465   -6.477  1.00 32.28 ? 16  DG  A OP2   1 
ATOM   102 O  "O5'" . DG  A 1 6 ? 8.340   10.840  -6.374  1.00 25.71 ? 16  DG  A "O5'" 1 
ATOM   103 C  "C5'" . DG  A 1 6 ? 9.083   11.971  -5.966  1.00 26.26 ? 16  DG  A "C5'" 1 
ATOM   104 C  "C4'" . DG  A 1 6 ? 10.498  12.014  -6.463  1.00 25.40 ? 16  DG  A "C4'" 1 
ATOM   105 O  "O4'" . DG  A 1 6 ? 11.275  10.959  -5.824  1.00 25.49 ? 16  DG  A "O4'" 1 
ATOM   106 C  "C3'" . DG  A 1 6 ? 10.657  11.803  -7.966  1.00 20.81 ? 16  DG  A "C3'" 1 
ATOM   107 O  "O3'" . DG  A 1 6 ? 11.645  12.675  -8.493  1.00 21.55 ? 16  DG  A "O3'" 1 
ATOM   108 C  "C2'" . DG  A 1 6 ? 11.048  10.352  -8.075  1.00 20.71 ? 16  DG  A "C2'" 1 
ATOM   109 C  "C1'" . DG  A 1 6 ? 11.881  10.143  -6.832  1.00 22.20 ? 16  DG  A "C1'" 1 
ATOM   110 N  N9    . DG  A 1 6 ? 11.887  8.789   -6.295  1.00 18.02 ? 16  DG  A N9    1 
ATOM   111 C  C8    . DG  A 1 6 ? 10.859  7.893   -6.231  1.00 21.34 ? 16  DG  A C8    1 
ATOM   112 N  N7    . DG  A 1 6 ? 11.203  6.756   -5.683  1.00 22.66 ? 16  DG  A N7    1 
ATOM   113 C  C5    . DG  A 1 6 ? 12.542  6.916   -5.367  1.00 19.05 ? 16  DG  A C5    1 
ATOM   114 C  C6    . DG  A 1 6 ? 13.472  6.026   -4.750  1.00 20.19 ? 16  DG  A C6    1 
ATOM   115 O  O6    . DG  A 1 6 ? 13.261  4.873   -4.355  1.00 25.72 ? 16  DG  A O6    1 
ATOM   116 N  N1    . DG  A 1 6 ? 14.705  6.615   -4.634  1.00 19.88 ? 16  DG  A N1    1 
ATOM   117 C  C2    . DG  A 1 6 ? 15.047  7.870   -5.034  1.00 18.98 ? 16  DG  A C2    1 
ATOM   118 N  N2    . DG  A 1 6 ? 16.309  8.267   -4.833  1.00 19.64 ? 16  DG  A N2    1 
ATOM   119 N  N3    . DG  A 1 6 ? 14.198  8.723   -5.612  1.00 18.64 ? 16  DG  A N3    1 
ATOM   120 C  C4    . DG  A 1 6 ? 12.988  8.166   -5.735  1.00 17.19 ? 16  DG  A C4    1 
ATOM   121 C  "C5'" A DC  B 1 1 ? -16.758 -21.088 4.937   0.50 29.02 ? 31  DC  B "C5'" 1 
ATOM   122 C  "C4'" A DC  B 1 1 ? -18.095 -20.918 4.238   0.50 27.42 ? 31  DC  B "C4'" 1 
ATOM   123 O  "O4'" A DC  B 1 1 ? -18.967 -20.161 5.112   0.50 26.99 ? 31  DC  B "O4'" 1 
ATOM   124 C  "C3'" A DC  B 1 1 ? -18.086 -20.168 2.908   0.50 28.55 ? 31  DC  B "C3'" 1 
ATOM   125 O  "O3'" A DC  B 1 1 ? -19.003 -20.738 1.981   0.50 32.14 ? 31  DC  B "O3'" 1 
ATOM   126 C  "C2'" A DC  B 1 1 ? -18.478 -18.760 3.273   0.50 27.21 ? 31  DC  B "C2'" 1 
ATOM   127 C  "C1'" A DC  B 1 1 ? -19.327 -18.918 4.522   0.50 25.73 ? 31  DC  B "C1'" 1 
ATOM   128 N  N1    A DC  B 1 1 ? -19.115 -17.927 5.590   0.50 22.37 ? 31  DC  B N1    1 
ATOM   129 C  C2    A DC  B 1 1 ? -20.023 -16.876 5.723   0.50 19.79 ? 31  DC  B C2    1 
ATOM   130 O  O2    A DC  B 1 1 ? -20.973 -16.835 4.921   0.50 23.00 ? 31  DC  B O2    1 
ATOM   131 N  N3    A DC  B 1 1 ? -19.828 -15.971 6.699   0.50 19.14 ? 31  DC  B N3    1 
ATOM   132 C  C4    A DC  B 1 1 ? -18.788 -16.072 7.527   0.50 19.31 ? 31  DC  B C4    1 
ATOM   133 N  N4    A DC  B 1 1 ? -18.638 -15.150 8.478   0.50 23.58 ? 31  DC  B N4    1 
ATOM   134 C  C5    A DC  B 1 1 ? -17.845 -17.137 7.412   0.50 21.22 ? 31  DC  B C5    1 
ATOM   135 C  C6    A DC  B 1 1 ? -18.048 -18.031 6.439   0.50 20.20 ? 31  DC  B C6    1 
ATOM   136 P  P     A DG  B 1 2 ? -18.874 -20.752 0.394   0.50 34.30 ? 32  DG  B P     1 
ATOM   137 O  OP1   A DG  B 1 2 ? -19.916 -21.689 -0.148  0.50 35.87 ? 32  DG  B OP1   1 
ATOM   138 O  OP2   A DG  B 1 2 ? -17.472 -20.936 -0.052  0.50 38.07 ? 32  DG  B OP2   1 
ATOM   139 O  "O5'" A DG  B 1 2 ? -19.333 -19.285 -0.061  0.50 33.93 ? 32  DG  B "O5'" 1 
ATOM   140 C  "C5'" A DG  B 1 2 ? -20.725 -19.025 -0.248  0.50 30.10 ? 32  DG  B "C5'" 1 
ATOM   141 C  "C4'" A DG  B 1 2 ? -20.957 -17.561 -0.517  0.50 28.12 ? 32  DG  B "C4'" 1 
ATOM   142 O  "O4'" A DG  B 1 2 ? -20.483 -16.803 0.632   0.50 27.51 ? 32  DG  B "O4'" 1 
ATOM   143 C  "C3'" A DG  B 1 2 ? -20.240 -16.942 -1.718  0.50 28.62 ? 32  DG  B "C3'" 1 
ATOM   144 O  "O3'" A DG  B 1 2 ? -21.039 -15.931 -2.302  0.50 29.17 ? 32  DG  B "O3'" 1 
ATOM   145 C  "C2'" A DG  B 1 2 ? -18.960 -16.430 -1.101  0.50 27.47 ? 32  DG  B "C2'" 1 
ATOM   146 C  "C1'" A DG  B 1 2 ? -19.491 -15.868 0.206   0.50 26.59 ? 32  DG  B "C1'" 1 
ATOM   147 N  N9    A DG  B 1 2 ? -18.550 -15.745 1.309   0.50 23.71 ? 32  DG  B N9    1 
ATOM   148 C  C8    A DG  B 1 2 ? -17.340 -16.358 1.495   0.50 22.87 ? 32  DG  B C8    1 
ATOM   149 N  N7    A DG  B 1 2 ? -16.748 -16.017 2.612   0.50 22.15 ? 32  DG  B N7    1 
ATOM   150 C  C5    A DG  B 1 2 ? -17.629 -15.115 3.203   0.50 22.78 ? 32  DG  B C5    1 
ATOM   151 C  C6    A DG  B 1 2 ? -17.556 -14.396 4.424   0.50 22.24 ? 32  DG  B C6    1 
ATOM   152 O  O6    A DG  B 1 2 ? -16.648 -14.414 5.269   0.50 26.10 ? 32  DG  B O6    1 
ATOM   153 N  N1    A DG  B 1 2 ? -18.678 -13.590 4.631   0.50 19.04 ? 32  DG  B N1    1 
ATOM   154 C  C2    A DG  B 1 2 ? -19.737 -13.494 3.765   0.50 19.59 ? 32  DG  B C2    1 
ATOM   155 N  N2    A DG  B 1 2 ? -20.737 -12.668 4.120   0.50 17.65 ? 32  DG  B N2    1 
ATOM   156 N  N3    A DG  B 1 2 ? -19.818 -14.160 2.621   0.50 21.67 ? 32  DG  B N3    1 
ATOM   157 C  C4    A DG  B 1 2 ? -18.744 -14.940 2.410   0.50 22.70 ? 32  DG  B C4    1 
ATOM   158 P  P     A DT  B 1 3 ? -20.824 -15.298 -3.756  0.50 31.49 ? 33  DT  B P     1 
ATOM   159 O  OP1   A DT  B 1 3 ? -22.156 -14.916 -4.310  0.50 30.42 ? 33  DT  B OP1   1 
ATOM   160 O  OP2   A DT  B 1 3 ? -19.948 -16.156 -4.608  0.50 30.35 ? 33  DT  B OP2   1 
ATOM   161 O  "O5'" A DT  B 1 3 ? -19.994 -13.969 -3.461  0.50 29.10 ? 33  DT  B "O5'" 1 
ATOM   162 C  "C5'" A DT  B 1 3 ? -20.563 -12.681 -3.333  0.50 24.89 ? 33  DT  B "C5'" 1 
ATOM   163 C  "C4'" A DT  B 1 3 ? -21.176 -12.401 -1.987  0.50 22.97 ? 33  DT  B "C4'" 1 
ATOM   164 O  "O4'" A DT  B 1 3 ? -20.318 -12.806 -0.885  0.50 20.80 ? 33  DT  B "O4'" 1 
ATOM   165 C  "C3'" A DT  B 1 3 ? -21.442 -10.922 -1.699  0.50 18.44 ? 33  DT  B "C3'" 1 
ATOM   166 O  "O3'" A DT  B 1 3 ? -22.581 -10.783 -0.911  0.50 16.12 ? 33  DT  B "O3'" 1 
ATOM   167 C  "C2'" A DT  B 1 3 ? -20.173 -10.483 -0.983  0.50 18.75 ? 33  DT  B "C2'" 1 
ATOM   168 C  "C1'" A DT  B 1 3 ? -19.960 -11.691 -0.081  0.50 19.25 ? 33  DT  B "C1'" 1 
ATOM   169 N  N1    A DT  B 1 3 ? -18.588 -11.972 0.386   0.50 17.21 ? 33  DT  B N1    1 
ATOM   170 C  C2    A DT  B 1 3 ? -18.174 -11.388 1.565   0.50 17.21 ? 33  DT  B C2    1 
ATOM   171 O  O2    A DT  B 1 3 ? -18.894 -10.657 2.226   0.50 19.26 ? 33  DT  B O2    1 
ATOM   172 N  N3    A DT  B 1 3 ? -16.892 -11.695 1.935   0.50 16.88 ? 33  DT  B N3    1 
ATOM   173 C  C4    A DT  B 1 3 ? -15.993 -12.507 1.270   0.50 16.87 ? 33  DT  B C4    1 
ATOM   174 O  O4    A DT  B 1 3 ? -14.866 -12.693 1.725   0.50 17.35 ? 33  DT  B O4    1 
ATOM   175 C  C5    A DT  B 1 3 ? -16.495 -13.086 0.038   0.50 15.99 ? 33  DT  B C5    1 
ATOM   176 C  C7    A DT  B 1 3 ? -15.587 -13.974 -0.744  0.50 17.65 ? 33  DT  B C7    1 
ATOM   177 C  C6    A DT  B 1 3 ? -17.748 -12.790 -0.328  0.50 14.83 ? 33  DT  B C6    1 
ATOM   178 P  P     A DA  B 1 4 ? -23.649 -9.606  -0.924  0.50 20.84 ? 34  DA  B P     1 
ATOM   179 O  OP1   A DA  B 1 4 ? -24.628 -9.822  0.179   0.50 22.22 ? 34  DA  B OP1   1 
ATOM   180 O  OP2   A DA  B 1 4 ? -24.134 -9.400  -2.318  0.50 20.55 ? 34  DA  B OP2   1 
ATOM   181 O  "O5'" A DA  B 1 4 ? -22.800 -8.299  -0.537  0.50 19.18 ? 34  DA  B "O5'" 1 
ATOM   182 C  "C5'" A DA  B 1 4 ? -22.507 -8.067  0.843   0.50 19.15 ? 34  DA  B "C5'" 1 
ATOM   183 C  "C4'" A DA  B 1 4 ? -22.006 -6.660  1.029   0.50 19.69 ? 34  DA  B "C4'" 1 
ATOM   184 O  "O4'" A DA  B 1 4 ? -20.734 -6.487  0.371   0.50 19.00 ? 34  DA  B "O4'" 1 
ATOM   185 C  "C3'" A DA  B 1 4 ? -22.905 -5.565  0.445   0.50 20.62 ? 34  DA  B "C3'" 1 
ATOM   186 O  "O3'" A DA  B 1 4 ? -22.725 -4.423  1.295   0.50 21.71 ? 34  DA  B "O3'" 1 
ATOM   187 C  "C2'" A DA  B 1 4 ? -22.298 -5.321  -0.928  0.50 20.32 ? 34  DA  B "C2'" 1 
ATOM   188 C  "C1'" A DA  B 1 4 ? -20.835 -5.516  -0.687  0.50 17.90 ? 34  DA  B "C1'" 1 
ATOM   189 N  N9    A DA  B 1 4 ? -19.908 -6.106  -1.647  0.50 16.07 ? 34  DA  B N9    1 
ATOM   190 C  C8    A DA  B 1 4 ? -19.998 -7.338  -2.246  0.50 16.19 ? 34  DA  B C8    1 
ATOM   191 N  N7    A DA  B 1 4 ? -19.013 -7.602  -3.069  0.50 17.05 ? 34  DA  B N7    1 
ATOM   192 C  C5    A DA  B 1 4 ? -18.213 -6.459  -2.999  0.50 15.31 ? 34  DA  B C5    1 
ATOM   193 C  C6    A DA  B 1 4 ? -17.015 -6.126  -3.646  0.50 16.10 ? 34  DA  B C6    1 
ATOM   194 N  N6    A DA  B 1 4 ? -16.399 -6.947  -4.512  0.50 15.71 ? 34  DA  B N6    1 
ATOM   195 N  N1    A DA  B 1 4 ? -16.488 -4.919  -3.359  0.50 17.12 ? 34  DA  B N1    1 
ATOM   196 C  C2    A DA  B 1 4 ? -17.118 -4.120  -2.493  0.50 14.87 ? 34  DA  B C2    1 
ATOM   197 N  N3    A DA  B 1 4 ? -18.259 -4.326  -1.820  0.50 16.22 ? 34  DA  B N3    1 
ATOM   198 C  C4    A DA  B 1 4 ? -18.756 -5.537  -2.131  0.50 14.84 ? 34  DA  B C4    1 
ATOM   199 P  P     A DC  B 1 5 ? -23.703 -3.158  1.145   0.50 21.10 ? 35  DC  B P     1 
ATOM   200 O  OP1   A DC  B 1 5 ? -23.887 -2.498  2.462   0.50 20.32 ? 35  DC  B OP1   1 
ATOM   201 O  OP2   A DC  B 1 5 ? -24.882 -3.486  0.299   0.50 23.12 ? 35  DC  B OP2   1 
ATOM   202 O  "O5'" A DC  B 1 5 ? -22.789 -2.176  0.239   0.50 21.20 ? 35  DC  B "O5'" 1 
ATOM   203 C  "C5'" A DC  B 1 5 ? -21.598 -1.649  0.827   0.50 22.73 ? 35  DC  B "C5'" 1 
ATOM   204 C  "C4'" A DC  B 1 5 ? -20.964 -0.628  -0.079  0.50 22.09 ? 35  DC  B "C4'" 1 
ATOM   205 O  "O4'" A DC  B 1 5 ? -20.217 -1.248  -1.147  0.50 22.78 ? 35  DC  B "O4'" 1 
ATOM   206 C  "C3'" A DC  B 1 5 ? -21.954 0.317   -0.778  0.50 23.81 ? 35  DC  B "C3'" 1 
ATOM   207 O  "O3'" A DC  B 1 5 ? -21.363 1.620   -0.774  0.50 24.69 ? 35  DC  B "O3'" 1 
ATOM   208 C  "C2'" A DC  B 1 5 ? -22.018 -0.244  -2.186  0.50 18.86 ? 35  DC  B "C2'" 1 
ATOM   209 C  "C1'" A DC  B 1 5 ? -20.570 -0.642  -2.405  0.50 21.90 ? 35  DC  B "C1'" 1 
ATOM   210 N  N1    A DC  B 1 5 ? -20.292 -1.704  -3.386  0.50 21.99 ? 35  DC  B N1    1 
ATOM   211 C  C2    A DC  B 1 5 ? -19.073 -1.690  -4.074  0.50 23.16 ? 35  DC  B C2    1 
ATOM   212 O  O2    A DC  B 1 5 ? -18.261 -0.779  -3.839  0.50 24.04 ? 35  DC  B O2    1 
ATOM   213 N  N3    A DC  B 1 5 ? -18.799 -2.667  -4.977  0.50 22.07 ? 35  DC  B N3    1 
ATOM   214 C  C4    A DC  B 1 5 ? -19.693 -3.626  -5.204  0.50 20.77 ? 35  DC  B C4    1 
ATOM   215 N  N4    A DC  B 1 5 ? -19.392 -4.567  -6.101  0.50 25.10 ? 35  DC  B N4    1 
ATOM   216 C  C5    A DC  B 1 5 ? -20.941 -3.666  -4.517  0.50 22.30 ? 35  DC  B C5    1 
ATOM   217 C  C6    A DC  B 1 5 ? -21.202 -2.698  -3.624  0.50 23.11 ? 35  DC  B C6    1 
ATOM   218 P  P     A DG  B 1 6 ? -22.265 2.929   -0.577  0.50 25.17 ? 36  DG  B P     1 
ATOM   219 O  OP1   A DG  B 1 6 ? -22.355 3.304   0.865   0.50 27.97 ? 36  DG  B OP1   1 
ATOM   220 O  OP2   A DG  B 1 6 ? -23.497 2.802   -1.389  0.50 25.08 ? 36  DG  B OP2   1 
ATOM   221 O  "O5'" A DG  B 1 6 ? -21.322 4.032   -1.268  0.50 24.16 ? 36  DG  B "O5'" 1 
ATOM   222 C  "C5'" A DG  B 1 6 ? -20.020 4.304   -0.744  0.50 23.54 ? 36  DG  B "C5'" 1 
ATOM   223 C  "C4'" A DG  B 1 6 ? -19.139 4.977   -1.770  0.50 24.02 ? 36  DG  B "C4'" 1 
ATOM   224 O  "O4'" A DG  B 1 6 ? -18.793 4.064   -2.843  0.50 23.11 ? 36  DG  B "O4'" 1 
ATOM   225 C  "C3'" A DG  B 1 6 ? -19.770 6.191   -2.457  0.50 21.78 ? 36  DG  B "C3'" 1 
ATOM   226 O  "O3'" A DG  B 1 6 ? -18.776 7.182   -2.717  0.50 22.38 ? 36  DG  B "O3'" 1 
ATOM   227 C  "C2'" A DG  B 1 6 ? -20.362 5.587   -3.711  0.50 20.96 ? 36  DG  B "C2'" 1 
ATOM   228 C  "C1'" A DG  B 1 6 ? -19.430 4.457   -4.064  0.50 22.21 ? 36  DG  B "C1'" 1 
ATOM   229 N  N9    A DG  B 1 6 ? -20.045 3.247   -4.605  0.50 19.21 ? 36  DG  B N9    1 
ATOM   230 C  C8    A DG  B 1 6 ? -21.266 2.714   -4.264  0.50 20.21 ? 36  DG  B C8    1 
ATOM   231 N  N7    A DG  B 1 6 ? -21.542 1.618   -4.923  0.50 20.74 ? 36  DG  B N7    1 
ATOM   232 C  C5    A DG  B 1 6 ? -20.439 1.416   -5.746  0.50 19.18 ? 36  DG  B C5    1 
ATOM   233 C  C6    A DG  B 1 6 ? -20.157 0.394   -6.687  0.50 19.18 ? 36  DG  B C6    1 
ATOM   234 O  O6    A DG  B 1 6 ? -20.835 -0.590  -7.018  0.50 23.04 ? 36  DG  B O6    1 
ATOM   235 N  N1    A DG  B 1 6 ? -18.921 0.581   -7.296  0.50 17.77 ? 36  DG  B N1    1 
ATOM   236 C  C2    A DG  B 1 6 ? -18.061 1.618   -7.036  0.50 16.99 ? 36  DG  B C2    1 
ATOM   237 N  N2    A DG  B 1 6 ? -16.923 1.601   -7.740  0.50 16.57 ? 36  DG  B N2    1 
ATOM   238 N  N3    A DG  B 1 6 ? -18.316 2.572   -6.162  0.50 17.69 ? 36  DG  B N3    1 
ATOM   239 C  C4    A DG  B 1 6 ? -19.509 2.414   -5.557  0.50 16.75 ? 36  DG  B C4    1 
HETATM 240 FE FE    . FE2 C 2 . ? 20.962  7.071   -8.169  0.50 16.15 ? 4   FE2 A FE    1 
HETATM 241 FE FE    . FE2 D 2 . ? 10.959  2.064   -10.613 0.50 16.76 ? 5   FE2 A FE    1 
HETATM 242 FE FE    . FE2 E 2 . ? 15.752  8.062   10.329  0.33 20.46 ? 6   FE2 A FE    1 
HETATM 243 FE FE    . FE2 F 2 . ? 7.193   11.643  3.496   0.33 15.56 ? 7   FE2 A FE    1 
HETATM 244 N  N11   . NPM G 3 . ? 22.382  6.202   -7.072  0.50 18.31 ? 1   NPM A N11   1 
HETATM 245 N  N12   . NPM G 3 . ? 20.844  5.237   -8.850  0.50 17.99 ? 1   NPM A N12   1 
HETATM 246 N  N13   . NPM G 3 . ? 11.876  3.126   -12.021 0.50 15.55 ? 1   NPM A N13   1 
HETATM 247 N  N14   . NPM G 3 . ? 9.417   3.044   -11.372 0.50 17.80 ? 1   NPM A N14   1 
HETATM 248 C  C1A   . NPM G 3 . ? 23.176  6.734   -6.151  0.50 19.99 ? 1   NPM A C1A   1 
HETATM 249 C  C1B   . NPM G 3 . ? 24.134  6.010   -5.445  0.50 18.76 ? 1   NPM A C1B   1 
HETATM 250 C  C1C   . NPM G 3 . ? 24.314  4.700   -5.685  0.50 17.15 ? 1   NPM A C1C   1 
HETATM 251 C  C1D   . NPM G 3 . ? 23.514  4.128   -6.655  0.50 19.54 ? 1   NPM A C1D   1 
HETATM 252 C  C1E   . NPM G 3 . ? 22.563  4.891   -7.297  0.50 19.33 ? 1   NPM A C1E   1 
HETATM 253 C  C1F   . NPM G 3 . ? 21.659  4.391   -8.319  0.50 20.47 ? 1   NPM A C1F   1 
HETATM 254 C  C1G   . NPM G 3 . ? 19.976  4.711   -9.876  0.50 15.78 ? 1   NPM A C1G   1 
HETATM 255 C  C1H   . NPM G 3 . ? 20.268  5.056   -11.183 0.50 14.85 ? 1   NPM A C1H   1 
HETATM 256 C  C1I   . NPM G 3 . ? 19.413  4.591   -12.190 0.50 17.77 ? 1   NPM A C1I   1 
HETATM 257 C  C1J   . NPM G 3 . ? 18.382  3.731   -11.914 0.50 19.46 ? 1   NPM A C1J   1 
HETATM 258 C  C1K   . NPM G 3 . ? 18.115  3.402   -10.579 0.50 20.40 ? 1   NPM A C1K   1 
HETATM 259 C  C1L   . NPM G 3 . ? 18.866  3.984   -9.556  0.50 17.38 ? 1   NPM A C1L   1 
HETATM 260 C  C1M   . NPM G 3 . ? 17.504  3.186   -13.001 0.50 19.45 ? 1   NPM A C1M   1 
HETATM 261 C  C1N   . NPM G 3 . ? 16.021  3.203   -12.736 0.50 17.83 ? 1   NPM A C1N   1 
HETATM 262 C  C1O   . NPM G 3 . ? 15.263  2.092   -13.030 0.50 17.26 ? 1   NPM A C1O   1 
HETATM 263 C  C1P   . NPM G 3 . ? 13.906  2.073   -12.836 0.50 16.37 ? 1   NPM A C1P   1 
HETATM 264 C  C1Q   . NPM G 3 . ? 13.302  3.174   -12.316 0.50 14.50 ? 1   NPM A C1Q   1 
HETATM 265 C  C1R   . NPM G 3 . ? 14.031  4.252   -11.986 0.50 14.22 ? 1   NPM A C1R   1 
HETATM 266 C  C1S   . NPM G 3 . ? 15.384  4.267   -12.188 0.50 13.64 ? 1   NPM A C1S   1 
HETATM 267 C  C1T   . NPM G 3 . ? 11.136  3.903   -12.715 0.50 16.73 ? 1   NPM A C1T   1 
HETATM 268 C  C1U   . NPM G 3 . ? 9.728   3.885   -12.414 0.50 20.05 ? 1   NPM A C1U   1 
HETATM 269 C  C1V   . NPM G 3 . ? 8.776   4.644   -13.094 0.50 22.81 ? 1   NPM A C1V   1 
HETATM 270 C  C1W   . NPM G 3 . ? 7.459   4.529   -12.699 0.50 23.96 ? 1   NPM A C1W   1 
HETATM 271 C  C1X   . NPM G 3 . ? 7.168   3.668   -11.657 0.50 22.42 ? 1   NPM A C1X   1 
HETATM 272 C  C1Y   . NPM G 3 . ? 8.141   2.945   -11.021 0.50 19.31 ? 1   NPM A C1Y   1 
HETATM 273 N  N11   . NPM H 3 . ? 22.259  7.506   -9.610  0.50 18.61 ? 2   NPM A N11   1 
HETATM 274 N  N12   . NPM H 3 . ? 19.706  7.792   -9.549  0.50 14.55 ? 2   NPM A N12   1 
HETATM 275 N  N13   . NPM H 3 . ? 11.053  3.429   -9.195  0.50 13.12 ? 2   NPM A N13   1 
HETATM 276 N  N14   . NPM H 3 . ? 9.887   1.128   -9.199  0.50 16.38 ? 2   NPM A N14   1 
HETATM 277 C  C1A   . NPM H 3 . ? 23.584  7.331   -9.572  0.50 18.54 ? 2   NPM A C1A   1 
HETATM 278 C  C1B   . NPM H 3 . ? 24.384  7.674   -10.652 0.50 17.74 ? 2   NPM A C1B   1 
HETATM 279 C  C1C   . NPM H 3 . ? 23.826  8.215   -11.801 0.50 18.51 ? 2   NPM A C1C   1 
HETATM 280 C  C1D   . NPM H 3 . ? 22.431  8.395   -11.837 0.50 18.19 ? 2   NPM A C1D   1 
HETATM 281 C  C1E   . NPM H 3 . ? 21.687  8.042   -10.739 0.50 18.10 ? 2   NPM A C1E   1 
HETATM 282 C  C1F   . NPM H 3 . ? 20.258  8.168   -10.650 0.50 15.96 ? 2   NPM A C1F   1 
HETATM 283 C  C1G   . NPM H 3 . ? 18.286  7.926   -9.446  0.50 13.86 ? 2   NPM A C1G   1 
HETATM 284 C  C1H   . NPM H 3 . ? 17.763  8.886   -8.602  0.50 13.90 ? 2   NPM A C1H   1 
HETATM 285 C  C1I   . NPM H 3 . ? 16.369  8.995   -8.476  0.50 11.98 ? 2   NPM A C1I   1 
HETATM 286 C  C1J   . NPM H 3 . ? 15.530  8.199   -9.219  0.50 12.33 ? 2   NPM A C1J   1 
HETATM 287 C  C1K   . NPM H 3 . ? 16.096  7.219   -10.030 0.50 13.53 ? 2   NPM A C1K   1 
HETATM 288 C  C1L   . NPM H 3 . ? 17.458  7.147   -10.217 0.50 12.13 ? 2   NPM A C1L   1 
HETATM 289 C  C1M   . NPM H 3 . ? 14.027  8.342   -9.154  0.50 13.99 ? 2   NPM A C1M   1 
HETATM 290 C  C1N   . NPM H 3 . ? 13.226  7.054   -9.177  0.50 14.89 ? 2   NPM A C1N   1 
HETATM 291 C  C1O   . NPM H 3 . ? 13.556  6.016   -8.302  0.50 15.36 ? 2   NPM A C1O   1 
HETATM 292 C  C1P   . NPM H 3 . ? 12.851  4.844   -8.316  0.50 13.53 ? 2   NPM A C1P   1 
HETATM 293 C  C1Q   . NPM H 3 . ? 11.783  4.668   -9.194  0.50 12.52 ? 2   NPM A C1Q   1 
HETATM 294 C  C1R   . NPM H 3 . ? 11.417  5.711   -10.037 0.50 14.89 ? 2   NPM A C1R   1 
HETATM 295 C  C1S   . NPM H 3 . ? 12.177  6.880   -10.050 0.50 12.89 ? 2   NPM A C1S   1 
HETATM 296 C  C1T   . NPM H 3 . ? 10.377  3.116   -8.124  0.50 14.59 ? 2   NPM A C1T   1 
HETATM 297 C  C1U   . NPM H 3 . ? 9.666   1.869   -8.078  0.50 16.31 ? 2   NPM A C1U   1 
HETATM 298 C  C1V   . NPM H 3 . ? 8.830   1.435   -7.042  0.50 18.98 ? 2   NPM A C1V   1 
HETATM 299 C  C1W   . NPM H 3 . ? 8.196   0.210   -7.156  0.50 18.76 ? 2   NPM A C1W   1 
HETATM 300 C  C1X   . NPM H 3 . ? 8.527   -0.567  -8.186  0.50 16.33 ? 2   NPM A C1X   1 
HETATM 301 C  C1Y   . NPM H 3 . ? 9.216   -0.043  -9.293  0.50 17.43 ? 2   NPM A C1Y   1 
HETATM 302 N  N11   . NPM I 3 . ? 21.184  8.801   -7.323  0.50 24.10 ? 3   NPM A N11   1 
HETATM 303 N  N12   . NPM I 3 . ? 19.650  6.820   -6.706  0.50 18.51 ? 3   NPM A N12   1 
HETATM 304 N  N13   . NPM I 3 . ? 12.530  1.023   -10.028 0.50 12.34 ? 3   NPM A N13   1 
HETATM 305 N  N14   . NPM I 3 . ? 10.786  0.555   -11.858 0.50 17.15 ? 3   NPM A N14   1 
HETATM 306 C  C1A   . NPM I 3 . ? 21.998  9.815   -7.678  0.50 24.37 ? 3   NPM A C1A   1 
HETATM 307 C  C1B   . NPM I 3 . ? 22.033  10.977  -6.967  0.50 23.38 ? 3   NPM A C1B   1 
HETATM 308 C  C1C   . NPM I 3 . ? 21.226  11.145  -5.870  0.50 24.29 ? 3   NPM A C1C   1 
HETATM 309 C  C1D   . NPM I 3 . ? 20.378  10.105  -5.484  0.50 20.82 ? 3   NPM A C1D   1 
HETATM 310 C  C1E   . NPM I 3 . ? 20.381  8.961   -6.227  0.50 22.02 ? 3   NPM A C1E   1 
HETATM 311 C  C1F   . NPM I 3 . ? 19.547  7.815   -5.932  0.50 19.55 ? 3   NPM A C1F   1 
HETATM 312 C  C1G   . NPM I 3 . ? 18.828  5.670   -6.473  0.50 17.07 ? 3   NPM A C1G   1 
HETATM 313 C  C1H   . NPM I 3 . ? 19.296  4.498   -5.903  0.50 18.87 ? 3   NPM A C1H   1 
HETATM 314 C  C1I   . NPM I 3 . ? 18.448  3.420   -5.733  0.50 14.98 ? 3   NPM A C1I   1 
HETATM 315 C  C1J   . NPM I 3 . ? 17.121  3.476   -6.119  0.50 13.23 ? 3   NPM A C1J   1 
HETATM 316 C  C1K   . NPM I 3 . ? 16.657  4.654   -6.662  0.50 14.12 ? 3   NPM A C1K   1 
HETATM 317 C  C1L   . NPM I 3 . ? 17.498  5.747   -6.892  0.50 11.96 ? 3   NPM A C1L   1 
HETATM 318 C  C1M   . NPM I 3 . ? 16.183  2.329   -5.783  0.50 11.67 ? 3   NPM A C1M   1 
HETATM 319 C  C1N   . NPM I 3 . ? 15.189  1.967   -6.896  0.50 12.42 ? 3   NPM A C1N   1 
HETATM 320 C  C1O   . NPM I 3 . ? 15.622  2.005   -8.223  0.50 11.79 ? 3   NPM A C1O   1 
HETATM 321 C  C1P   . NPM I 3 . ? 14.723  1.696   -9.258  0.50 12.04 ? 3   NPM A C1P   1 
HETATM 322 C  C1Q   . NPM I 3 . ? 13.444  1.286   -8.954  0.50 13.71 ? 3   NPM A C1Q   1 
HETATM 323 C  C1R   . NPM I 3 . ? 13.027  1.274   -7.642  0.50 15.83 ? 3   NPM A C1R   1 
HETATM 324 C  C1S   . NPM I 3 . ? 13.897  1.614   -6.617  0.50 12.84 ? 3   NPM A C1S   1 
HETATM 325 C  C1T   . NPM I 3 . ? 12.638  -0.119  -10.585 0.50 13.90 ? 3   NPM A C1T   1 
HETATM 326 C  C1U   . NPM I 3 . ? 11.713  -0.440  -11.640 0.50 16.47 ? 3   NPM A C1U   1 
HETATM 327 C  C1V   . NPM I 3 . ? 11.693  -1.593  -12.362 0.50 17.76 ? 3   NPM A C1V   1 
HETATM 328 C  C1W   . NPM I 3 . ? 10.737  -1.747  -13.358 0.50 19.02 ? 3   NPM A C1W   1 
HETATM 329 C  C1X   . NPM I 3 . ? 9.858   -0.740  -13.585 0.50 18.75 ? 3   NPM A C1X   1 
HETATM 330 C  C1Y   . NPM I 3 . ? 9.891   0.410   -12.860 0.50 18.39 ? 3   NPM A C1Y   1 
HETATM 331 N  N11   . NPM J 3 . ? 15.575  7.945   12.304  1.00 28.42 ? 10  NPM A N11   1 
HETATM 332 N  N12   . NPM J 3 . ? 13.951  7.301   10.448  1.00 23.78 ? 10  NPM A N12   1 
HETATM 333 N  N13   . NPM J 3 . ? 8.475   10.224  2.954   1.00 14.30 ? 10  NPM A N13   1 
HETATM 334 N  N14   . NPM J 3 . ? 7.551   12.241  1.642   1.00 15.78 ? 10  NPM A N14   1 
HETATM 335 C  C1A   . NPM J 3 . ? 16.466  8.296   13.226  1.00 28.62 ? 10  NPM A C1A   1 
HETATM 336 C  C1B   . NPM J 3 . ? 16.210  8.163   14.590  1.00 30.21 ? 10  NPM A C1B   1 
HETATM 337 C  C1C   . NPM J 3 . ? 15.043  7.663   15.016  1.00 31.98 ? 10  NPM A C1C   1 
HETATM 338 C  C1D   . NPM J 3 . ? 14.106  7.278   14.073  1.00 29.58 ? 10  NPM A C1D   1 
HETATM 339 C  C1E   . NPM J 3 . ? 14.405  7.450   12.740  1.00 27.80 ? 10  NPM A C1E   1 
HETATM 340 C  C1F   . NPM J 3 . ? 13.512  7.095   11.639  1.00 25.67 ? 10  NPM A C1F   1 
HETATM 341 C  C1G   . NPM J 3 . ? 13.087  6.953   9.337   1.00 20.67 ? 10  NPM A C1G   1 
HETATM 342 C  C1H   . NPM J 3 . ? 13.447  5.874   8.541   1.00 19.03 ? 10  NPM A C1H   1 
HETATM 343 C  C1I   . NPM J 3 . ? 12.597  5.590   7.467   1.00 16.82 ? 10  NPM A C1I   1 
HETATM 344 C  C1J   . NPM J 3 . ? 11.459  6.287   7.176   1.00 16.47 ? 10  NPM A C1J   1 
HETATM 345 C  C1K   . NPM J 3 . ? 11.114  7.350   8.030   1.00 16.03 ? 10  NPM A C1K   1 
HETATM 346 C  C1L   . NPM J 3 . ? 11.944  7.655   9.093   1.00 15.92 ? 10  NPM A C1L   1 
HETATM 347 C  C1M   . NPM J 3 . ? 10.554  5.904   6.049   1.00 12.86 ? 10  NPM A C1M   1 
HETATM 348 C  C1N   . NPM J 3 . ? 9.995   7.042   5.230   1.00 13.12 ? 10  NPM A C1N   1 
HETATM 349 C  C1O   . NPM J 3 . ? 8.698   7.062   4.826   1.00 15.77 ? 10  NPM A C1O   1 
HETATM 350 C  C1P   . NPM J 3 . ? 8.132   8.099   4.120   1.00 17.08 ? 10  NPM A C1P   1 
HETATM 351 C  C1Q   . NPM J 3 . ? 8.965   9.112   3.745   1.00 15.94 ? 10  NPM A C1Q   1 
HETATM 352 C  C1R   . NPM J 3 . ? 10.258  9.126   4.150   1.00 15.86 ? 10  NPM A C1R   1 
HETATM 353 C  C1S   . NPM J 3 . ? 10.806  8.074   4.840   1.00 16.41 ? 10  NPM A C1S   1 
HETATM 354 C  C1T   . NPM J 3 . ? 8.921   10.326  1.751   1.00 14.47 ? 10  NPM A C1T   1 
HETATM 355 C  C1U   . NPM J 3 . ? 8.440   11.433  0.970   1.00 14.02 ? 10  NPM A C1U   1 
HETATM 356 C  C1V   . NPM J 3 . ? 8.830   11.663  -0.357  1.00 16.56 ? 10  NPM A C1V   1 
HETATM 357 C  C1W   . NPM J 3 . ? 8.336   12.790  -0.994  1.00 20.32 ? 10  NPM A C1W   1 
HETATM 358 C  C1X   . NPM J 3 . ? 7.427   13.585  -0.304  1.00 19.26 ? 10  NPM A C1X   1 
HETATM 359 C  C1Y   . NPM J 3 . ? 7.057   13.281  0.990   1.00 17.69 ? 10  NPM A C1Y   1 
HETATM 360 FE FE    . FE2 K 2 . ? -9.970  -10.715 -2.252  0.17 21.05 ? 8   FE2 B FE    1 
HETATM 361 FE FE    . FE2 L 2 . ? -16.655 -3.679  3.718   0.17 12.56 ? 9   FE2 B FE    1 
HETATM 362 N  N11   . NPM M 3 . ? -9.045  -12.226 -1.355  0.50 28.55 ? 30  NPM B N11   1 
HETATM 363 N  N12   . NPM M 3 . ? -11.425 -11.345 -1.094  0.50 22.43 ? 30  NPM B N12   1 
HETATM 364 N  N13   . NPM M 3 . ? -17.005 -4.046  1.796   0.50 13.08 ? 30  NPM B N13   1 
HETATM 365 N  N14   . NPM M 3 . ? -17.085 -1.842  3.117   0.50 16.03 ? 30  NPM B N14   1 
HETATM 366 C  C1A   . NPM M 3 . ? -7.793  -12.638 -1.528  0.50 29.58 ? 30  NPM B C1A   1 
HETATM 367 C  C1B   . NPM M 3 . ? -7.257  -13.724 -0.831  0.50 30.63 ? 30  NPM B C1B   1 
HETATM 368 C  C1C   . NPM M 3 . ? -8.012  -14.386 0.055   0.50 31.24 ? 30  NPM B C1C   1 
HETATM 369 C  C1D   . NPM M 3 . ? -9.311  -13.970 0.251   0.50 30.39 ? 30  NPM B C1D   1 
HETATM 370 C  C1E   . NPM M 3 . ? -9.791  -12.900 -0.467  0.50 27.75 ? 30  NPM B C1E   1 
HETATM 371 C  C1F   . NPM M 3 . ? -11.134 -12.350 -0.353  0.50 25.07 ? 30  NPM B C1F   1 
HETATM 372 C  C1G   . NPM M 3 . ? -12.760 -10.786 -0.997  0.50 19.86 ? 30  NPM B C1G   1 
HETATM 373 C  C1H   . NPM M 3 . ? -13.542 -10.780 -2.128  0.50 18.61 ? 30  NPM B C1H   1 
HETATM 374 C  C1I   . NPM M 3 . ? -14.842 -10.276 -2.052  0.50 16.94 ? 30  NPM B C1I   1 
HETATM 375 C  C1J   . NPM M 3 . ? -15.348 -9.736  -0.900  0.50 17.38 ? 30  NPM B C1J   1 
HETATM 376 C  C1K   . NPM M 3 . ? -14.549 -9.753  0.261   0.50 11.99 ? 30  NPM B C1K   1 
HETATM 377 C  C1L   . NPM M 3 . ? -13.264 -10.297 0.184   0.50 16.45 ? 30  NPM B C1L   1 
HETATM 378 C  C1M   . NPM M 3 . ? -16.713 -9.087  -0.916  0.50 14.92 ? 30  NPM B C1M   1 
HETATM 379 C  C1N   . NPM M 3 . ? -16.776 -7.749  -0.205  0.50 15.00 ? 30  NPM B C1N   1 
HETATM 380 C  C1O   . NPM M 3 . ? -17.786 -7.464  0.664   0.50 17.56 ? 30  NPM B C1O   1 
HETATM 381 C  C1P   . NPM M 3 . ? -17.859 -6.271  1.354   0.50 18.04 ? 30  NPM B C1P   1 
HETATM 382 C  C1Q   . NPM M 3 . ? -16.913 -5.322  1.110   0.50 16.05 ? 30  NPM B C1Q   1 
HETATM 383 C  C1R   . NPM M 3 . ? -15.914 -5.583  0.246   0.50 15.27 ? 30  NPM B C1R   1 
HETATM 384 C  C1S   . NPM M 3 . ? -15.818 -6.796  -0.383  0.50 15.60 ? 30  NPM B C1S   1 
HETATM 385 C  C1T   . NPM M 3 . ? -17.254 -3.013  1.089   0.50 14.12 ? 30  NPM B C1T   1 
HETATM 386 C  C1U   . NPM M 3 . ? -17.318 -1.742  1.770   0.50 14.58 ? 30  NPM B C1U   1 
HETATM 387 C  C1V   . NPM M 3 . ? -17.574 -0.526  1.136   0.50 17.26 ? 30  NPM B C1V   1 
HETATM 388 C  C1W   . NPM M 3 . ? -17.634 0.612   1.912   0.50 19.19 ? 30  NPM B C1W   1 
HETATM 389 C  C1X   . NPM M 3 . ? -17.406 0.491   3.274   0.50 19.11 ? 30  NPM B C1X   1 
HETATM 390 C  C1Y   . NPM M 3 . ? -17.077 -0.719  3.828   0.50 16.43 ? 30  NPM B C1Y   1 
HETATM 391 O  O     . HOH N 4 . ? 3.516   2.130   5.894   1.00 27.10 ? 101 HOH A O     1 
HETATM 392 O  O     . HOH N 4 . ? 10.733  5.992   13.429  1.00 31.82 ? 102 HOH A O     1 
HETATM 393 O  O     . HOH N 4 . ? 4.685   0.124   7.856   1.00 26.94 ? 103 HOH A O     1 
HETATM 394 O  O     . HOH N 4 . ? 11.354  12.025  -3.071  1.00 24.10 ? 104 HOH A O     1 
HETATM 395 O  O     . HOH N 4 . ? 11.265  1.822   4.015   1.00 32.73 ? 105 HOH A O     1 
HETATM 396 O  O     . HOH N 4 . ? 4.732   6.545   5.838   1.00 20.54 ? 106 HOH A O     1 
HETATM 397 O  O     . HOH N 4 . ? 2.234   4.872   1.929   1.00 23.91 ? 107 HOH A O     1 
HETATM 398 O  O     . HOH N 4 . ? 4.811   1.581   -1.500  1.00 47.40 ? 108 HOH A O     1 
HETATM 399 O  O     . HOH N 4 . ? 1.452   7.006   0.321   1.00 26.03 ? 109 HOH A O     1 
HETATM 400 O  O     . HOH N 4 . ? 5.976   13.190  -3.510  1.00 25.58 ? 112 HOH A O     1 
HETATM 401 O  O     . HOH N 4 . ? 7.303   6.449   14.522  1.00 39.36 ? 113 HOH A O     1 
HETATM 402 O  O     . HOH N 4 . ? 16.493  11.683  13.903  1.00 40.64 ? 114 HOH A O     1 
HETATM 403 O  O     . HOH N 4 . ? 7.766   7.391   -8.109  1.00 47.77 ? 116 HOH A O     1 
HETATM 404 O  O     . HOH N 4 . ? 6.203   5.048   -4.717  1.00 47.36 ? 117 HOH A O     1 
HETATM 405 O  O     . HOH N 4 . ? 5.151   -2.119  6.824   1.00 34.86 ? 118 HOH A O     1 
HETATM 406 O  O     . HOH N 4 . ? 3.563   -1.331  3.386   1.00 39.13 ? 119 HOH A O     1 
HETATM 407 O  O     . HOH N 4 . ? 14.548  2.497   9.208   1.00 42.72 ? 121 HOH A O     1 
HETATM 408 O  O     . HOH N 4 . ? 3.675   -2.218  20.794  1.00 29.06 ? 122 HOH A O     1 
HETATM 409 O  O     . HOH N 4 . ? 2.621   9.957   -3.090  1.00 50.62 ? 123 HOH A O     1 
HETATM 410 O  O     . HOH N 4 . ? 0.316   10.805  -1.317  1.00 44.93 ? 124 HOH A O     1 
HETATM 411 O  O     . HOH N 4 . ? 14.515  3.212   4.714   1.00 39.80 ? 126 HOH A O     1 
HETATM 412 O  O     . HOH N 4 . ? 4.862   11.662  -1.428  1.00 26.66 ? 128 HOH A O     1 
HETATM 413 O  O     . HOH N 4 . ? 8.571   4.407   -5.640  1.00 24.95 ? 129 HOH A O     1 
HETATM 414 O  O     . HOH N 4 . ? 1.874   -1.198  7.494   1.00 33.25 ? 130 HOH A O     1 
HETATM 415 O  O     . HOH N 4 . ? 12.326  1.097   8.396   1.00 44.68 ? 131 HOH A O     1 
HETATM 416 O  O     . HOH N 4 . ? 8.656   3.067   14.661  1.00 54.47 ? 135 HOH A O     1 
HETATM 417 O  O     . HOH N 4 . ? 20.497  13.404  12.929  1.00 52.40 ? 136 HOH A O     1 
HETATM 418 O  O     . HOH N 4 . ? 8.286   -5.071  10.401  1.00 46.72 ? 139 HOH A O     1 
HETATM 419 O  O     . HOH N 4 . ? 18.751  10.958  14.546  1.00 41.08 ? 140 HOH A O     1 
HETATM 420 O  O     . HOH N 4 . ? 9.284   0.676   1.375   1.00 60.12 ? 141 HOH A O     1 
HETATM 421 O  O     . HOH N 4 . ? 10.450  0.547   13.459  1.00 47.09 ? 142 HOH A O     1 
HETATM 422 O  O     . HOH N 4 . ? 0.995   1.631   6.550   1.00 51.49 ? 143 HOH A O     1 
HETATM 423 O  O     . HOH N 4 . ? 23.136  9.118   -4.896  1.00 39.47 ? 145 HOH A O     1 
HETATM 424 O  O     . HOH N 4 . ? 6.921   -4.679  14.434  1.00 53.82 ? 146 HOH A O     1 
HETATM 425 O  O     . HOH O 4 . ? -24.025 -0.367  -5.611  1.00 37.04 ? 110 HOH B O     1 
HETATM 426 O  O     . HOH O 4 . ? -15.119 -18.111 3.708   1.00 61.50 ? 111 HOH B O     1 
HETATM 427 O  O     . HOH O 4 . ? -17.068 -15.015 10.244  1.00 30.89 ? 115 HOH B O     1 
HETATM 428 O  O     . HOH O 4 . ? -26.763 -7.996  2.070   1.00 45.34 ? 120 HOH B O     1 
HETATM 429 O  O     . HOH O 4 . ? -14.807 -17.970 -0.264  1.00 49.30 ? 125 HOH B O     1 
HETATM 430 O  O     . HOH O 4 . ? -26.416 -7.428  -0.376  1.00 58.31 ? 127 HOH B O     1 
HETATM 431 O  O     . HOH O 4 . ? -26.974 -11.848 0.012   1.00 53.01 ? 132 HOH B O     1 
HETATM 432 O  O     . HOH O 4 . ? -16.947 -13.795 -3.716  1.00 56.45 ? 133 HOH B O     1 
HETATM 433 O  O     . HOH O 4 . ? -20.772 -14.097 -8.143  1.00 47.39 ? 134 HOH B O     1 
HETATM 434 O  O     . HOH O 4 . ? -16.506 -8.373  -6.924  1.00 49.56 ? 137 HOH B O     1 
HETATM 435 O  O     . HOH O 4 . ? -29.057 -10.360 -0.777  1.00 58.18 ? 138 HOH B O     1 
# 
